data_7ETT
# 
_entry.id   7ETT 
# 
_audit_conform.dict_name       mmcif_pdbx.dic 
_audit_conform.dict_version    5.380 
_audit_conform.dict_location   http://mmcif.pdb.org/dictionaries/ascii/mmcif_pdbx.dic 
# 
loop_
_database_2.database_id 
_database_2.database_code 
_database_2.pdbx_database_accession 
_database_2.pdbx_DOI 
PDB   7ETT         pdb_00007ett 10.2210/pdb7ett/pdb 
WWPDB D_1300022217 ?            ?                   
# 
_pdbx_database_status.status_code                     REL 
_pdbx_database_status.status_code_sf                  REL 
_pdbx_database_status.status_code_mr                  ? 
_pdbx_database_status.entry_id                        7ETT 
_pdbx_database_status.recvd_initial_deposition_date   2021-05-14 
_pdbx_database_status.SG_entry                        N 
_pdbx_database_status.deposit_site                    PDBJ 
_pdbx_database_status.process_site                    PDBJ 
_pdbx_database_status.status_code_cs                  ? 
_pdbx_database_status.status_code_nmr_data            ? 
_pdbx_database_status.methods_development_category    ? 
_pdbx_database_status.pdb_format_compatible           Y 
# 
loop_
_audit_author.name 
_audit_author.pdbx_ordinal 
_audit_author.identifier_ORCID 
'Han, J.T.' 1 ? 
'Zhu, Y.C.' 2 ? 
'Pan, D.B.' 3 ? 
'Xue, H.X.' 4 ? 
'Wang, S.'  5 ? 
'Liu, H.X.' 6 ? 
'He, Y.X.'  7 ? 
'Yao, X.J.' 8 ? 
# 
_citation.abstract                  ? 
_citation.abstract_id_CAS           ? 
_citation.book_id_ISBN              ? 
_citation.book_publisher            ? 
_citation.book_publisher_city       ? 
_citation.book_title                ? 
_citation.coordinate_linkage        ? 
_citation.country                   NE 
_citation.database_id_Medline       ? 
_citation.details                   ? 
_citation.id                        primary 
_citation.journal_abbrev            'Comput Struct Biotechnol J' 
_citation.journal_id_ASTM           ? 
_citation.journal_id_CSD            ? 
_citation.journal_id_ISSN           2001-0370 
_citation.journal_full              ? 
_citation.journal_issue             ? 
_citation.journal_volume            19 
_citation.language                  ? 
_citation.page_first                4079 
_citation.page_last                 4091 
_citation.title                     
'Discovery of pentapeptide-inhibitor hits targeting FKBP51 by combining computational modeling and X-ray crystallography.' 
_citation.year                      2021 
_citation.database_id_CSD           ? 
_citation.pdbx_database_id_DOI      10.1016/j.csbj.2021.07.015 
_citation.pdbx_database_id_PubMed   34401048 
_citation.pdbx_database_id_patent   ? 
_citation.unpublished_flag          ? 
# 
loop_
_citation_author.citation_id 
_citation_author.name 
_citation_author.ordinal 
_citation_author.identifier_ORCID 
primary 'Han, J.T.' 1 ? 
primary 'Zhu, Y.'   2 ? 
primary 'Pan, D.B.' 3 ? 
primary 'Xue, H.X.' 4 ? 
primary 'Wang, S.'  5 ? 
primary 'Peng, Y.'  6 ? 
primary 'Liu, H.'   7 ? 
primary 'He, Y.X.'  8 ? 
primary 'Yao, X.'   9 ? 
# 
_cell.angle_alpha                  90.000 
_cell.angle_alpha_esd              ? 
_cell.angle_beta                   90.000 
_cell.angle_beta_esd               ? 
_cell.angle_gamma                  90.000 
_cell.angle_gamma_esd              ? 
_cell.entry_id                     7ETT 
_cell.details                      ? 
_cell.formula_units_Z              ? 
_cell.length_a                     42.468 
_cell.length_a_esd                 ? 
_cell.length_b                     54.283 
_cell.length_b_esd                 ? 
_cell.length_c                     56.334 
_cell.length_c_esd                 ? 
_cell.volume                       ? 
_cell.volume_esd                   ? 
_cell.Z_PDB                        4 
_cell.reciprocal_angle_alpha       ? 
_cell.reciprocal_angle_beta        ? 
_cell.reciprocal_angle_gamma       ? 
_cell.reciprocal_angle_alpha_esd   ? 
_cell.reciprocal_angle_beta_esd    ? 
_cell.reciprocal_angle_gamma_esd   ? 
_cell.reciprocal_length_a          ? 
_cell.reciprocal_length_b          ? 
_cell.reciprocal_length_c          ? 
_cell.reciprocal_length_a_esd      ? 
_cell.reciprocal_length_b_esd      ? 
_cell.reciprocal_length_c_esd      ? 
_cell.pdbx_unique_axis             ? 
# 
_symmetry.entry_id                         7ETT 
_symmetry.cell_setting                     ? 
_symmetry.Int_Tables_number                19 
_symmetry.space_group_name_Hall            ? 
_symmetry.space_group_name_H-M             'P 21 21 21' 
_symmetry.pdbx_full_space_group_name_H-M   ? 
# 
loop_
_entity.id 
_entity.type 
_entity.src_method 
_entity.pdbx_description 
_entity.formula_weight 
_entity.pdbx_number_of_molecules 
_entity.pdbx_ec 
_entity.pdbx_mutation 
_entity.pdbx_fragment 
_entity.details 
1 polymer syn 'peptide-inhibitor hit'                     636.737   1  ?       ?    ? 
'peptide-inhibitor obtained via structure based drug design' 
2 polymer man 'Peptidyl-prolyl cis-trans isomerase FKBP5' 14026.077 1  5.2.1.8 A19T ? ? 
3 water   nat water                                       18.015    83 ?       ?    ? ? 
# 
_entity_name_com.entity_id   2 
_entity_name_com.name        
;PPIase FKBP5,51 kDa FK506-binding protein,51 kDa FKBP,FKBP-51,54 kDa progesterone receptor-associated immunophilin,Androgen-regulated protein 6,FF1 antigen,FK506-binding protein 5,FKBP-5,FKBP54,p54,HSP90-binding immunophilin,Rotamase
;
# 
loop_
_entity_poly.entity_id 
_entity_poly.type 
_entity_poly.nstd_linkage 
_entity_poly.nstd_monomer 
_entity_poly.pdbx_seq_one_letter_code 
_entity_poly.pdbx_seq_one_letter_code_can 
_entity_poly.pdbx_strand_id 
_entity_poly.pdbx_target_identifier 
1 'polypeptide(L)' no no QFPFV QFPFV B ? 
2 'polypeptide(L)' no no 
;GAPATVTEQGEDITSKKDRGVLKIVKRVGNGEETPMIGDKVYVHYKGKLSNGKKFDSSHDRNEPFVFSLGKGQVIKAWDI
GVATMKKGEICHLLCKPEYAYGSAGSLPKIPSNATLFFEIELLDFKGE
;
;GAPATVTEQGEDITSKKDRGVLKIVKRVGNGEETPMIGDKVYVHYKGKLSNGKKFDSSHDRNEPFVFSLGKGQVIKAWDI
GVATMKKGEICHLLCKPEYAYGSAGSLPKIPSNATLFFEIELLDFKGE
;
A ? 
# 
loop_
_entity_poly_seq.entity_id 
_entity_poly_seq.num 
_entity_poly_seq.mon_id 
_entity_poly_seq.hetero 
1 1   GLN n 
1 2   PHE n 
1 3   PRO n 
1 4   PHE n 
1 5   VAL n 
2 1   GLY n 
2 2   ALA n 
2 3   PRO n 
2 4   ALA n 
2 5   THR n 
2 6   VAL n 
2 7   THR n 
2 8   GLU n 
2 9   GLN n 
2 10  GLY n 
2 11  GLU n 
2 12  ASP n 
2 13  ILE n 
2 14  THR n 
2 15  SER n 
2 16  LYS n 
2 17  LYS n 
2 18  ASP n 
2 19  ARG n 
2 20  GLY n 
2 21  VAL n 
2 22  LEU n 
2 23  LYS n 
2 24  ILE n 
2 25  VAL n 
2 26  LYS n 
2 27  ARG n 
2 28  VAL n 
2 29  GLY n 
2 30  ASN n 
2 31  GLY n 
2 32  GLU n 
2 33  GLU n 
2 34  THR n 
2 35  PRO n 
2 36  MET n 
2 37  ILE n 
2 38  GLY n 
2 39  ASP n 
2 40  LYS n 
2 41  VAL n 
2 42  TYR n 
2 43  VAL n 
2 44  HIS n 
2 45  TYR n 
2 46  LYS n 
2 47  GLY n 
2 48  LYS n 
2 49  LEU n 
2 50  SER n 
2 51  ASN n 
2 52  GLY n 
2 53  LYS n 
2 54  LYS n 
2 55  PHE n 
2 56  ASP n 
2 57  SER n 
2 58  SER n 
2 59  HIS n 
2 60  ASP n 
2 61  ARG n 
2 62  ASN n 
2 63  GLU n 
2 64  PRO n 
2 65  PHE n 
2 66  VAL n 
2 67  PHE n 
2 68  SER n 
2 69  LEU n 
2 70  GLY n 
2 71  LYS n 
2 72  GLY n 
2 73  GLN n 
2 74  VAL n 
2 75  ILE n 
2 76  LYS n 
2 77  ALA n 
2 78  TRP n 
2 79  ASP n 
2 80  ILE n 
2 81  GLY n 
2 82  VAL n 
2 83  ALA n 
2 84  THR n 
2 85  MET n 
2 86  LYS n 
2 87  LYS n 
2 88  GLY n 
2 89  GLU n 
2 90  ILE n 
2 91  CYS n 
2 92  HIS n 
2 93  LEU n 
2 94  LEU n 
2 95  CYS n 
2 96  LYS n 
2 97  PRO n 
2 98  GLU n 
2 99  TYR n 
2 100 ALA n 
2 101 TYR n 
2 102 GLY n 
2 103 SER n 
2 104 ALA n 
2 105 GLY n 
2 106 SER n 
2 107 LEU n 
2 108 PRO n 
2 109 LYS n 
2 110 ILE n 
2 111 PRO n 
2 112 SER n 
2 113 ASN n 
2 114 ALA n 
2 115 THR n 
2 116 LEU n 
2 117 PHE n 
2 118 PHE n 
2 119 GLU n 
2 120 ILE n 
2 121 GLU n 
2 122 LEU n 
2 123 LEU n 
2 124 ASP n 
2 125 PHE n 
2 126 LYS n 
2 127 GLY n 
2 128 GLU n 
# 
_entity_src_gen.entity_id                          2 
_entity_src_gen.pdbx_src_id                        1 
_entity_src_gen.pdbx_alt_source_flag               sample 
_entity_src_gen.pdbx_seq_type                      'Biological sequence' 
_entity_src_gen.pdbx_beg_seq_num                   1 
_entity_src_gen.pdbx_end_seq_num                   128 
_entity_src_gen.gene_src_common_name               Human 
_entity_src_gen.gene_src_genus                     ? 
_entity_src_gen.pdbx_gene_src_gene                 'FKBP5, AIG6, FKBP51' 
_entity_src_gen.gene_src_species                   ? 
_entity_src_gen.gene_src_strain                    ? 
_entity_src_gen.gene_src_tissue                    ? 
_entity_src_gen.gene_src_tissue_fraction           ? 
_entity_src_gen.gene_src_details                   ? 
_entity_src_gen.pdbx_gene_src_fragment             ? 
_entity_src_gen.pdbx_gene_src_scientific_name      'Homo sapiens' 
_entity_src_gen.pdbx_gene_src_ncbi_taxonomy_id     9606 
_entity_src_gen.pdbx_gene_src_variant              ? 
_entity_src_gen.pdbx_gene_src_cell_line            ? 
_entity_src_gen.pdbx_gene_src_atcc                 ? 
_entity_src_gen.pdbx_gene_src_organ                ? 
_entity_src_gen.pdbx_gene_src_organelle            ? 
_entity_src_gen.pdbx_gene_src_cell                 ? 
_entity_src_gen.pdbx_gene_src_cellular_location    ? 
_entity_src_gen.host_org_common_name               ? 
_entity_src_gen.pdbx_host_org_scientific_name      'Escherichia coli' 
_entity_src_gen.pdbx_host_org_ncbi_taxonomy_id     562 
_entity_src_gen.host_org_genus                     ? 
_entity_src_gen.pdbx_host_org_gene                 ? 
_entity_src_gen.pdbx_host_org_organ                ? 
_entity_src_gen.host_org_species                   ? 
_entity_src_gen.pdbx_host_org_tissue               ? 
_entity_src_gen.pdbx_host_org_tissue_fraction      ? 
_entity_src_gen.pdbx_host_org_strain               ? 
_entity_src_gen.pdbx_host_org_variant              ? 
_entity_src_gen.pdbx_host_org_cell_line            ? 
_entity_src_gen.pdbx_host_org_atcc                 ? 
_entity_src_gen.pdbx_host_org_culture_collection   ? 
_entity_src_gen.pdbx_host_org_cell                 ? 
_entity_src_gen.pdbx_host_org_organelle            ? 
_entity_src_gen.pdbx_host_org_cellular_location    ? 
_entity_src_gen.pdbx_host_org_vector_type          ? 
_entity_src_gen.pdbx_host_org_vector               ? 
_entity_src_gen.host_org_details                   ? 
_entity_src_gen.expression_system_id               ? 
_entity_src_gen.plasmid_name                       ? 
_entity_src_gen.plasmid_details                    ? 
_entity_src_gen.pdbx_description                   ? 
# 
_pdbx_entity_src_syn.entity_id              1 
_pdbx_entity_src_syn.pdbx_src_id            1 
_pdbx_entity_src_syn.pdbx_alt_source_flag   sample 
_pdbx_entity_src_syn.pdbx_beg_seq_num       1 
_pdbx_entity_src_syn.pdbx_end_seq_num       5 
_pdbx_entity_src_syn.organism_scientific    'synthetic construct' 
_pdbx_entity_src_syn.organism_common_name   ? 
_pdbx_entity_src_syn.ncbi_taxonomy_id       32630 
_pdbx_entity_src_syn.details                ? 
# 
loop_
_struct_ref.id 
_struct_ref.db_name 
_struct_ref.db_code 
_struct_ref.pdbx_db_accession 
_struct_ref.pdbx_db_isoform 
_struct_ref.entity_id 
_struct_ref.pdbx_seq_one_letter_code 
_struct_ref.pdbx_align_begin 
1 PDB 7ETT        7ETT   ? 1 ? 1  
2 UNP FKBP5_HUMAN Q13451 ? 2 
;ATVAEQGEDITSKKDRGVLKIVKRVGNGEETPMIGDKVYVHYKGKLSNGKKFDSSHDRNEPFVFSLGKGQVIKAWDIGVA
TMKKGEICHLLCKPEYAYGSAGSLPKIPSNATLFFEIELLDFKGE
;
16 
# 
loop_
_struct_ref_seq.align_id 
_struct_ref_seq.ref_id 
_struct_ref_seq.pdbx_PDB_id_code 
_struct_ref_seq.pdbx_strand_id 
_struct_ref_seq.seq_align_beg 
_struct_ref_seq.pdbx_seq_align_beg_ins_code 
_struct_ref_seq.seq_align_end 
_struct_ref_seq.pdbx_seq_align_end_ins_code 
_struct_ref_seq.pdbx_db_accession 
_struct_ref_seq.db_align_beg 
_struct_ref_seq.pdbx_db_align_beg_ins_code 
_struct_ref_seq.db_align_end 
_struct_ref_seq.pdbx_db_align_end_ins_code 
_struct_ref_seq.pdbx_auth_seq_align_beg 
_struct_ref_seq.pdbx_auth_seq_align_end 
1 1 7ETT B 1 ? 5   ? 7ETT   1  ? 5   ? 1  5   
2 2 7ETT A 4 ? 128 ? Q13451 16 ? 140 ? 16 140 
# 
loop_
_struct_ref_seq_dif.align_id 
_struct_ref_seq_dif.pdbx_pdb_id_code 
_struct_ref_seq_dif.mon_id 
_struct_ref_seq_dif.pdbx_pdb_strand_id 
_struct_ref_seq_dif.seq_num 
_struct_ref_seq_dif.pdbx_pdb_ins_code 
_struct_ref_seq_dif.pdbx_seq_db_name 
_struct_ref_seq_dif.pdbx_seq_db_accession_code 
_struct_ref_seq_dif.db_mon_id 
_struct_ref_seq_dif.pdbx_seq_db_seq_num 
_struct_ref_seq_dif.details 
_struct_ref_seq_dif.pdbx_auth_seq_num 
_struct_ref_seq_dif.pdbx_ordinal 
2 7ETT GLY A 1 ? UNP Q13451 ?   ?  'expression tag'      13 1 
2 7ETT ALA A 2 ? UNP Q13451 ?   ?  'expression tag'      14 2 
2 7ETT PRO A 3 ? UNP Q13451 ?   ?  'expression tag'      15 3 
2 7ETT THR A 7 ? UNP Q13451 ALA 19 'engineered mutation' 19 4 
# 
loop_
_chem_comp.id 
_chem_comp.type 
_chem_comp.mon_nstd_flag 
_chem_comp.name 
_chem_comp.pdbx_synonyms 
_chem_comp.formula 
_chem_comp.formula_weight 
ALA 'L-peptide linking' y ALANINE         ? 'C3 H7 N O2'     89.093  
ARG 'L-peptide linking' y ARGININE        ? 'C6 H15 N4 O2 1' 175.209 
ASN 'L-peptide linking' y ASPARAGINE      ? 'C4 H8 N2 O3'    132.118 
ASP 'L-peptide linking' y 'ASPARTIC ACID' ? 'C4 H7 N O4'     133.103 
CYS 'L-peptide linking' y CYSTEINE        ? 'C3 H7 N O2 S'   121.158 
GLN 'L-peptide linking' y GLUTAMINE       ? 'C5 H10 N2 O3'   146.144 
GLU 'L-peptide linking' y 'GLUTAMIC ACID' ? 'C5 H9 N O4'     147.129 
GLY 'peptide linking'   y GLYCINE         ? 'C2 H5 N O2'     75.067  
HIS 'L-peptide linking' y HISTIDINE       ? 'C6 H10 N3 O2 1' 156.162 
HOH non-polymer         . WATER           ? 'H2 O'           18.015  
ILE 'L-peptide linking' y ISOLEUCINE      ? 'C6 H13 N O2'    131.173 
LEU 'L-peptide linking' y LEUCINE         ? 'C6 H13 N O2'    131.173 
LYS 'L-peptide linking' y LYSINE          ? 'C6 H15 N2 O2 1' 147.195 
MET 'L-peptide linking' y METHIONINE      ? 'C5 H11 N O2 S'  149.211 
PHE 'L-peptide linking' y PHENYLALANINE   ? 'C9 H11 N O2'    165.189 
PRO 'L-peptide linking' y PROLINE         ? 'C5 H9 N O2'     115.130 
SER 'L-peptide linking' y SERINE          ? 'C3 H7 N O3'     105.093 
THR 'L-peptide linking' y THREONINE       ? 'C4 H9 N O3'     119.119 
TRP 'L-peptide linking' y TRYPTOPHAN      ? 'C11 H12 N2 O2'  204.225 
TYR 'L-peptide linking' y TYROSINE        ? 'C9 H11 N O3'    181.189 
VAL 'L-peptide linking' y VALINE          ? 'C5 H11 N O2'    117.146 
# 
_exptl.absorpt_coefficient_mu     ? 
_exptl.absorpt_correction_T_max   ? 
_exptl.absorpt_correction_T_min   ? 
_exptl.absorpt_correction_type    ? 
_exptl.absorpt_process_details    ? 
_exptl.entry_id                   7ETT 
_exptl.crystals_number            1 
_exptl.details                    ? 
_exptl.method                     'X-RAY DIFFRACTION' 
_exptl.method_details             ? 
# 
_exptl_crystal.colour                      ? 
_exptl_crystal.density_diffrn              ? 
_exptl_crystal.density_Matthews            2.21 
_exptl_crystal.density_method              ? 
_exptl_crystal.density_percent_sol         44.45 
_exptl_crystal.description                 'THE ENTRY CONTAINS FRIEDEL PAIRS IN I/F_PLUS/MINUS COLUMNS.' 
_exptl_crystal.F_000                       ? 
_exptl_crystal.id                          1 
_exptl_crystal.preparation                 ? 
_exptl_crystal.size_max                    ? 
_exptl_crystal.size_mid                    ? 
_exptl_crystal.size_min                    ? 
_exptl_crystal.size_rad                    ? 
_exptl_crystal.colour_lustre               ? 
_exptl_crystal.colour_modifier             ? 
_exptl_crystal.colour_primary              ? 
_exptl_crystal.density_meas                ? 
_exptl_crystal.density_meas_esd            ? 
_exptl_crystal.density_meas_gt             ? 
_exptl_crystal.density_meas_lt             ? 
_exptl_crystal.density_meas_temp           ? 
_exptl_crystal.density_meas_temp_esd       ? 
_exptl_crystal.density_meas_temp_gt        ? 
_exptl_crystal.density_meas_temp_lt        ? 
_exptl_crystal.pdbx_crystal_image_url      ? 
_exptl_crystal.pdbx_crystal_image_format   ? 
_exptl_crystal.pdbx_mosaicity              ? 
_exptl_crystal.pdbx_mosaicity_esd          ? 
# 
_exptl_crystal_grow.apparatus       ? 
_exptl_crystal_grow.atmosphere      ? 
_exptl_crystal_grow.crystal_id      1 
_exptl_crystal_grow.details         ? 
_exptl_crystal_grow.method          'VAPOR DIFFUSION, HANGING DROP' 
_exptl_crystal_grow.method_ref      ? 
_exptl_crystal_grow.pH              ? 
_exptl_crystal_grow.pressure        ? 
_exptl_crystal_grow.pressure_esd    ? 
_exptl_crystal_grow.seeding         ? 
_exptl_crystal_grow.seeding_ref     ? 
_exptl_crystal_grow.temp            298 
_exptl_crystal_grow.temp_details    ? 
_exptl_crystal_grow.temp_esd        ? 
_exptl_crystal_grow.time            ? 
_exptl_crystal_grow.pdbx_details    '30%-36% PEG 3350, 0.2 M Ammonium Acetate and 0.1 M HEPES pH 7.5' 
_exptl_crystal_grow.pdbx_pH_range   ? 
# 
_diffrn.ambient_environment              ? 
_diffrn.ambient_temp                     100 
_diffrn.ambient_temp_details             ? 
_diffrn.ambient_temp_esd                 ? 
_diffrn.crystal_id                       1 
_diffrn.crystal_support                  ? 
_diffrn.crystal_treatment                ? 
_diffrn.details                          ? 
_diffrn.id                               1 
_diffrn.ambient_pressure                 ? 
_diffrn.ambient_pressure_esd             ? 
_diffrn.ambient_pressure_gt              ? 
_diffrn.ambient_pressure_lt              ? 
_diffrn.ambient_temp_gt                  ? 
_diffrn.ambient_temp_lt                  ? 
_diffrn.pdbx_serial_crystal_experiment   N 
# 
_diffrn_detector.details                      ? 
_diffrn_detector.detector                     PIXEL 
_diffrn_detector.diffrn_id                    1 
_diffrn_detector.type                         'DECTRIS PILATUS 6M' 
_diffrn_detector.area_resol_mean              ? 
_diffrn_detector.dtime                        ? 
_diffrn_detector.pdbx_frames_total            ? 
_diffrn_detector.pdbx_collection_time_total   ? 
_diffrn_detector.pdbx_collection_date         2019-11-06 
_diffrn_detector.pdbx_frequency               ? 
# 
_diffrn_radiation.collimation                      ? 
_diffrn_radiation.diffrn_id                        1 
_diffrn_radiation.filter_edge                      ? 
_diffrn_radiation.inhomogeneity                    ? 
_diffrn_radiation.monochromator                    ? 
_diffrn_radiation.polarisn_norm                    ? 
_diffrn_radiation.polarisn_ratio                   ? 
_diffrn_radiation.probe                            ? 
_diffrn_radiation.type                             ? 
_diffrn_radiation.xray_symbol                      ? 
_diffrn_radiation.wavelength_id                    1 
_diffrn_radiation.pdbx_monochromatic_or_laue_m_l   M 
_diffrn_radiation.pdbx_wavelength_list             ? 
_diffrn_radiation.pdbx_wavelength                  ? 
_diffrn_radiation.pdbx_diffrn_protocol             'SINGLE WAVELENGTH' 
_diffrn_radiation.pdbx_analyzer                    ? 
_diffrn_radiation.pdbx_scattering_type             x-ray 
# 
_diffrn_radiation_wavelength.id           1 
_diffrn_radiation_wavelength.wavelength   0.9793 
_diffrn_radiation_wavelength.wt           1.0 
# 
_diffrn_source.current                     ? 
_diffrn_source.details                     ? 
_diffrn_source.diffrn_id                   1 
_diffrn_source.power                       ? 
_diffrn_source.size                        ? 
_diffrn_source.source                      SYNCHROTRON 
_diffrn_source.target                      ? 
_diffrn_source.type                        'SSRF BEAMLINE BL18U1' 
_diffrn_source.voltage                     ? 
_diffrn_source.take-off_angle              ? 
_diffrn_source.pdbx_wavelength_list        0.9793 
_diffrn_source.pdbx_wavelength             ? 
_diffrn_source.pdbx_synchrotron_beamline   BL18U1 
_diffrn_source.pdbx_synchrotron_site       SSRF 
# 
_reflns.B_iso_Wilson_estimate                          ? 
_reflns.entry_id                                       7ETT 
_reflns.data_reduction_details                         ? 
_reflns.data_reduction_method                          ? 
_reflns.d_resolution_high                              1.50 
_reflns.d_resolution_low                               50 
_reflns.details                                        ? 
_reflns.limit_h_max                                    ? 
_reflns.limit_h_min                                    ? 
_reflns.limit_k_max                                    ? 
_reflns.limit_k_min                                    ? 
_reflns.limit_l_max                                    ? 
_reflns.limit_l_min                                    ? 
_reflns.number_all                                     ? 
_reflns.number_obs                                     21382 
_reflns.observed_criterion                             ? 
_reflns.observed_criterion_F_max                       ? 
_reflns.observed_criterion_F_min                       ? 
_reflns.observed_criterion_I_max                       ? 
_reflns.observed_criterion_I_min                       ? 
_reflns.observed_criterion_sigma_F                     ? 
_reflns.observed_criterion_sigma_I                     ? 
_reflns.percent_possible_obs                           100 
_reflns.R_free_details                                 ? 
_reflns.Rmerge_F_all                                   ? 
_reflns.Rmerge_F_obs                                   ? 
_reflns.Friedel_coverage                               ? 
_reflns.number_gt                                      ? 
_reflns.threshold_expression                           ? 
_reflns.pdbx_redundancy                                11.6 
_reflns.pdbx_Rmerge_I_obs                              ? 
_reflns.pdbx_Rmerge_I_all                              ? 
_reflns.pdbx_Rsym_value                                ? 
_reflns.pdbx_netI_over_av_sigmaI                       ? 
_reflns.pdbx_netI_over_sigmaI                          21.29 
_reflns.pdbx_res_netI_over_av_sigmaI_2                 ? 
_reflns.pdbx_res_netI_over_sigmaI_2                    ? 
_reflns.pdbx_chi_squared                               ? 
_reflns.pdbx_scaling_rejects                           ? 
_reflns.pdbx_d_res_high_opt                            ? 
_reflns.pdbx_d_res_low_opt                             ? 
_reflns.pdbx_d_res_opt_method                          ? 
_reflns.phase_calculation_details                      ? 
_reflns.pdbx_Rrim_I_all                                ? 
_reflns.pdbx_Rpim_I_all                                0.035 
_reflns.pdbx_d_opt                                     ? 
_reflns.pdbx_number_measured_all                       ? 
_reflns.pdbx_diffrn_id                                 1 
_reflns.pdbx_ordinal                                   1 
_reflns.pdbx_CC_half                                   ? 
_reflns.pdbx_CC_star                                   ? 
_reflns.pdbx_R_split                                   ? 
_reflns.pdbx_aniso_diffraction_limit_axis_1_ortho[1]   ? 
_reflns.pdbx_aniso_diffraction_limit_axis_1_ortho[2]   ? 
_reflns.pdbx_aniso_diffraction_limit_axis_1_ortho[3]   ? 
_reflns.pdbx_aniso_diffraction_limit_axis_2_ortho[1]   ? 
_reflns.pdbx_aniso_diffraction_limit_axis_2_ortho[2]   ? 
_reflns.pdbx_aniso_diffraction_limit_axis_2_ortho[3]   ? 
_reflns.pdbx_aniso_diffraction_limit_axis_3_ortho[1]   ? 
_reflns.pdbx_aniso_diffraction_limit_axis_3_ortho[2]   ? 
_reflns.pdbx_aniso_diffraction_limit_axis_3_ortho[3]   ? 
_reflns.pdbx_aniso_diffraction_limit_1                 ? 
_reflns.pdbx_aniso_diffraction_limit_2                 ? 
_reflns.pdbx_aniso_diffraction_limit_3                 ? 
_reflns.pdbx_aniso_B_tensor_eigenvector_1_ortho[1]     ? 
_reflns.pdbx_aniso_B_tensor_eigenvector_1_ortho[2]     ? 
_reflns.pdbx_aniso_B_tensor_eigenvector_1_ortho[3]     ? 
_reflns.pdbx_aniso_B_tensor_eigenvector_2_ortho[1]     ? 
_reflns.pdbx_aniso_B_tensor_eigenvector_2_ortho[2]     ? 
_reflns.pdbx_aniso_B_tensor_eigenvector_2_ortho[3]     ? 
_reflns.pdbx_aniso_B_tensor_eigenvector_3_ortho[1]     ? 
_reflns.pdbx_aniso_B_tensor_eigenvector_3_ortho[2]     ? 
_reflns.pdbx_aniso_B_tensor_eigenvector_3_ortho[3]     ? 
_reflns.pdbx_aniso_B_tensor_eigenvalue_1               ? 
_reflns.pdbx_aniso_B_tensor_eigenvalue_2               ? 
_reflns.pdbx_aniso_B_tensor_eigenvalue_3               ? 
_reflns.pdbx_orthogonalization_convention              ? 
_reflns.pdbx_percent_possible_ellipsoidal              ? 
_reflns.pdbx_percent_possible_spherical                ? 
_reflns.pdbx_percent_possible_ellipsoidal_anomalous    ? 
_reflns.pdbx_percent_possible_spherical_anomalous      ? 
_reflns.pdbx_redundancy_anomalous                      ? 
_reflns.pdbx_CC_half_anomalous                         ? 
_reflns.pdbx_absDiff_over_sigma_anomalous              ? 
_reflns.pdbx_percent_possible_anomalous                ? 
_reflns.pdbx_observed_signal_threshold                 ? 
_reflns.pdbx_signal_type                               ? 
_reflns.pdbx_signal_details                            ? 
_reflns.pdbx_signal_software_id                        ? 
# 
_reflns_shell.d_res_high                                    1.50 
_reflns_shell.d_res_low                                     1.53 
_reflns_shell.meanI_over_sigI_all                           ? 
_reflns_shell.meanI_over_sigI_obs                           ? 
_reflns_shell.number_measured_all                           ? 
_reflns_shell.number_measured_obs                           ? 
_reflns_shell.number_possible                               ? 
_reflns_shell.number_unique_all                             ? 
_reflns_shell.number_unique_obs                             1044 
_reflns_shell.percent_possible_all                          ? 
_reflns_shell.percent_possible_obs                          ? 
_reflns_shell.Rmerge_F_all                                  ? 
_reflns_shell.Rmerge_F_obs                                  ? 
_reflns_shell.Rmerge_I_all                                  ? 
_reflns_shell.Rmerge_I_obs                                  ? 
_reflns_shell.meanI_over_sigI_gt                            ? 
_reflns_shell.meanI_over_uI_all                             ? 
_reflns_shell.meanI_over_uI_gt                              ? 
_reflns_shell.number_measured_gt                            ? 
_reflns_shell.number_unique_gt                              ? 
_reflns_shell.percent_possible_gt                           ? 
_reflns_shell.Rmerge_F_gt                                   ? 
_reflns_shell.Rmerge_I_gt                                   ? 
_reflns_shell.pdbx_redundancy                               ? 
_reflns_shell.pdbx_Rsym_value                               ? 
_reflns_shell.pdbx_chi_squared                              ? 
_reflns_shell.pdbx_netI_over_sigmaI_all                     ? 
_reflns_shell.pdbx_netI_over_sigmaI_obs                     ? 
_reflns_shell.pdbx_Rrim_I_all                               ? 
_reflns_shell.pdbx_Rpim_I_all                               0.06 
_reflns_shell.pdbx_rejects                                  ? 
_reflns_shell.pdbx_ordinal                                  1 
_reflns_shell.pdbx_diffrn_id                                1 
_reflns_shell.pdbx_CC_half                                  ? 
_reflns_shell.pdbx_CC_star                                  ? 
_reflns_shell.pdbx_R_split                                  ? 
_reflns_shell.pdbx_percent_possible_ellipsoidal             ? 
_reflns_shell.pdbx_percent_possible_spherical               ? 
_reflns_shell.pdbx_percent_possible_ellipsoidal_anomalous   ? 
_reflns_shell.pdbx_percent_possible_spherical_anomalous     ? 
_reflns_shell.pdbx_redundancy_anomalous                     ? 
_reflns_shell.pdbx_CC_half_anomalous                        ? 
_reflns_shell.pdbx_absDiff_over_sigma_anomalous             ? 
_reflns_shell.pdbx_percent_possible_anomalous               ? 
# 
_refine.aniso_B[1][1]                            0.0000 
_refine.aniso_B[1][2]                            0.0000 
_refine.aniso_B[1][3]                            0.0000 
_refine.aniso_B[2][2]                            0.0000 
_refine.aniso_B[2][3]                            -0.0000 
_refine.aniso_B[3][3]                            -0.0000 
_refine.B_iso_max                                54.750 
_refine.B_iso_mean                               15.9270 
_refine.B_iso_min                                8.140 
_refine.correlation_coeff_Fo_to_Fc               0.9510 
_refine.correlation_coeff_Fo_to_Fc_free          0.9570 
_refine.details                                  
'HYDROGENS HAVE BEEN ADDED IN THE RIDING POSITIONS U VALUES      : REFINED INDIVIDUALLY' 
_refine.diff_density_max                         ? 
_refine.diff_density_max_esd                     ? 
_refine.diff_density_min                         ? 
_refine.diff_density_min_esd                     ? 
_refine.diff_density_rms                         ? 
_refine.diff_density_rms_esd                     ? 
_refine.entry_id                                 7ETT 
_refine.pdbx_refine_id                           'X-RAY DIFFRACTION' 
_refine.ls_abs_structure_details                 ? 
_refine.ls_abs_structure_Flack                   ? 
_refine.ls_abs_structure_Flack_esd               ? 
_refine.ls_abs_structure_Rogers                  ? 
_refine.ls_abs_structure_Rogers_esd              ? 
_refine.ls_d_res_high                            1.5000 
_refine.ls_d_res_low                             27.1600 
_refine.ls_extinction_coef                       ? 
_refine.ls_extinction_coef_esd                   ? 
_refine.ls_extinction_expression                 ? 
_refine.ls_extinction_method                     ? 
_refine.ls_goodness_of_fit_all                   ? 
_refine.ls_goodness_of_fit_all_esd               ? 
_refine.ls_goodness_of_fit_obs                   ? 
_refine.ls_goodness_of_fit_obs_esd               ? 
_refine.ls_hydrogen_treatment                    ? 
_refine.ls_matrix_type                           ? 
_refine.ls_number_constraints                    ? 
_refine.ls_number_parameters                     ? 
_refine.ls_number_reflns_all                     ? 
_refine.ls_number_reflns_obs                     20270 
_refine.ls_number_reflns_R_free                  1064 
_refine.ls_number_reflns_R_work                  ? 
_refine.ls_number_restraints                     ? 
_refine.ls_percent_reflns_obs                    99.7500 
_refine.ls_percent_reflns_R_free                 5.0000 
_refine.ls_R_factor_all                          ? 
_refine.ls_R_factor_obs                          0.1856 
_refine.ls_R_factor_R_free                       0.1977 
_refine.ls_R_factor_R_free_error                 ? 
_refine.ls_R_factor_R_free_error_details         ? 
_refine.ls_R_factor_R_work                       0.1850 
_refine.ls_R_Fsqd_factor_obs                     ? 
_refine.ls_R_I_factor_obs                        ? 
_refine.ls_redundancy_reflns_all                 ? 
_refine.ls_redundancy_reflns_obs                 ? 
_refine.ls_restrained_S_all                      ? 
_refine.ls_restrained_S_obs                      ? 
_refine.ls_shift_over_esd_max                    ? 
_refine.ls_shift_over_esd_mean                   ? 
_refine.ls_structure_factor_coef                 ? 
_refine.ls_weighting_details                     ? 
_refine.ls_weighting_scheme                      ? 
_refine.ls_wR_factor_all                         ? 
_refine.ls_wR_factor_obs                         ? 
_refine.ls_wR_factor_R_free                      ? 
_refine.ls_wR_factor_R_work                      ? 
_refine.occupancy_max                            ? 
_refine.occupancy_min                            ? 
_refine.solvent_model_details                    MASK 
_refine.solvent_model_param_bsol                 ? 
_refine.solvent_model_param_ksol                 ? 
_refine.pdbx_R_complete                          ? 
_refine.ls_R_factor_gt                           ? 
_refine.ls_goodness_of_fit_gt                    ? 
_refine.ls_goodness_of_fit_ref                   ? 
_refine.ls_shift_over_su_max                     ? 
_refine.ls_shift_over_su_max_lt                  ? 
_refine.ls_shift_over_su_mean                    ? 
_refine.ls_shift_over_su_mean_lt                 ? 
_refine.pdbx_ls_sigma_I                          ? 
_refine.pdbx_ls_sigma_F                          0.000 
_refine.pdbx_ls_sigma_Fsqd                       ? 
_refine.pdbx_data_cutoff_high_absF               ? 
_refine.pdbx_data_cutoff_high_rms_absF           ? 
_refine.pdbx_data_cutoff_low_absF                ? 
_refine.pdbx_isotropic_thermal_model             ? 
_refine.pdbx_ls_cross_valid_method               THROUGHOUT 
_refine.pdbx_method_to_determine_struct          'MOLECULAR REPLACEMENT' 
_refine.pdbx_starting_model                      3O5R 
_refine.pdbx_stereochemistry_target_values       'MAXIMUM LIKELIHOOD' 
_refine.pdbx_R_Free_selection_details            RANDOM 
_refine.pdbx_stereochem_target_val_spec_case     ? 
_refine.pdbx_overall_ESU_R                       0.0750 
_refine.pdbx_overall_ESU_R_Free                  0.0710 
_refine.pdbx_solvent_vdw_probe_radii             1.2000 
_refine.pdbx_solvent_ion_probe_radii             0.8000 
_refine.pdbx_solvent_shrinkage_radii             0.8000 
_refine.pdbx_real_space_R                        ? 
_refine.pdbx_density_correlation                 ? 
_refine.pdbx_pd_number_of_powder_patterns        ? 
_refine.pdbx_pd_number_of_points                 ? 
_refine.pdbx_pd_meas_number_of_points            ? 
_refine.pdbx_pd_proc_ls_prof_R_factor            ? 
_refine.pdbx_pd_proc_ls_prof_wR_factor           ? 
_refine.pdbx_pd_Marquardt_correlation_coeff      ? 
_refine.pdbx_pd_Fsqrd_R_factor                   ? 
_refine.pdbx_pd_ls_matrix_band_width             ? 
_refine.pdbx_overall_phase_error                 ? 
_refine.pdbx_overall_SU_R_free_Cruickshank_DPI   ? 
_refine.pdbx_overall_SU_R_free_Blow_DPI          ? 
_refine.pdbx_overall_SU_R_Blow_DPI               ? 
_refine.pdbx_TLS_residual_ADP_flag               ? 
_refine.pdbx_diffrn_id                           1 
_refine.overall_SU_B                             1.0780 
_refine.overall_SU_ML                            0.0420 
_refine.overall_SU_R_Cruickshank_DPI             ? 
_refine.overall_SU_R_free                        ? 
_refine.overall_FOM_free_R_set                   ? 
_refine.overall_FOM_work_R_set                   ? 
_refine.pdbx_average_fsc_overall                 ? 
_refine.pdbx_average_fsc_work                    ? 
_refine.pdbx_average_fsc_free                    ? 
# 
_refine_hist.pdbx_refine_id                   'X-RAY DIFFRACTION' 
_refine_hist.cycle_id                         final 
_refine_hist.details                          ? 
_refine_hist.d_res_high                       1.5000 
_refine_hist.d_res_low                        27.1600 
_refine_hist.number_atoms_solvent             83 
_refine_hist.number_atoms_total               1082 
_refine_hist.number_reflns_all                ? 
_refine_hist.number_reflns_obs                ? 
_refine_hist.number_reflns_R_free             ? 
_refine_hist.number_reflns_R_work             ? 
_refine_hist.R_factor_all                     ? 
_refine_hist.R_factor_obs                     ? 
_refine_hist.R_factor_R_free                  ? 
_refine_hist.R_factor_R_work                  ? 
_refine_hist.pdbx_number_residues_total       132 
_refine_hist.pdbx_B_iso_mean_ligand           ? 
_refine_hist.pdbx_B_iso_mean_solvent          18.97 
_refine_hist.pdbx_number_atoms_protein        999 
_refine_hist.pdbx_number_atoms_nucleic_acid   0 
_refine_hist.pdbx_number_atoms_ligand         0 
_refine_hist.pdbx_number_atoms_lipid          ? 
_refine_hist.pdbx_number_atoms_carb           ? 
_refine_hist.pdbx_pseudo_atom_details         ? 
# 
loop_
_refine_ls_restr.pdbx_refine_id 
_refine_ls_restr.criterion 
_refine_ls_restr.dev_ideal 
_refine_ls_restr.dev_ideal_target 
_refine_ls_restr.number 
_refine_ls_restr.rejects 
_refine_ls_restr.type 
_refine_ls_restr.weight 
_refine_ls_restr.pdbx_restraint_function 
'X-RAY DIFFRACTION' ? 0.014  0.014  1046 ? r_bond_refined_d       ? ? 
'X-RAY DIFFRACTION' ? 0.001  0.017  983  ? r_bond_other_d         ? ? 
'X-RAY DIFFRACTION' ? 1.755  1.658  1402 ? r_angle_refined_deg    ? ? 
'X-RAY DIFFRACTION' ? 1.073  1.653  2306 ? r_angle_other_deg      ? ? 
'X-RAY DIFFRACTION' ? 8.115  5.000  131  ? r_dihedral_angle_1_deg ? ? 
'X-RAY DIFFRACTION' ? 30.417 23.778 45   ? r_dihedral_angle_2_deg ? ? 
'X-RAY DIFFRACTION' ? 13.336 15.000 189  ? r_dihedral_angle_3_deg ? ? 
'X-RAY DIFFRACTION' ? 9.708  15.000 3    ? r_dihedral_angle_4_deg ? ? 
'X-RAY DIFFRACTION' ? 0.096  0.200  132  ? r_chiral_restr         ? ? 
'X-RAY DIFFRACTION' ? 0.011  0.020  1145 ? r_gen_planes_refined   ? ? 
'X-RAY DIFFRACTION' ? 0.001  0.020  195  ? r_gen_planes_other     ? ? 
# 
_refine_ls_shell.pdbx_refine_id                   'X-RAY DIFFRACTION' 
_refine_ls_shell.d_res_high                       1.5020 
_refine_ls_shell.d_res_low                        1.5410 
_refine_ls_shell.number_reflns_all                1503 
_refine_ls_shell.number_reflns_obs                ? 
_refine_ls_shell.number_reflns_R_free             74 
_refine_ls_shell.number_reflns_R_work             1429 
_refine_ls_shell.percent_reflns_obs               97.2800 
_refine_ls_shell.percent_reflns_R_free            ? 
_refine_ls_shell.R_factor_all                     ? 
_refine_ls_shell.R_factor_obs                     ? 
_refine_ls_shell.R_factor_R_free                  0.2470 
_refine_ls_shell.R_factor_R_free_error            0.0000 
_refine_ls_shell.R_factor_R_work                  0.1660 
_refine_ls_shell.redundancy_reflns_all            ? 
_refine_ls_shell.redundancy_reflns_obs            ? 
_refine_ls_shell.wR_factor_all                    ? 
_refine_ls_shell.wR_factor_obs                    ? 
_refine_ls_shell.wR_factor_R_free                 ? 
_refine_ls_shell.wR_factor_R_work                 ? 
_refine_ls_shell.pdbx_R_complete                  ? 
_refine_ls_shell.pdbx_total_number_of_bins_used   20 
_refine_ls_shell.pdbx_phase_error                 ? 
_refine_ls_shell.pdbx_fsc_work                    ? 
_refine_ls_shell.pdbx_fsc_free                    ? 
# 
_struct.entry_id                     7ETT 
_struct.title                        'The FK1 domain of FKBP51 in complex with peptide-inhibitor hit QFPFV' 
_struct.pdbx_model_details           ? 
_struct.pdbx_formula_weight          ? 
_struct.pdbx_formula_weight_method   ? 
_struct.pdbx_model_type_details      ? 
_struct.pdbx_CASP_flag               N 
# 
_struct_keywords.entry_id        7ETT 
_struct_keywords.text            ISOMERASE 
_struct_keywords.pdbx_keywords   ISOMERASE 
# 
loop_
_struct_asym.id 
_struct_asym.pdbx_blank_PDB_chainid_flag 
_struct_asym.pdbx_modified 
_struct_asym.entity_id 
_struct_asym.details 
A N N 1 ? 
B N N 2 ? 
C N N 3 ? 
D N N 3 ? 
# 
loop_
_struct_conf.conf_type_id 
_struct_conf.id 
_struct_conf.pdbx_PDB_helix_id 
_struct_conf.beg_label_comp_id 
_struct_conf.beg_label_asym_id 
_struct_conf.beg_label_seq_id 
_struct_conf.pdbx_beg_PDB_ins_code 
_struct_conf.end_label_comp_id 
_struct_conf.end_label_asym_id 
_struct_conf.end_label_seq_id 
_struct_conf.pdbx_end_PDB_ins_code 
_struct_conf.beg_auth_comp_id 
_struct_conf.beg_auth_asym_id 
_struct_conf.beg_auth_seq_id 
_struct_conf.end_auth_comp_id 
_struct_conf.end_auth_asym_id 
_struct_conf.end_auth_seq_id 
_struct_conf.pdbx_PDB_helix_class 
_struct_conf.details 
_struct_conf.pdbx_PDB_helix_length 
HELX_P HELX_P1 AA1 ALA B 2  ? GLY B 10  ? ALA A 14  GLY A 22  1 ? 9 
HELX_P HELX_P2 AA2 HIS B 59 ? ASN B 62  ? HIS A 71  ASN A 74  5 ? 4 
HELX_P HELX_P3 AA3 ILE B 75 ? ALA B 83  ? ILE A 87  ALA A 95  1 ? 9 
HELX_P HELX_P4 AA4 PRO B 97 ? ALA B 100 ? PRO A 109 ALA A 112 5 ? 4 
# 
_struct_conf_type.id          HELX_P 
_struct_conf_type.criteria    ? 
_struct_conf_type.reference   ? 
# 
loop_
_struct_mon_prot_cis.pdbx_id 
_struct_mon_prot_cis.label_comp_id 
_struct_mon_prot_cis.label_seq_id 
_struct_mon_prot_cis.label_asym_id 
_struct_mon_prot_cis.label_alt_id 
_struct_mon_prot_cis.pdbx_PDB_ins_code 
_struct_mon_prot_cis.auth_comp_id 
_struct_mon_prot_cis.auth_seq_id 
_struct_mon_prot_cis.auth_asym_id 
_struct_mon_prot_cis.pdbx_label_comp_id_2 
_struct_mon_prot_cis.pdbx_label_seq_id_2 
_struct_mon_prot_cis.pdbx_label_asym_id_2 
_struct_mon_prot_cis.pdbx_PDB_ins_code_2 
_struct_mon_prot_cis.pdbx_auth_comp_id_2 
_struct_mon_prot_cis.pdbx_auth_seq_id_2 
_struct_mon_prot_cis.pdbx_auth_asym_id_2 
_struct_mon_prot_cis.pdbx_PDB_model_num 
_struct_mon_prot_cis.pdbx_omega_angle 
1 PHE 2   A . ? PHE 2   B PRO 3   A ? PRO 3   B 1 9.22  
2 LEU 107 B . ? LEU 119 A PRO 108 B ? PRO 120 A 1 -2.12 
# 
loop_
_struct_sheet.id 
_struct_sheet.type 
_struct_sheet.number_strands 
_struct_sheet.details 
AA1 ? 6 ? 
AA2 ? 6 ? 
# 
loop_
_struct_sheet_order.sheet_id 
_struct_sheet_order.range_id_1 
_struct_sheet_order.range_id_2 
_struct_sheet_order.offset 
_struct_sheet_order.sense 
AA1 1 2 ? anti-parallel 
AA1 2 3 ? anti-parallel 
AA1 3 4 ? anti-parallel 
AA1 4 5 ? anti-parallel 
AA1 5 6 ? anti-parallel 
AA2 1 2 ? anti-parallel 
AA2 2 3 ? anti-parallel 
AA2 3 4 ? anti-parallel 
AA2 4 5 ? anti-parallel 
AA2 5 6 ? anti-parallel 
# 
loop_
_struct_sheet_range.sheet_id 
_struct_sheet_range.id 
_struct_sheet_range.beg_label_comp_id 
_struct_sheet_range.beg_label_asym_id 
_struct_sheet_range.beg_label_seq_id 
_struct_sheet_range.pdbx_beg_PDB_ins_code 
_struct_sheet_range.end_label_comp_id 
_struct_sheet_range.end_label_asym_id 
_struct_sheet_range.end_label_seq_id 
_struct_sheet_range.pdbx_end_PDB_ins_code 
_struct_sheet_range.beg_auth_comp_id 
_struct_sheet_range.beg_auth_asym_id 
_struct_sheet_range.beg_auth_seq_id 
_struct_sheet_range.end_auth_comp_id 
_struct_sheet_range.end_auth_asym_id 
_struct_sheet_range.end_auth_seq_id 
AA1 1 GLU B 11  ? ASP B 12  ? GLU A 23  ASP A 24  
AA1 2 VAL B 21  ? ARG B 27  ? VAL A 33  ARG A 39  
AA1 3 ILE B 90  ? CYS B 95  ? ILE A 102 CYS A 107 
AA1 4 LEU B 116 ? LYS B 126 ? LEU A 128 LYS A 138 
AA1 5 LYS B 40  ? LEU B 49  ? LYS A 52  LEU A 61  
AA1 6 LYS B 54  ? SER B 57  ? LYS A 66  SER A 69  
AA2 1 GLU B 11  ? ASP B 12  ? GLU A 23  ASP A 24  
AA2 2 VAL B 21  ? ARG B 27  ? VAL A 33  ARG A 39  
AA2 3 ILE B 90  ? CYS B 95  ? ILE A 102 CYS A 107 
AA2 4 LEU B 116 ? LYS B 126 ? LEU A 128 LYS A 138 
AA2 5 LYS B 40  ? LEU B 49  ? LYS A 52  LEU A 61  
AA2 6 PHE B 65  ? SER B 68  ? PHE A 77  SER A 80  
# 
loop_
_pdbx_struct_sheet_hbond.sheet_id 
_pdbx_struct_sheet_hbond.range_id_1 
_pdbx_struct_sheet_hbond.range_id_2 
_pdbx_struct_sheet_hbond.range_1_label_atom_id 
_pdbx_struct_sheet_hbond.range_1_label_comp_id 
_pdbx_struct_sheet_hbond.range_1_label_asym_id 
_pdbx_struct_sheet_hbond.range_1_label_seq_id 
_pdbx_struct_sheet_hbond.range_1_PDB_ins_code 
_pdbx_struct_sheet_hbond.range_1_auth_atom_id 
_pdbx_struct_sheet_hbond.range_1_auth_comp_id 
_pdbx_struct_sheet_hbond.range_1_auth_asym_id 
_pdbx_struct_sheet_hbond.range_1_auth_seq_id 
_pdbx_struct_sheet_hbond.range_2_label_atom_id 
_pdbx_struct_sheet_hbond.range_2_label_comp_id 
_pdbx_struct_sheet_hbond.range_2_label_asym_id 
_pdbx_struct_sheet_hbond.range_2_label_seq_id 
_pdbx_struct_sheet_hbond.range_2_PDB_ins_code 
_pdbx_struct_sheet_hbond.range_2_auth_atom_id 
_pdbx_struct_sheet_hbond.range_2_auth_comp_id 
_pdbx_struct_sheet_hbond.range_2_auth_asym_id 
_pdbx_struct_sheet_hbond.range_2_auth_seq_id 
AA1 1 2 N GLU B 11  ? N GLU A 23  O LYS B 23  ? O LYS A 35  
AA1 2 3 N ILE B 24  ? N ILE A 36  O HIS B 92  ? O HIS A 104 
AA1 3 4 N CYS B 95  ? N CYS A 107 O LEU B 116 ? O LEU A 128 
AA1 4 5 O LYS B 126 ? O LYS A 138 N LYS B 40  ? N LYS A 52  
AA1 5 6 N GLY B 47  ? N GLY A 59  O ASP B 56  ? O ASP A 68  
AA2 1 2 N GLU B 11  ? N GLU A 23  O LYS B 23  ? O LYS A 35  
AA2 2 3 N ILE B 24  ? N ILE A 36  O HIS B 92  ? O HIS A 104 
AA2 3 4 N CYS B 95  ? N CYS A 107 O LEU B 116 ? O LEU A 128 
AA2 4 5 O LYS B 126 ? O LYS A 138 N LYS B 40  ? N LYS A 52  
AA2 5 6 N VAL B 43  ? N VAL A 55  O PHE B 65  ? O PHE A 77  
# 
_atom_sites.entry_id                    7ETT 
_atom_sites.Cartn_transf_matrix[1][1]   ? 
_atom_sites.Cartn_transf_matrix[1][2]   ? 
_atom_sites.Cartn_transf_matrix[1][3]   ? 
_atom_sites.Cartn_transf_matrix[2][1]   ? 
_atom_sites.Cartn_transf_matrix[2][2]   ? 
_atom_sites.Cartn_transf_matrix[2][3]   ? 
_atom_sites.Cartn_transf_matrix[3][1]   ? 
_atom_sites.Cartn_transf_matrix[3][2]   ? 
_atom_sites.Cartn_transf_matrix[3][3]   ? 
_atom_sites.Cartn_transf_vector[1]      ? 
_atom_sites.Cartn_transf_vector[2]      ? 
_atom_sites.Cartn_transf_vector[3]      ? 
_atom_sites.fract_transf_matrix[1][1]   0.00580206 
_atom_sites.fract_transf_matrix[1][2]   0.01500680 
_atom_sites.fract_transf_matrix[1][3]   0.01719283 
_atom_sites.fract_transf_matrix[2][1]   0.01658344 
_atom_sites.fract_transf_matrix[2][2]   0.00236941 
_atom_sites.fract_transf_matrix[2][3]   -0.00766456 
_atom_sites.fract_transf_matrix[3][1]   -0.00637381 
_atom_sites.fract_transf_matrix[3][2]   0.01348714 
_atom_sites.fract_transf_matrix[3][3]   -0.00962131 
_atom_sites.fract_transf_vector[1]      0.213219 
_atom_sites.fract_transf_vector[2]      0.282081 
_atom_sites.fract_transf_vector[3]      -0.178905 
_atom_sites.solution_primary            ? 
_atom_sites.solution_secondary          ? 
_atom_sites.solution_hydrogens          ? 
_atom_sites.special_details             ? 
# 
loop_
_atom_type.symbol 
C 
N 
O 
S 
# 
loop_
_atom_site.group_PDB 
_atom_site.id 
_atom_site.type_symbol 
_atom_site.label_atom_id 
_atom_site.label_alt_id 
_atom_site.label_comp_id 
_atom_site.label_asym_id 
_atom_site.label_entity_id 
_atom_site.label_seq_id 
_atom_site.pdbx_PDB_ins_code 
_atom_site.Cartn_x 
_atom_site.Cartn_y 
_atom_site.Cartn_z 
_atom_site.occupancy 
_atom_site.B_iso_or_equiv 
_atom_site.pdbx_formal_charge 
_atom_site.auth_seq_id 
_atom_site.auth_comp_id 
_atom_site.auth_asym_id 
_atom_site.auth_atom_id 
_atom_site.pdbx_PDB_model_num 
ATOM   1    N N   . GLN A 1 1   ? 3.598   -10.995 11.058  1.00 45.91 ?  1   GLN B N   1 
ATOM   2    C CA  . GLN A 1 1   ? 2.253   -11.042 10.459  1.00 44.16 ?  1   GLN B CA  1 
ATOM   3    C C   . GLN A 1 1   ? 2.086   -9.836  9.523   1.00 39.35 ?  1   GLN B C   1 
ATOM   4    O O   . GLN A 1 1   ? 1.568   -8.839  9.943   1.00 35.62 ?  1   GLN B O   1 
ATOM   5    C CB  . GLN A 1 1   ? 1.198   -11.024 11.575  1.00 45.02 ?  1   GLN B CB  1 
ATOM   6    N N   . PHE A 1 2   ? 2.602   -9.917  8.289   1.00 39.94 ?  2   PHE B N   1 
ATOM   7    C CA  . PHE A 1 2   ? 2.119   -9.044  7.216   1.00 35.72 ?  2   PHE B CA  1 
ATOM   8    C C   . PHE A 1 2   ? 0.642   -9.410  7.118   1.00 37.31 ?  2   PHE B C   1 
ATOM   9    O O   . PHE A 1 2   ? 0.344   -10.590 7.251   1.00 42.62 ?  2   PHE B O   1 
ATOM   10   C CB  . PHE A 1 2   ? 2.893   -9.265  5.907   1.00 35.63 ?  2   PHE B CB  1 
ATOM   11   C CG  . PHE A 1 2   ? 2.239   -8.589  4.731   1.00 32.66 ?  2   PHE B CG  1 
ATOM   12   C CD1 . PHE A 1 2   ? 2.501   -7.253  4.455   1.00 32.88 ?  2   PHE B CD1 1 
ATOM   13   C CD2 . PHE A 1 2   ? 1.248   -9.227  4.005   1.00 34.78 ?  2   PHE B CD2 1 
ATOM   14   C CE1 . PHE A 1 2   ? 1.843   -6.593  3.429   1.00 30.74 ?  2   PHE B CE1 1 
ATOM   15   C CE2 . PHE A 1 2   ? 0.576   -8.558  2.994   1.00 33.54 ?  2   PHE B CE2 1 
ATOM   16   C CZ  . PHE A 1 2   ? 0.876   -7.249  2.710   1.00 29.99 ?  2   PHE B CZ  1 
ATOM   17   N N   . PRO A 1 3   ? -0.271  -8.448  6.943   1.00 39.51 ?  3   PRO B N   1 
ATOM   18   C CA  . PRO A 1 3   ? -0.003  -7.048  6.643   1.00 38.67 ?  3   PRO B CA  1 
ATOM   19   C C   . PRO A 1 3   ? 0.215   -6.122  7.850   1.00 39.40 ?  3   PRO B C   1 
ATOM   20   O O   . PRO A 1 3   ? 0.215   -4.899  7.704   1.00 45.14 ?  3   PRO B O   1 
ATOM   21   C CB  . PRO A 1 3   ? -1.252  -6.537  5.894   1.00 39.52 ?  3   PRO B CB  1 
ATOM   22   C CG  . PRO A 1 3   ? -2.220  -7.707  5.939   1.00 41.41 ?  3   PRO B CG  1 
ATOM   23   C CD  . PRO A 1 3   ? -1.721  -8.614  7.042   1.00 42.18 ?  3   PRO B CD  1 
ATOM   24   N N   . PHE A 1 4   ? 0.425   -6.682  9.039   1.00 39.26 ?  4   PHE B N   1 
ATOM   25   C CA  . PHE A 1 4   ? 0.599   -5.841  10.222  1.00 37.12 ?  4   PHE B CA  1 
ATOM   26   C C   . PHE A 1 4   ? 2.060   -5.422  10.377  1.00 38.50 ?  4   PHE B C   1 
ATOM   27   O O   . PHE A 1 4   ? 2.973   -6.024  9.762   1.00 34.18 ?  4   PHE B O   1 
ATOM   28   C CB  . PHE A 1 4   ? 0.119   -6.568  11.475  1.00 37.41 ?  4   PHE B CB  1 
ATOM   29   C CG  . PHE A 1 4   ? -1.366  -6.789  11.506  1.00 41.22 ?  4   PHE B CG  1 
ATOM   30   C CD1 . PHE A 1 4   ? -2.223  -5.715  11.658  1.00 41.57 ?  4   PHE B CD1 1 
ATOM   31   C CD2 . PHE A 1 4   ? -1.903  -8.062  11.397  1.00 42.72 ?  4   PHE B CD2 1 
ATOM   32   C CE1 . PHE A 1 4   ? -3.595  -5.903  11.695  1.00 47.22 ?  4   PHE B CE1 1 
ATOM   33   C CE2 . PHE A 1 4   ? -3.277  -8.247  11.431  1.00 45.41 ?  4   PHE B CE2 1 
ATOM   34   C CZ  . PHE A 1 4   ? -4.119  -7.170  11.583  1.00 44.37 ?  4   PHE B CZ  1 
ATOM   35   N N   . VAL A 1 5   ? 2.247   -4.400  11.226  1.00 42.12 ?  5   VAL B N   1 
ATOM   36   C CA  . VAL A 1 5   ? 3.523   -3.854  11.643  1.00 43.35 ?  5   VAL B CA  1 
ATOM   37   C C   . VAL A 1 5   ? 4.155   -3.154  10.437  1.00 49.26 ?  5   VAL B C   1 
ATOM   38   O O   . VAL A 1 5   ? 4.820   -2.128  10.599  1.00 54.75 ?  5   VAL B O   1 
ATOM   39   C CB  . VAL A 1 5   ? 4.440   -4.940  12.241  1.00 47.73 ?  5   VAL B CB  1 
ATOM   40   N N   . GLY B 2 1   ? 6.417   -4.703  -16.820 1.00 16.34 ?  13  GLY A N   1 
ATOM   41   C CA  . GLY B 2 1   ? 5.061   -4.913  -16.198 1.00 13.15 ?  13  GLY A CA  1 
ATOM   42   C C   . GLY B 2 1   ? 4.819   -3.842  -15.153 1.00 11.96 ?  13  GLY A C   1 
ATOM   43   O O   . GLY B 2 1   ? 5.529   -2.793  -15.143 1.00 13.22 ?  13  GLY A O   1 
ATOM   44   N N   . ALA B 2 2   ? 3.744   -4.029  -14.391 1.00 11.55 ?  14  ALA A N   1 
ATOM   45   C CA  . ALA B 2 2   ? 3.259   -2.971  -13.502 1.00 10.93 ?  14  ALA A CA  1 
ATOM   46   C C   . ALA B 2 2   ? 4.305   -2.505  -12.499 1.00 10.63 ?  14  ALA A C   1 
ATOM   47   O O   . ALA B 2 2   ? 4.403   -1.297  -12.245 1.00 10.02 ?  14  ALA A O   1 
ATOM   48   C CB  . ALA B 2 2   ? 1.991   -3.399  -12.796 1.00 11.24 ?  14  ALA A CB  1 
ATOM   49   N N   . PRO B 2 3   ? 5.079   -3.391  -11.854 1.00 9.94  ?  15  PRO A N   1 
ATOM   50   C CA  . PRO B 2 3   ? 6.084   -2.949  -10.898 1.00 9.66  ?  15  PRO A CA  1 
ATOM   51   C C   . PRO B 2 3   ? 7.151   -2.080  -11.567 1.00 10.73 ?  15  PRO A C   1 
ATOM   52   O O   . PRO B 2 3   ? 7.561   -1.049  -10.976 1.00 10.29 ?  15  PRO A O   1 
ATOM   53   C CB  . PRO B 2 3   ? 6.683   -4.256  -10.361 1.00 11.11 ?  15  PRO A CB  1 
ATOM   54   C CG  . PRO B 2 3   ? 5.563   -5.215  -10.541 1.00 11.06 ?  15  PRO A CG  1 
ATOM   55   C CD  . PRO B 2 3   ? 4.932   -4.859  -11.840 1.00 10.75 ?  15  PRO A CD  1 
ATOM   56   N N   . ALA B 2 4   ? 7.618   -2.422  -12.761 1.00 10.94 ?  16  ALA A N   1 
ATOM   57   C CA  . ALA B 2 4   ? 8.563   -1.587  -13.498 1.00 10.47 ?  16  ALA A CA  1 
ATOM   58   C C   . ALA B 2 4   ? 7.933   -0.238  -13.807 1.00 10.08 ?  16  ALA A C   1 
ATOM   59   O O   . ALA B 2 4   ? 8.589   0.798   -13.667 1.00 10.60 ?  16  ALA A O   1 
ATOM   60   C CB  . ALA B 2 4   ? 8.989   -2.248  -14.769 1.00 11.76 ?  16  ALA A CB  1 
ATOM   61   N N   . THR B 2 5   ? 6.653   -0.240  -14.232 1.00 10.52 ?  17  THR A N   1 
ATOM   62   C CA  . THR B 2 5   ? 6.023   0.999   -14.616 1.00 10.47 ?  17  THR A CA  1 
ATOM   63   C C   . THR B 2 5   ? 5.932   1.942   -13.415 1.00 10.11 ?  17  THR A C   1 
ATOM   64   O O   . THR B 2 5   ? 6.147   3.152   -13.542 1.00 10.07 ?  17  THR A O   1 
ATOM   65   C CB  . THR B 2 5   ? 4.681   0.737   -15.290 1.00 11.48 ?  17  THR A CB  1 
ATOM   66   O OG1 . THR B 2 5   ? 4.965   -0.005  -16.485 1.00 12.08 ?  17  THR A OG1 1 
ATOM   67   C CG2 . THR B 2 5   ? 3.898   2.010   -15.533 1.00 10.88 ?  17  THR A CG2 1 
ATOM   68   N N   . VAL B 2 6   ? 5.506   1.483   -12.230 1.00 9.37  ?  18  VAL A N   1 
ATOM   69   C CA  . VAL B 2 6   ? 5.369   2.402   -11.107 1.00 9.70  ?  18  VAL A CA  1 
ATOM   70   C C   . VAL B 2 6   ? 6.745   2.816   -10.589 1.00 9.56  ?  18  VAL A C   1 
ATOM   71   O O   . VAL B 2 6   ? 6.958   3.962   -10.169 1.00 10.63 ?  18  VAL A O   1 
ATOM   72   C CB  . VAL B 2 6   ? 4.426   1.900   -10.003 1.00 10.05 ?  18  VAL A CB  1 
ATOM   73   C CG1 . VAL B 2 6   ? 4.942   0.591   -9.420  1.00 11.97 ?  18  VAL A CG1 1 
ATOM   74   C CG2 . VAL B 2 6   ? 4.217   2.958   -8.927  1.00 11.07 ?  18  VAL A CG2 1 
ATOM   75   N N   . THR B 2 7   ? 7.742   1.955   -10.722 1.00 10.06 ?  19  THR A N   1 
ATOM   76   C CA  . THR B 2 7   ? 9.125   2.351   -10.400 1.00 10.23 ?  19  THR A CA  1 
ATOM   77   C C   . THR B 2 7   ? 9.594   3.546   -11.248 1.00 10.39 ?  19  THR A C   1 
ATOM   78   O O   . THR B 2 7   ? 10.232  4.486   -10.777 1.00 11.91 ?  19  THR A O   1 
ATOM   79   C CB  . THR B 2 7   ? 10.095  1.181   -10.593 1.00 10.70 ?  19  THR A CB  1 
ATOM   80   O OG1 . THR B 2 7   ? 9.703   0.090   -9.767  1.00 10.77 ?  19  THR A OG1 1 
ATOM   81   C CG2 . THR B 2 7   ? 11.514  1.554   -10.229 1.00 10.73 ?  19  THR A CG2 1 
ATOM   82   N N   . GLU B 2 8   ? 9.274   3.499   -12.528 1.00 10.58 ?  20  GLU A N   1 
ATOM   83   C CA  . GLU B 2 8   ? 9.855   4.427   -13.510 1.00 12.35 ?  20  GLU A CA  1 
ATOM   84   C C   . GLU B 2 8   ? 8.960   5.642   -13.728 1.00 11.48 ?  20  GLU A C   1 
ATOM   85   O O   . GLU B 2 8   ? 9.434   6.697   -14.205 1.00 14.05 ?  20  GLU A O   1 
ATOM   86   C CB  . GLU B 2 8   ? 10.112  3.676   -14.838 1.00 14.64 ?  20  GLU A CB  1 
ATOM   87   C CG  . GLU B 2 8   ? 11.253  2.678   -14.674 1.00 17.90 ?  20  GLU A CG  1 
ATOM   88   C CD  . GLU B 2 8   ? 11.630  1.806   -15.867 1.00 23.74 ?  20  GLU A CD  1 
ATOM   89   O OE1 . GLU B 2 8   ? 10.854  1.709   -16.833 1.00 26.58 ?  20  GLU A OE1 1 
ATOM   90   O OE2 . GLU B 2 8   ? 12.728  1.203   -15.807 1.00 26.87 -1 20  GLU A OE2 1 
ATOM   91   N N   . GLN B 2 9   ? 7.651   5.490   -13.470 1.00 10.85 ?  21  GLN A N   1 
ATOM   92   C CA  . GLN B 2 9   ? 6.635   6.450   -13.853 1.00 10.22 ?  21  GLN A CA  1 
ATOM   93   C C   . GLN B 2 9   ? 5.716   6.839   -12.704 1.00 10.75 ?  21  GLN A C   1 
ATOM   94   O O   . GLN B 2 9   ? 4.757   7.617   -12.903 1.00 11.89 ?  21  GLN A O   1 
ATOM   95   C CB  . GLN B 2 9   ? 5.742   5.922   -14.977 1.00 10.51 ?  21  GLN A CB  1 
ATOM   96   C CG  . GLN B 2 9   ? 6.463   5.334   -16.166 1.00 12.55 ?  21  GLN A CG  1 
ATOM   97   C CD  . GLN B 2 9   ? 7.269   6.328   -16.961 1.00 12.82 ?  21  GLN A CD  1 
ATOM   98   O OE1 . GLN B 2 9   ? 7.012   7.530   -16.992 1.00 14.42 ?  21  GLN A OE1 1 
ATOM   99   N NE2 . GLN B 2 9   ? 8.311   5.854   -17.628 1.00 16.67 ?  21  GLN A NE2 1 
ATOM   100  N N   . GLY B 2 10  ? 6.053   6.449   -11.467 1.00 9.09  ?  22  GLY A N   1 
ATOM   101  C CA  . GLY B 2 10  ? 5.245   6.791   -10.318 1.00 9.51  ?  22  GLY A CA  1 
ATOM   102  C C   . GLY B 2 10  ? 5.618   8.137   -9.703  1.00 10.01 ?  22  GLY A C   1 
ATOM   103  O O   . GLY B 2 10  ? 6.684   8.674   -9.961  1.00 11.12 ?  22  GLY A O   1 
ATOM   104  N N   . GLU B 2 11  ? 4.675   8.661   -8.950  1.00 9.67  ?  23  GLU A N   1 
ATOM   105  C CA  . GLU B 2 11  ? 4.808   9.969   -8.318  1.00 10.21 ?  23  GLU A CA  1 
ATOM   106  C C   . GLU B 2 11  ? 5.221   9.773   -6.871  1.00 10.29 ?  23  GLU A C   1 
ATOM   107  O O   . GLU B 2 11  ? 4.593   9.004   -6.135  1.00 9.58  ?  23  GLU A O   1 
ATOM   108  C CB  . GLU B 2 11  ? 3.507   10.737  -8.415  1.00 11.47 ?  23  GLU A CB  1 
ATOM   109  C CG  . GLU B 2 11  ? 3.606   12.132  -7.795  1.00 14.09 ?  23  GLU A CG  1 
ATOM   110  C CD  . GLU B 2 11  ? 2.365   12.942  -8.053  1.00 18.56 ?  23  GLU A CD  1 
ATOM   111  O OE1 . GLU B 2 11  ? 2.048   13.186  -9.241  1.00 20.53 ?  23  GLU A OE1 1 
ATOM   112  O OE2 . GLU B 2 11  ? 1.683   13.319  -7.061  1.00 22.56 -1 23  GLU A OE2 1 
ATOM   113  N N   . ASP B 2 12  ? 6.211   10.545  -6.406  1.00 9.63  ?  24  ASP A N   1 
ATOM   114  C CA  . ASP B 2 12  ? 6.643   10.482  -5.021  1.00 10.25 ?  24  ASP A CA  1 
ATOM   115  C C   . ASP B 2 12  ? 5.590   11.175  -4.164  1.00 10.01 ?  24  ASP A C   1 
ATOM   116  O O   . ASP B 2 12  ? 5.341   12.364  -4.296  1.00 11.45 ?  24  ASP A O   1 
ATOM   117  C CB  . ASP B 2 12  ? 7.987   11.163  -4.837  1.00 10.66 ?  24  ASP A CB  1 
ATOM   118  C CG  . ASP B 2 12  ? 8.604   11.076  -3.476  1.00 12.44 ?  24  ASP A CG  1 
ATOM   119  O OD1 . ASP B 2 12  ? 7.970   10.516  -2.567  1.00 12.64 ?  24  ASP A OD1 1 
ATOM   120  O OD2 . ASP B 2 12  ? 9.736   11.595  -3.348  1.00 12.75 -1 24  ASP A OD2 1 
ATOM   121  N N   . ILE B 2 13  ? 5.005   10.461  -3.216  1.00 10.32 ?  25  ILE A N   1 
ATOM   122  C CA  . ILE B 2 13  ? 3.960   10.979  -2.352  1.00 10.04 ?  25  ILE A CA  1 
ATOM   123  C C   . ILE B 2 13  ? 4.472   11.120  -0.908  1.00 11.37 ?  25  ILE A C   1 
ATOM   124  O O   . ILE B 2 13  ? 3.697   11.362  0.003   1.00 12.69 ?  25  ILE A O   1 
ATOM   125  C CB  . ILE B 2 13  ? 2.690   10.094  -2.397  1.00 10.05 ?  25  ILE A CB  1 
ATOM   126  C CG1 . ILE B 2 13  ? 2.931   8.623   -2.046  1.00 11.00 ?  25  ILE A CG1 1 
ATOM   127  C CG2 . ILE B 2 13  ? 2.020   10.203  -3.752  1.00 11.00 ?  25  ILE A CG2 1 
ATOM   128  C CD1 . ILE B 2 13  ? 1.681   7.867   -1.682  1.00 11.72 ?  25  ILE A CD1 1 
ATOM   129  N N   . THR B 2 14  ? 5.771   10.961  -0.694  1.00 11.57 ?  26  THR A N   1 
ATOM   130  C CA  . THR B 2 14  ? 6.299   11.176  0.662   1.00 10.77 ?  26  THR A CA  1 
ATOM   131  C C   . THR B 2 14  ? 6.354   12.661  0.987   1.00 11.93 ?  26  THR A C   1 
ATOM   132  O O   . THR B 2 14  ? 6.604   13.491  0.158   1.00 12.44 ?  26  THR A O   1 
ATOM   133  C CB  . THR B 2 14  ? 7.673   10.535  0.817   1.00 10.74 ?  26  THR A CB  1 
ATOM   134  O OG1 . THR B 2 14  ? 8.643   11.148  -0.039  1.00 11.44 ?  26  THR A OG1 1 
ATOM   135  C CG2 . THR B 2 14  ? 7.597   9.036   0.587   1.00 11.43 ?  26  THR A CG2 1 
ATOM   136  N N   . SER B 2 15  ? 6.329   12.922  2.305   1.00 11.94 ?  27  SER A N   1 
ATOM   137  C CA  . SER B 2 15  ? 6.629   14.253  2.804   1.00 12.82 ?  27  SER A CA  1 
ATOM   138  C C   . SER B 2 15  ? 8.117   14.569  2.665   1.00 12.54 ?  27  SER A C   1 
ATOM   139  O O   . SER B 2 15  ? 8.433   15.733  2.416   1.00 13.45 ?  27  SER A O   1 
ATOM   140  C CB  . SER B 2 15  ? 6.151   14.425  4.202   1.00 15.60 ?  27  SER A CB  1 
ATOM   141  O OG  . SER B 2 15  ? 6.883   13.670  5.115   1.00 21.97 ?  27  SER A OG  1 
ATOM   142  N N   . LYS B 2 16  ? 8.985   13.565  2.825   1.00 12.70 ?  28  LYS A N   1 
ATOM   143  C CA  . LYS B 2 16  ? 10.418  13.805  2.762   1.00 14.47 ?  28  LYS A CA  1 
ATOM   144  C C   . LYS B 2 16  ? 10.881  14.074  1.341   1.00 13.76 ?  28  LYS A C   1 
ATOM   145  O O   . LYS B 2 16  ? 11.981  14.597  1.154   1.00 16.85 ?  28  LYS A O   1 
ATOM   146  C CB  . LYS B 2 16  ? 11.182  12.633  3.392   1.00 17.63 ?  28  LYS A CB  1 
ATOM   147  C CG  . LYS B 2 16  ? 11.296  12.770  4.899   1.00 24.08 ?  28  LYS A CG  1 
ATOM   148  C CD  . LYS B 2 16  ? 12.216  11.804  5.550   1.00 31.71 ?  28  LYS A CD  1 
ATOM   149  C CE  . LYS B 2 16  ? 12.069  11.865  7.059   1.00 37.52 ?  28  LYS A CE  1 
ATOM   150  N NZ  . LYS B 2 16  ? 12.795  10.770  7.739   1.00 42.13 ?  28  LYS A NZ  1 
ATOM   151  N N   . LYS B 2 17  ? 10.143  13.588  0.350   1.00 11.39 ?  29  LYS A N   1 
ATOM   152  C CA  . LYS B 2 17  ? 10.540  13.640  -1.070  1.00 13.06 ?  29  LYS A CA  1 
ATOM   153  C C   . LYS B 2 17  ? 11.841  12.844  -1.269  1.00 13.49 ?  29  LYS A C   1 
ATOM   154  O O   . LYS B 2 17  ? 12.783  13.269  -1.950  1.00 14.81 ?  29  LYS A O   1 
ATOM   155  C CB  . LYS B 2 17  ? 10.568  15.061  -1.642  1.00 13.96 ?  29  LYS A CB  1 
ATOM   156  C CG  . LYS B 2 17  ? 9.238   15.789  -1.605  1.00 14.92 ?  29  LYS A CG  1 
ATOM   157  C CD  . LYS B 2 17  ? 8.158   15.087  -2.380  1.00 17.67 ?  29  LYS A CD  1 
ATOM   158  C CE  . LYS B 2 17  ? 6.842   15.859  -2.514  1.00 17.89 ?  29  LYS A CE  1 
ATOM   159  N NZ  . LYS B 2 17  ? 6.174   15.970  -1.193  1.00 19.68 ?  29  LYS A NZ  1 
ATOM   160  N N   . ASP B 2 18  ? 11.822  11.625  -0.736  1.00 11.50 ?  30  ASP A N   1 
ATOM   161  C CA  . ASP B 2 18  ? 12.956  10.688  -0.828  1.00 11.05 ?  30  ASP A CA  1 
ATOM   162  C C   . ASP B 2 18  ? 12.640  9.509   -1.728  1.00 11.87 ?  30  ASP A C   1 
ATOM   163  O O   . ASP B 2 18  ? 13.430  8.611   -1.796  1.00 14.18 ?  30  ASP A O   1 
ATOM   164  C CB  . ASP B 2 18  ? 13.359  10.226  0.575   1.00 12.20 ?  30  ASP A CB  1 
ATOM   165  C CG  . ASP B 2 18  ? 12.287  9.434   1.311   1.00 11.89 ?  30  ASP A CG  1 
ATOM   166  O OD1 . ASP B 2 18  ? 11.260  9.068   0.648   1.00 13.99 ?  30  ASP A OD1 1 
ATOM   167  O OD2 . ASP B 2 18  ? 12.453  9.224   2.548   1.00 14.59 -1 30  ASP A OD2 1 
ATOM   168  N N   . ARG B 2 19  ? 11.574  9.615   -2.536  1.00 11.22 ?  31  ARG A N   1 
ATOM   169  C CA  . ARG B 2 19  ? 11.134  8.550   -3.489  1.00 12.38 ?  31  ARG A CA  1 
ATOM   170  C C   . ARG B 2 19  ? 10.911  7.214   -2.794  1.00 12.65 ?  31  ARG A C   1 
ATOM   171  O O   . ARG B 2 19  ? 10.931  6.150   -3.455  1.00 12.99 ?  31  ARG A O   1 
ATOM   172  C CB  . ARG B 2 19  ? 12.045  8.489   -4.718  1.00 13.78 ?  31  ARG A CB  1 
ATOM   173  C CG  . ARG B 2 19  ? 11.841  9.721   -5.593  1.00 14.90 ?  31  ARG A CG  1 
ATOM   174  C CD  . ARG B 2 19  ? 12.596  9.756   -6.885  1.00 15.78 ?  31  ARG A CD  1 
ATOM   175  N NE  . ARG B 2 19  ? 12.257  8.586   -7.689  1.00 15.67 ?  31  ARG A NE  1 
ATOM   176  C CZ  . ARG B 2 19  ? 11.336  8.588   -8.667  1.00 13.55 ?  31  ARG A CZ  1 
ATOM   177  N NH1 . ARG B 2 19  ? 10.575  9.634   -8.893  1.00 15.90 ?  31  ARG A NH1 1 
ATOM   178  N NH2 . ARG B 2 19  ? 11.194  7.534   -9.439  1.00 16.31 ?  31  ARG A NH2 1 
ATOM   179  N N   . GLY B 2 20  ? 10.609  7.233   -1.489  1.00 10.63 ?  32  GLY A N   1 
ATOM   180  C CA  . GLY B 2 20  ? 10.418  6.017   -0.773  1.00 10.99 ?  32  GLY A CA  1 
ATOM   181  C C   . GLY B 2 20  ? 9.093   5.336   -1.058  1.00 11.05 ?  32  GLY A C   1 
ATOM   182  O O   . GLY B 2 20  ? 8.947   4.131   -0.815  1.00 9.98  ?  32  GLY A O   1 
ATOM   183  N N   . VAL B 2 21  ? 8.102   6.111   -1.487  1.00 9.51  ?  33  VAL A N   1 
ATOM   184  C CA  . VAL B 2 21  ? 6.773   5.610   -1.804  1.00 9.97  ?  33  VAL A CA  1 
ATOM   185  C C   . VAL B 2 21  ? 6.324   6.277   -3.099  1.00 8.49  ?  33  VAL A C   1 
ATOM   186  O O   . VAL B 2 21  ? 6.172   7.510   -3.102  1.00 9.64  ?  33  VAL A O   1 
ATOM   187  C CB  . VAL B 2 21  ? 5.731   5.827   -0.690  1.00 11.13 ?  33  VAL A CB  1 
ATOM   188  C CG1 . VAL B 2 21  ? 4.414   5.145   -1.028  1.00 12.42 ?  33  VAL A CG1 1 
ATOM   189  C CG2 . VAL B 2 21  ? 6.265   5.332   0.638   1.00 11.59 ?  33  VAL A CG2 1 
ATOM   190  N N   . LEU B 2 22  ? 6.168   5.516   -4.180  1.00 8.81  ?  34  LEU A N   1 
ATOM   191  C CA  . LEU B 2 22  ? 5.732   6.055   -5.478  1.00 9.71  ?  34  LEU A CA  1 
ATOM   192  C C   . LEU B 2 22  ? 4.357   5.510   -5.742  1.00 10.34 ?  34  LEU A C   1 
ATOM   193  O O   . LEU B 2 22  ? 4.052   4.346   -5.402  1.00 10.23 ?  34  LEU A O   1 
ATOM   194  C CB  . LEU B 2 22  ? 6.683   5.621   -6.607  1.00 11.47 ?  34  LEU A CB  1 
ATOM   195  C CG  . LEU B 2 22  ? 8.144   5.993   -6.408  1.00 11.54 ?  34  LEU A CG  1 
ATOM   196  C CD1 . LEU B 2 22  ? 9.009   5.346   -7.501  1.00 12.50 ?  34  LEU A CD1 1 
ATOM   197  C CD2 . LEU B 2 22  ? 8.276   7.498   -6.334  1.00 13.51 ?  34  LEU A CD2 1 
ATOM   198  N N   . LYS B 2 23  ? 3.539   6.328   -6.403  1.00 9.38  ?  35  LYS A N   1 
ATOM   199  C CA  . LYS B 2 23  ? 2.152   5.974   -6.653  1.00 9.31  ?  35  LYS A CA  1 
ATOM   200  C C   . LYS B 2 23  ? 1.739   6.260   -8.100  1.00 9.28  ?  35  LYS A C   1 
ATOM   201  O O   . LYS B 2 23  ? 2.108   7.290   -8.644  1.00 9.76  ?  35  LYS A O   1 
ATOM   202  C CB  . LYS B 2 23  ? 1.277   6.826   -5.732  1.00 9.44  ?  35  LYS A CB  1 
ATOM   203  C CG  . LYS B 2 23  ? -0.201  6.532   -5.798  1.00 9.25  ?  35  LYS A CG  1 
ATOM   204  C CD  . LYS B 2 23  ? -1.081  7.486   -5.026  1.00 9.62  ?  35  LYS A CD  1 
ATOM   205  C CE  . LYS B 2 23  ? -2.568  7.158   -5.175  1.00 9.76  ?  35  LYS A CE  1 
ATOM   206  N NZ  . LYS B 2 23  ? -3.476  8.181   -4.601  1.00 10.57 ?  35  LYS A NZ  1 
ATOM   207  N N   . ILE B 2 24  ? 0.911   5.394   -8.671  1.00 8.45  ?  36  ILE A N   1 
ATOM   208  C CA  . ILE B 2 24  ? 0.100   5.660   -9.879  1.00 8.14  ?  36  ILE A CA  1 
ATOM   209  C C   . ILE B 2 24  ? -1.368  5.386   -9.536  1.00 8.97  ?  36  ILE A C   1 
ATOM   210  O O   . ILE B 2 24  ? -1.723  4.332   -9.019  1.00 9.67  ?  36  ILE A O   1 
ATOM   211  C CB  . ILE B 2 24  ? 0.544   4.772   -11.052 1.00 9.16  ?  36  ILE A CB  1 
ATOM   212  C CG1 . ILE B 2 24  ? 1.953   5.143   -11.518 1.00 9.46  ?  36  ILE A CG1 1 
ATOM   213  C CG2 . ILE B 2 24  ? -0.374  4.876   -12.256 1.00 9.56  ?  36  ILE A CG2 1 
ATOM   214  C CD1 . ILE B 2 24  ? 2.527   4.167   -12.513 1.00 10.09 ?  36  ILE A CD1 1 
ATOM   215  N N   . VAL B 2 25  ? -2.216  6.331   -9.909  1.00 8.93  ?  37  VAL A N   1 
ATOM   216  C CA  . VAL B 2 25  ? -3.672  6.150   -9.805  1.00 9.58  ?  37  VAL A CA  1 
ATOM   217  C C   . VAL B 2 25  ? -4.098  5.339   -11.013 1.00 9.50  ?  37  VAL A C   1 
ATOM   218  O O   . VAL B 2 25  ? -3.929  5.802   -12.115 1.00 10.71 ?  37  VAL A O   1 
ATOM   219  C CB  . VAL B 2 25  ? -4.471  7.447   -9.689  1.00 9.54  ?  37  VAL A CB  1 
ATOM   220  C CG1 . VAL B 2 25  ? -5.949  7.115   -9.604  1.00 11.28 ?  37  VAL A CG1 1 
ATOM   221  C CG2 . VAL B 2 25  ? -4.056  8.212   -8.461  1.00 11.06 ?  37  VAL A CG2 1 
ATOM   222  N N   . LYS B 2 26  ? -4.639  4.151   -10.772 1.00 9.28  ?  38  LYS A N   1 
ATOM   223  C CA  . LYS B 2 26  ? -5.089  3.235   -11.864 1.00 10.36 ?  38  LYS A CA  1 
ATOM   224  C C   . LYS B 2 26  ? -6.581  3.374   -12.145 1.00 11.18 ?  38  LYS A C   1 
ATOM   225  O O   . LYS B 2 26  ? -6.992  3.251   -13.320 1.00 12.19 ?  38  LYS A O   1 
ATOM   226  C CB  . LYS B 2 26  ? -4.731  1.781   -11.554 1.00 10.40 ?  38  LYS A CB  1 
ATOM   227  C CG  . LYS B 2 26  ? -3.226  1.519   -11.485 1.00 12.38 ?  38  LYS A CG  1 
ATOM   228  C CD  . LYS B 2 26  ? -2.498  1.593   -12.823 1.00 11.20 ?  38  LYS A CD  1 
ATOM   229  C CE  . LYS B 2 26  ? -2.910  0.422   -13.706 1.00 12.07 ?  38  LYS A CE  1 
ATOM   230  N NZ  . LYS B 2 26  ? -2.167  0.384   -14.988 1.00 13.97 ?  38  LYS A NZ  1 
ATOM   231  N N   . ARG B 2 27  ? -7.411  3.560   -11.125 1.00 10.33 ?  39  ARG A N   1 
ATOM   232  C CA  . ARG B 2 27  ? -8.821  3.839   -11.312 1.00 11.14 ?  39  ARG A CA  1 
ATOM   233  C C   . ARG B 2 27  ? -9.177  4.985   -10.404 1.00 11.37 ?  39  ARG A C   1 
ATOM   234  O O   . ARG B 2 27  ? -9.023  4.857   -9.186  1.00 11.71 ?  39  ARG A O   1 
ATOM   235  C CB  . ARG B 2 27  ? -9.727  2.664   -11.009 1.00 13.04 ?  39  ARG A CB  1 
ATOM   236  C CG  . ARG B 2 27  ? -11.191 2.989   -11.281 1.00 14.30 ?  39  ARG A CG  1 
ATOM   237  C CD  . ARG B 2 27  ? -12.096 1.848   -10.961 1.00 15.27 ?  39  ARG A CD  1 
ATOM   238  N NE  . ARG B 2 27  ? -12.256 1.608   -9.534  1.00 14.08 ?  39  ARG A NE  1 
ATOM   239  C CZ  . ARG B 2 27  ? -12.753 0.528   -9.007  1.00 14.76 ?  39  ARG A CZ  1 
ATOM   240  N NH1 . ARG B 2 27  ? -12.942 -0.563  -9.738  1.00 17.86 ?  39  ARG A NH1 1 
ATOM   241  N NH2 . ARG B 2 27  ? -13.036 0.491   -7.710  1.00 14.61 ?  39  ARG A NH2 1 
ATOM   242  N N   . VAL B 2 28  ? -9.628  6.081   -10.989 1.00 11.91 ?  40  VAL A N   1 
ATOM   243  C CA  . VAL B 2 28  ? -10.009 7.265   -10.291 1.00 11.85 ?  40  VAL A CA  1 
ATOM   244  C C   . VAL B 2 28  ? -11.263 6.939   -9.458  1.00 11.75 ?  40  VAL A C   1 
ATOM   245  O O   . VAL B 2 28  ? -12.190 6.233   -9.927  1.00 13.32 ?  40  VAL A O   1 
ATOM   246  C CB  . VAL B 2 28  ? -10.297 8.429   -11.248 1.00 13.51 ?  40  VAL A CB  1 
ATOM   247  C CG1 . VAL B 2 28  ? -10.874 9.633   -10.532 1.00 13.75 ?  40  VAL A CG1 1 
ATOM   248  C CG2 . VAL B 2 28  ? -9.019  8.847   -11.945 1.00 16.37 ?  40  VAL A CG2 1 
ATOM   249  N N   . GLY B 2 29  ? -11.252 7.370   -8.194  1.00 11.16 ?  41  GLY A N   1 
ATOM   250  C CA  . GLY B 2 29  ? -12.364 7.098   -7.264  1.00 11.62 ?  41  GLY A CA  1 
ATOM   251  C C   . GLY B 2 29  ? -13.342 8.238   -7.244  1.00 13.60 ?  41  GLY A C   1 
ATOM   252  O O   . GLY B 2 29  ? -13.393 9.066   -8.179  1.00 14.11 ?  41  GLY A O   1 
ATOM   253  N N   . ASN B 2 30  ? -14.165 8.227   -6.187  1.00 13.08 ?  42  ASN A N   1 
ATOM   254  C CA  . ASN B 2 30  ? -15.348 9.049   -6.137  1.00 13.28 ?  42  ASN A CA  1 
ATOM   255  C C   . ASN B 2 30  ? -15.078 10.340  -5.372  1.00 15.04 ?  42  ASN A C   1 
ATOM   256  O O   . ASN B 2 30  ? -14.600 10.354  -4.249  1.00 16.67 ?  42  ASN A O   1 
ATOM   257  C CB  . ASN B 2 30  ? -16.467 8.256   -5.454  1.00 13.17 ?  42  ASN A CB  1 
ATOM   258  C CG  . ASN B 2 30  ? -16.735 6.935   -6.136  1.00 16.52 ?  42  ASN A CG  1 
ATOM   259  O OD1 . ASN B 2 30  ? -16.712 6.862   -7.358  1.00 17.37 ?  42  ASN A OD1 1 
ATOM   260  N ND2 . ASN B 2 30  ? -17.064 5.913   -5.377  1.00 17.60 ?  42  ASN A ND2 1 
ATOM   261  N N   . GLY B 2 31  ? -15.478 11.436  -5.991  1.00 16.11 ?  43  GLY A N   1 
ATOM   262  C CA  . GLY B 2 31  ? -15.430 12.751  -5.362  1.00 16.00 ?  43  GLY A CA  1 
ATOM   263  C C   . GLY B 2 31  ? -14.020 13.182  -5.017  1.00 16.80 ?  43  GLY A C   1 
ATOM   264  O O   . GLY B 2 31  ? -13.058 12.830  -5.690  1.00 18.88 ?  43  GLY A O   1 
ATOM   265  N N   . GLU B 2 32  ? -13.909 13.934  -3.925  1.00 17.10 ?  44  GLU A N   1 
ATOM   266  C CA  . GLU B 2 32  ? -12.650 14.536  -3.538  1.00 16.56 ?  44  GLU A CA  1 
ATOM   267  C C   . GLU B 2 32  ? -12.174 14.072  -2.166  1.00 14.55 ?  44  GLU A C   1 
ATOM   268  O O   . GLU B 2 32  ? -11.016 14.365  -1.854  1.00 20.50 ?  44  GLU A O   1 
ATOM   269  C CB  . GLU B 2 32  ? -12.745 16.078  -3.511  1.00 19.64 ?  44  GLU A CB  1 
ATOM   270  C CG  . GLU B 2 32  ? -13.144 16.680  -4.862  1.00 22.12 ?  44  GLU A CG  1 
ATOM   271  C CD  . GLU B 2 32  ? -13.135 18.211  -4.924  1.00 30.61 ?  44  GLU A CD  1 
ATOM   272  O OE1 . GLU B 2 32  ? -13.422 18.747  -6.006  1.00 40.17 ?  44  GLU A OE1 1 
ATOM   273  O OE2 . GLU B 2 32  ? -12.854 18.873  -3.899  1.00 39.61 -1 44  GLU A OE2 1 
ATOM   274  N N   . GLU B 2 33  ? -13.006 13.462  -1.325  1.00 14.66 ?  45  GLU A N   1 
ATOM   275  C CA  . GLU B 2 33  ? -12.624 13.276  0.036   1.00 14.98 ?  45  GLU A CA  1 
ATOM   276  C C   . GLU B 2 33  ? -11.754 12.018  0.155   1.00 12.49 ?  45  GLU A C   1 
ATOM   277  O O   . GLU B 2 33  ? -11.976 10.955  -0.426  1.00 14.79 ?  45  GLU A O   1 
ATOM   278  C CB  . GLU B 2 33  ? -13.837 13.174  0.960   1.00 16.70 ?  45  GLU A CB  1 
ATOM   279  C CG  . GLU B 2 33  ? -13.476 13.272  2.420   1.00 17.13 ?  45  GLU A CG  1 
ATOM   280  C CD  . GLU B 2 33  ? -14.659 13.307  3.371   1.00 18.69 ?  45  GLU A CD  1 
ATOM   281  O OE1 . GLU B 2 33  ? -15.823 12.921  2.931   1.00 21.20 ?  45  GLU A OE1 1 
ATOM   282  O OE2 . GLU B 2 33  ? -14.399 13.564  4.576   1.00 16.44 -1 45  GLU A OE2 1 
ATOM   283  N N   . THR B 2 34  ? -10.741 12.169  1.012   1.00 12.66 ?  46  THR A N   1 
ATOM   284  C CA  . THR B 2 34  ? -9.861  11.138  1.431   1.00 11.68 ?  46  THR A CA  1 
ATOM   285  C C   . THR B 2 34  ? -10.116 10.850  2.895   1.00 12.20 ?  46  THR A C   1 
ATOM   286  O O   . THR B 2 34  ? -10.670 11.673  3.597   1.00 12.41 ?  46  THR A O   1 
ATOM   287  C CB  . THR B 2 34  ? -8.395  11.482  1.188   1.00 12.50 ?  46  THR A CB  1 
ATOM   288  O OG1 . THR B 2 34  ? -8.055  12.595  2.039   1.00 13.64 ?  46  THR A OG1 1 
ATOM   289  C CG2 . THR B 2 34  ? -8.108  11.796  -0.270  1.00 13.42 ?  46  THR A CG2 1 
ATOM   290  N N   . PRO B 2 35  ? -9.707  9.700   3.431   1.00 11.78 ?  47  PRO A N   1 
ATOM   291  C CA  . PRO B 2 35  ? -9.999  9.389   4.821   1.00 11.57 ?  47  PRO A CA  1 
ATOM   292  C C   . PRO B 2 35  ? -9.194  10.270  5.769   1.00 11.99 ?  47  PRO A C   1 
ATOM   293  O O   . PRO B 2 35  ? -8.301  10.952  5.358   1.00 13.78 ?  47  PRO A O   1 
ATOM   294  C CB  . PRO B 2 35  ? -9.599  7.911   4.981   1.00 13.56 ?  47  PRO A CB  1 
ATOM   295  C CG  . PRO B 2 35  ? -8.924  7.475   3.669   1.00 14.28 ?  47  PRO A CG  1 
ATOM   296  C CD  . PRO B 2 35  ? -9.135  8.572   2.679   1.00 12.77 ?  47  PRO A CD  1 
ATOM   297  N N   . MET B 2 36  ? -9.631  10.288  7.029   1.00 11.37 ?  48  MET A N   1 
ATOM   298  C CA  . MET B 2 36  ? -8.871  11.039  8.030   1.00 11.58 ?  48  MET A CA  1 
ATOM   299  C C   . MET B 2 36  ? -8.226  10.056  8.998   1.00 11.23 ?  48  MET A C   1 
ATOM   300  O O   . MET B 2 36  ? -8.647  8.908   9.161   1.00 10.30 ?  48  MET A O   1 
ATOM   301  C CB  . MET B 2 36  ? -9.700  12.095  8.771   1.00 14.04 ?  48  MET A CB  1 
ATOM   302  C CG  . MET B 2 36  ? -10.618 11.535  9.776   1.00 13.91 ?  48  MET A CG  1 
ATOM   303  S SD  . MET B 2 36  ? -11.380 12.903  10.768  1.00 14.03 ?  48  MET A SD  1 
ATOM   304  C CE  . MET B 2 36  ? -10.134 13.375  11.932  1.00 14.46 ?  48  MET A CE  1 
ATOM   305  N N   . ILE B 2 37  ? -7.208  10.550  9.703   1.00 11.05 ?  49  ILE A N   1 
ATOM   306  C CA  . ILE B 2 37  ? -6.558  9.800   10.755  1.00 10.94 ?  49  ILE A CA  1 
ATOM   307  C C   . ILE B 2 37  ? -7.583  9.187   11.703  1.00 11.31 ?  49  ILE A C   1 
ATOM   308  O O   . ILE B 2 37  ? -8.547  9.807   12.190  1.00 12.12 ?  49  ILE A O   1 
ATOM   309  C CB  . ILE B 2 37  ? -5.545  10.654  11.524  1.00 11.71 ?  49  ILE A CB  1 
ATOM   310  C CG1 . ILE B 2 37  ? -4.758  9.842   12.564  1.00 13.71 ?  49  ILE A CG1 1 
ATOM   311  C CG2 . ILE B 2 37  ? -6.177  11.884  12.150  1.00 12.81 ?  49  ILE A CG2 1 
ATOM   312  C CD1 . ILE B 2 37  ? -3.607  10.574  13.243  1.00 14.85 ?  49  ILE A CD1 1 
ATOM   313  N N   . GLY B 2 38  ? -7.320  7.907   11.961  1.00 11.49 ?  50  GLY A N   1 
ATOM   314  C CA  . GLY B 2 38  ? -8.130  7.095   12.818  1.00 11.50 ?  50  GLY A CA  1 
ATOM   315  C C   . GLY B 2 38  ? -9.381  6.475   12.194  1.00 13.16 ?  50  GLY A C   1 
ATOM   316  O O   . GLY B 2 38  ? -10.082 5.640   12.820  1.00 15.21 ?  50  GLY A O   1 
ATOM   317  N N   . ASP B 2 39  ? -9.692  6.784   10.946  1.00 11.96 ?  51  ASP A N   1 
ATOM   318  C CA  . ASP B 2 39  ? -10.785 6.173   10.308  1.00 12.24 ?  51  ASP A CA  1 
ATOM   319  C C   . ASP B 2 39  ? -10.524 4.688   10.129  1.00 12.40 ?  51  ASP A C   1 
ATOM   320  O O   . ASP B 2 39  ? -9.408  4.286   9.932   1.00 12.55 ?  51  ASP A O   1 
ATOM   321  C CB  . ASP B 2 39  ? -11.088 6.728   8.923   1.00 11.48 ?  51  ASP A CB  1 
ATOM   322  C CG  . ASP B 2 39  ? -11.824 8.065   8.856   1.00 12.49 ?  51  ASP A CG  1 
ATOM   323  O OD1 . ASP B 2 39  ? -12.347 8.533   9.900   1.00 14.00 ?  51  ASP A OD1 1 
ATOM   324  O OD2 . ASP B 2 39  ? -11.876 8.621   7.741   1.00 12.70 -1 51  ASP A OD2 1 
ATOM   325  N N   . LYS B 2 40  ? -11.624 3.940   10.182  1.00 11.99 ?  52  LYS A N   1 
ATOM   326  C CA  . LYS B 2 40  ? -11.594 2.513   9.786   1.00 12.41 ?  52  LYS A CA  1 
ATOM   327  C C   . LYS B 2 40  ? -11.612 2.486   8.268   1.00 12.98 ?  52  LYS A C   1 
ATOM   328  O O   . LYS B 2 40  ? -12.548 2.982   7.654   1.00 16.52 ?  52  LYS A O   1 
ATOM   329  C CB  . LYS B 2 40  ? -12.810 1.803   10.337  1.00 15.70 ?  52  LYS A CB  1 
ATOM   330  C CG  . LYS B 2 40  ? -12.852 0.298   10.120  1.00 19.75 ?  52  LYS A CG  1 
ATOM   331  C CD  . LYS B 2 40  ? -14.024 -0.337  10.924  1.00 24.50 ?  52  LYS A CD  1 
ATOM   332  C CE  . LYS B 2 40  ? -13.971 -1.855  10.962  1.00 29.48 ?  52  LYS A CE  1 
ATOM   333  N NZ  . LYS B 2 40  ? -14.473 -2.398  12.247  1.00 37.55 ?  52  LYS A NZ  1 
ATOM   334  N N   . VAL B 2 41  ? -10.565 1.885   7.692   1.00 11.28 ?  53  VAL A N   1 
ATOM   335  C CA  . VAL B 2 41  ? -10.484 1.800   6.244   1.00 11.53 ?  53  VAL A CA  1 
ATOM   336  C C   . VAL B 2 41  ? -10.532 0.323   5.862   1.00 11.53 ?  53  VAL A C   1 
ATOM   337  O O   . VAL B 2 41  ? -10.013 -0.513  6.539   1.00 13.35 ?  53  VAL A O   1 
ATOM   338  C CB  . VAL B 2 41  ? -9.234  2.503   5.696   1.00 12.29 ?  53  VAL A CB  1 
ATOM   339  C CG1 . VAL B 2 41  ? -9.276  4.006   5.928   1.00 13.54 ?  53  VAL A CG1 1 
ATOM   340  C CG2 . VAL B 2 41  ? -7.940  1.925   6.245   1.00 14.89 ?  53  VAL A CG2 1 
ATOM   341  N N   . TYR B 2 42  ? -11.157 0.092   4.722   1.00 10.79 ?  54  TYR A N   1 
ATOM   342  C CA  . TYR B 2 42  ? -11.343 -1.238  4.177   1.00 11.09 ?  54  TYR A CA  1 
ATOM   343  C C   . TYR B 2 42  ? -10.682 -1.268  2.816   1.00 11.05 ?  54  TYR A C   1 
ATOM   344  O O   . TYR B 2 42  ? -11.086 -0.505  1.945   1.00 10.30 ?  54  TYR A O   1 
ATOM   345  C CB  . TYR B 2 42  ? -12.849 -1.464  3.985   1.00 11.95 ?  54  TYR A CB  1 
ATOM   346  C CG  . TYR B 2 42  ? -13.714 -1.541  5.220   1.00 13.56 ?  54  TYR A CG  1 
ATOM   347  C CD1 . TYR B 2 42  ? -14.009 -0.387  5.927   1.00 15.62 ?  54  TYR A CD1 1 
ATOM   348  C CD2 . TYR B 2 42  ? -14.241 -2.753  5.631   1.00 15.35 ?  54  TYR A CD2 1 
ATOM   349  C CE1 . TYR B 2 42  ? -14.806 -0.459  7.076   1.00 17.97 ?  54  TYR A CE1 1 
ATOM   350  C CE2 . TYR B 2 42  ? -15.071 -2.836  6.751   1.00 18.92 ?  54  TYR A CE2 1 
ATOM   351  C CZ  . TYR B 2 42  ? -15.333 -1.680  7.461   1.00 20.97 ?  54  TYR A CZ  1 
ATOM   352  O OH  . TYR B 2 42  ? -16.132 -1.741  8.578   1.00 26.83 ?  54  TYR A OH  1 
ATOM   353  N N   . VAL B 2 43  ? -9.722  -2.163  2.639   1.00 11.36 ?  55  VAL A N   1 
ATOM   354  C CA  . VAL B 2 43  ? -9.001  -2.241  1.372   1.00 11.12 ?  55  VAL A CA  1 
ATOM   355  C C   . VAL B 2 43  ? -8.975  -3.682  0.866   1.00 11.68 ?  55  VAL A C   1 
ATOM   356  O O   . VAL B 2 43  ? -8.977  -4.641  1.634   1.00 11.54 ?  55  VAL A O   1 
ATOM   357  C CB  . VAL B 2 43  ? -7.554  -1.705  1.497   1.00 11.56 ?  55  VAL A CB  1 
ATOM   358  C CG1 . VAL B 2 43  ? -7.569  -0.288  1.988   1.00 11.97 ?  55  VAL A CG1 1 
ATOM   359  C CG2 . VAL B 2 43  ? -6.673  -2.559  2.403   1.00 13.02 ?  55  VAL A CG2 1 
ATOM   360  N N   . HIS B 2 44  ? -8.941  -3.780  -0.456  1.00 10.54 ?  56  HIS A N   1 
ATOM   361  C CA  . HIS B 2 44  ? -8.453  -4.995  -1.095  1.00 12.10 ?  56  HIS A CA  1 
ATOM   362  C C   . HIS B 2 44  ? -7.031  -4.735  -1.609  1.00 11.94 ?  56  HIS A C   1 
ATOM   363  O O   . HIS B 2 44  ? -6.709  -3.620  -1.994  1.00 12.30 ?  56  HIS A O   1 
ATOM   364  C CB  . HIS B 2 44  ? -9.355  -5.415  -2.251  1.00 12.20 ?  56  HIS A CB  1 
ATOM   365  C CG  . HIS B 2 44  ? -10.379 -6.423  -1.860  1.00 12.65 ?  56  HIS A CG  1 
ATOM   366  N ND1 . HIS B 2 44  ? -10.039 -7.498  -1.064  1.00 13.77 ?  56  HIS A ND1 1 
ATOM   367  C CD2 . HIS B 2 44  ? -11.690 -6.534  -2.182  1.00 15.03 ?  56  HIS A CD2 1 
ATOM   368  C CE1 . HIS B 2 44  ? -11.159 -8.214  -0.856  1.00 16.00 ?  56  HIS A CE1 1 
ATOM   369  N NE2 . HIS B 2 44  ? -12.150 -7.667  -1.565  1.00 16.49 ?  56  HIS A NE2 1 
ATOM   370  N N   . TYR B 2 45  ? -6.169  -5.733  -1.538  1.00 12.38 ?  57  TYR A N   1 
ATOM   371  C CA  . TYR B 2 45  ? -4.807  -5.559  -2.005  1.00 12.21 ?  57  TYR A CA  1 
ATOM   372  C C   . TYR B 2 45  ? -4.306  -6.847  -2.652  1.00 12.72 ?  57  TYR A C   1 
ATOM   373  O O   . TYR B 2 45  ? -4.713  -7.931  -2.352  1.00 13.20 ?  57  TYR A O   1 
ATOM   374  C CB  . TYR B 2 45  ? -3.868  -5.094  -0.894  1.00 14.00 ?  57  TYR A CB  1 
ATOM   375  C CG  . TYR B 2 45  ? -3.578  -6.121  0.156   1.00 16.15 ?  57  TYR A CG  1 
ATOM   376  C CD1 . TYR B 2 45  ? -4.410  -6.289  1.247   1.00 16.29 ?  57  TYR A CD1 1 
ATOM   377  C CD2 . TYR B 2 45  ? -2.510  -7.006  0.020   1.00 17.98 ?  57  TYR A CD2 1 
ATOM   378  C CE1 . TYR B 2 45  ? -4.176  -7.267  2.189   1.00 16.52 ?  57  TYR A CE1 1 
ATOM   379  C CE2 . TYR B 2 45  ? -2.291  -8.014  0.950   1.00 19.77 ?  57  TYR A CE2 1 
ATOM   380  C CZ  . TYR B 2 45  ? -3.133  -8.147  2.040   1.00 20.09 ?  57  TYR A CZ  1 
ATOM   381  O OH  . TYR B 2 45  ? -2.951  -9.054  3.038   1.00 21.33 ?  57  TYR A OH  1 
ATOM   382  N N   . LYS B 2 46  ? -3.252  -6.664  -3.450  1.00 13.53 ?  58  LYS A N   1 
ATOM   383  C CA  . LYS B 2 46  ? -2.349  -7.722  -3.929  1.00 14.50 ?  58  LYS A CA  1 
ATOM   384  C C   . LYS B 2 46  ? -0.919  -7.188  -3.752  1.00 15.82 ?  58  LYS A C   1 
ATOM   385  O O   . LYS B 2 46  ? -0.706  -6.004  -4.004  1.00 14.16 ?  58  LYS A O   1 
ATOM   386  C CB  . LYS B 2 46  ? -2.590  -8.040  -5.404  1.00 20.08 ?  58  LYS A CB  1 
ATOM   387  C CG  . LYS B 2 46  ? -3.946  -7.787  -6.035  1.00 25.85 ?  58  LYS A CG  1 
ATOM   388  C CD  . LYS B 2 46  ? -3.882  -8.032  -7.552  1.00 30.05 ?  58  LYS A CD  1 
ATOM   389  C CE  . LYS B 2 46  ? -5.146  -7.679  -8.296  1.00 34.84 ?  58  LYS A CE  1 
ATOM   390  N NZ  . LYS B 2 46  ? -6.184  -8.713  -8.085  1.00 36.65 ?  58  LYS A NZ  1 
ATOM   391  N N   . GLY B 2 47  ? 0.002   -7.977  -3.174  1.00 16.37 ?  59  GLY A N   1 
ATOM   392  C CA  . GLY B 2 47  ? 1.457   -7.586  -2.984  1.00 17.00 ?  59  GLY A CA  1 
ATOM   393  C C   . GLY B 2 47  ? 2.425   -8.490  -3.725  1.00 16.94 ?  59  GLY A C   1 
ATOM   394  O O   . GLY B 2 47  ? 2.227   -9.762  -3.682  1.00 19.73 ?  59  GLY A O   1 
ATOM   395  N N   . LYS B 2 48  ? 3.397   -7.923  -4.473  1.00 15.81 ?  60  LYS A N   1 
ATOM   396  C CA  . LYS B 2 48  ? 4.485   -8.705  -5.161  1.00 15.52 ?  60  LYS A CA  1 
ATOM   397  C C   . LYS B 2 48  ? 5.827   -8.264  -4.610  1.00 12.93 ?  60  LYS A C   1 
ATOM   398  O O   . LYS B 2 48  ? 6.042   -7.093  -4.274  1.00 12.17 ?  60  LYS A O   1 
ATOM   399  C CB  . LYS B 2 48  ? 4.569   -8.505  -6.681  1.00 17.44 ?  60  LYS A CB  1 
ATOM   400  C CG  . LYS B 2 48  ? 3.336   -8.985  -7.425  1.00 22.72 ?  60  LYS A CG  1 
ATOM   401  C CD  . LYS B 2 48  ? 3.542   -9.225  -8.868  1.00 29.28 ?  60  LYS A CD  1 
ATOM   402  C CE  . LYS B 2 48  ? 2.490   -10.174 -9.393  1.00 33.67 ?  60  LYS A CE  1 
ATOM   403  N NZ  . LYS B 2 48  ? 2.519   -10.249 -10.866 1.00 43.42 ?  60  LYS A NZ  1 
ATOM   404  N N   . LEU B 2 49  ? 6.739   -9.230  -4.451  1.00 12.07 ?  61  LEU A N   1 
ATOM   405  C CA  . LEU B 2 49  ? 8.155   -8.963  -4.238  1.00 13.17 ?  61  LEU A CA  1 
ATOM   406  C C   . LEU B 2 49  ? 8.850   -8.627  -5.539  1.00 12.18 ?  61  LEU A C   1 
ATOM   407  O O   . LEU B 2 49  ? 8.331   -8.895  -6.642  1.00 12.69 ?  61  LEU A O   1 
ATOM   408  C CB  . LEU B 2 49  ? 8.840   -10.214 -3.693  1.00 13.78 ?  61  LEU A CB  1 
ATOM   409  C CG  . LEU B 2 49  ? 8.310   -10.814 -2.395  1.00 14.87 ?  61  LEU A CG  1 
ATOM   410  C CD1 . LEU B 2 49  ? 9.147   -12.024 -2.055  1.00 18.11 ?  61  LEU A CD1 1 
ATOM   411  C CD2 . LEU B 2 49  ? 8.402   -9.798  -1.264  1.00 15.19 ?  61  LEU A CD2 1 
ATOM   412  N N   . SER B 2 50  ? 10.069  -8.097  -5.418  1.00 13.86 ?  62  SER A N   1 
ATOM   413  C CA  . SER B 2 50  ? 10.904  -7.700  -6.537  1.00 14.03 ?  62  SER A CA  1 
ATOM   414  C C   . SER B 2 50  ? 11.365  -8.893  -7.378  1.00 14.30 ?  62  SER A C   1 
ATOM   415  O O   . SER B 2 50  ? 11.790  -8.662  -8.515  1.00 16.74 ?  62  SER A O   1 
ATOM   416  C CB  . SER B 2 50  ? 12.070  -6.894  -6.010  1.00 19.22 ?  62  SER A CB  1 
ATOM   417  O OG  . SER B 2 50  ? 11.626  -5.623  -5.553  1.00 24.19 ?  62  SER A OG  1 
ATOM   418  N N   . ASN B 2 51  ? 11.234  -10.118 -6.884  1.00 14.84 ?  63  ASN A N   1 
ATOM   419  C CA  . ASN B 2 51  ? 11.574  -11.311 -7.671  1.00 16.76 ?  63  ASN A CA  1 
ATOM   420  C C   . ASN B 2 51  ? 10.340  -11.898 -8.378  1.00 17.52 ?  63  ASN A C   1 
ATOM   421  O O   . ASN B 2 51  ? 10.382  -12.998 -8.940  1.00 16.13 ?  63  ASN A O   1 
ATOM   422  C CB  . ASN B 2 51  ? 12.238  -12.346 -6.791  1.00 17.69 ?  63  ASN A CB  1 
ATOM   423  C CG  . ASN B 2 51  ? 11.341  -12.885 -5.710  1.00 16.40 ?  63  ASN A CG  1 
ATOM   424  O OD1 . ASN B 2 51  ? 10.124  -12.646 -5.688  1.00 15.90 ?  63  ASN A OD1 1 
ATOM   425  N ND2 . ASN B 2 51  ? 11.930  -13.661 -4.805  1.00 19.13 ?  63  ASN A ND2 1 
ATOM   426  N N   . GLY B 2 52  ? 9.219   -11.193 -8.258  1.00 15.10 ?  64  GLY A N   1 
ATOM   427  C CA  . GLY B 2 52  ? 8.003   -11.582 -8.984  1.00 16.25 ?  64  GLY A CA  1 
ATOM   428  C C   . GLY B 2 52  ? 7.023   -12.417 -8.188  1.00 16.09 ?  64  GLY A C   1 
ATOM   429  O O   . GLY B 2 52  ? 5.918   -12.599 -8.640  1.00 18.02 ?  64  GLY A O   1 
ATOM   430  N N   . LYS B 2 53  ? 7.398   -12.821 -6.983  1.00 14.65 ?  65  LYS A N   1 
ATOM   431  C CA  . LYS B 2 53  ? 6.482   -13.664 -6.177  1.00 16.86 ?  65  LYS A CA  1 
ATOM   432  C C   . LYS B 2 53  ? 5.319   -12.846 -5.626  1.00 17.20 ?  65  LYS A C   1 
ATOM   433  O O   . LYS B 2 53  ? 5.558   -11.815 -5.074  1.00 15.40 ?  65  LYS A O   1 
ATOM   434  C CB  . LYS B 2 53  ? 7.258   -14.265 -5.014  1.00 19.82 ?  65  LYS A CB  1 
ATOM   435  C CG  . LYS B 2 53  ? 8.160   -15.429 -5.410  1.00 27.76 ?  65  LYS A CG  1 
ATOM   436  C CD  . LYS B 2 53  ? 8.399   -16.418 -4.299  1.00 32.49 ?  65  LYS A CD  1 
ATOM   437  C CE  . LYS B 2 53  ? 9.289   -17.553 -4.751  1.00 34.89 ?  65  LYS A CE  1 
ATOM   438  N NZ  . LYS B 2 53  ? 8.606   -18.529 -5.618  1.00 36.46 ?  65  LYS A NZ  1 
ATOM   439  N N   . LYS B 2 54  ? 4.105   -13.371 -5.772  1.00 18.89 ?  66  LYS A N   1 
ATOM   440  C CA  . LYS B 2 54  ? 2.894   -12.744 -5.200  1.00 20.86 ?  66  LYS A CA  1 
ATOM   441  C C   . LYS B 2 54  ? 2.844   -13.222 -3.756  1.00 19.40 ?  66  LYS A C   1 
ATOM   442  O O   . LYS B 2 54  ? 2.600   -14.326 -3.563  1.00 23.91 ?  66  LYS A O   1 
ATOM   443  C CB  . LYS B 2 54  ? 1.663   -13.172 -5.986  1.00 26.51 ?  66  LYS A CB  1 
ATOM   444  N N   . PHE B 2 55  ? 3.121   -12.371 -2.792  1.00 21.26 ?  67  PHE A N   1 
ATOM   445  C CA  . PHE B 2 55  ? 3.275   -12.891 -1.418  1.00 21.35 ?  67  PHE A CA  1 
ATOM   446  C C   . PHE B 2 55  ? 1.963   -12.807 -0.648  1.00 25.41 ?  67  PHE A C   1 
ATOM   447  O O   . PHE B 2 55  ? 1.874   -13.462 0.378   1.00 27.92 ?  67  PHE A O   1 
ATOM   448  C CB  . PHE B 2 55  ? 4.382   -12.173 -0.655  1.00 21.14 ?  67  PHE A CB  1 
ATOM   449  C CG  . PHE B 2 55  ? 4.185   -10.700 -0.451  1.00 20.32 ?  67  PHE A CG  1 
ATOM   450  C CD1 . PHE B 2 55  ? 3.504   -10.226 0.649   1.00 20.79 ?  67  PHE A CD1 1 
ATOM   451  C CD2 . PHE B 2 55  ? 4.716   -9.790  -1.340  1.00 19.06 ?  67  PHE A CD2 1 
ATOM   452  C CE1 . PHE B 2 55  ? 3.356   -8.872  0.854   1.00 20.44 ?  67  PHE A CE1 1 
ATOM   453  C CE2 . PHE B 2 55  ? 4.569   -8.433  -1.125  1.00 19.22 ?  67  PHE A CE2 1 
ATOM   454  C CZ  . PHE B 2 55  ? 3.876   -7.985  -0.039  1.00 21.85 ?  67  PHE A CZ  1 
ATOM   455  N N   . ASP B 2 56  ? 1.021   -11.989 -1.111  1.00 24.87 ?  68  ASP A N   1 
ATOM   456  C CA  . ASP B 2 56  ? -0.257  -11.959 -0.362  1.00 22.41 ?  68  ASP A CA  1 
ATOM   457  C C   . ASP B 2 56  ? -1.348  -11.353 -1.215  1.00 20.16 ?  68  ASP A C   1 
ATOM   458  O O   . ASP B 2 56  ? -1.002  -10.597 -2.074  1.00 20.39 ?  68  ASP A O   1 
ATOM   459  C CB  . ASP B 2 56  ? -0.210  -11.109 0.905   1.00 28.50 ?  68  ASP A CB  1 
ATOM   460  C CG  . ASP B 2 56  ? -1.056  -11.723 1.984   1.00 32.30 ?  68  ASP A CG  1 
ATOM   461  O OD1 . ASP B 2 56  ? -1.125  -12.940 2.074   1.00 44.73 ?  68  ASP A OD1 1 
ATOM   462  O OD2 . ASP B 2 56  ? -1.541  -11.003 2.727   1.00 45.12 ?  68  ASP A OD2 1 
ATOM   463  N N   . SER B 2 57  ? -2.595  -11.716 -0.924  1.00 18.80 ?  69  SER A N   1 
ATOM   464  C CA  . SER B 2 57  ? -3.776  -11.099 -1.638  1.00 17.38 ?  69  SER A CA  1 
ATOM   465  C C   . SER B 2 57  ? -5.062  -11.255 -0.835  1.00 18.60 ?  69  SER A C   1 
ATOM   466  O O   . SER B 2 57  ? -5.443  -12.382 -0.459  1.00 20.76 ?  69  SER A O   1 
ATOM   467  C CB  . SER B 2 57  ? -3.942  -11.661 -3.003  1.00 20.91 ?  69  SER A CB  1 
ATOM   468  O OG  . SER B 2 57  ? -5.217  -11.367 -3.549  1.00 20.86 ?  69  SER A OG  1 
ATOM   469  N N   . SER B 2 58  ? -5.762  -10.139 -0.607  1.00 13.36 ?  70  SER A N   1 
ATOM   470  C CA  . SER B 2 58  ? -7.007  -10.213 0.160   1.00 13.19 ?  70  SER A CA  1 
ATOM   471  C C   . SER B 2 58  ? -8.111  -10.815 -0.697  1.00 14.26 ?  70  SER A C   1 
ATOM   472  O O   . SER B 2 58  ? -9.091  -11.377 -0.204  1.00 13.48 ?  70  SER A O   1 
ATOM   473  C CB  . SER B 2 58  ? -7.296  -8.851  0.672   1.00 12.16 ?  70  SER A CB  1 
ATOM   474  O OG  . SER B 2 58  ? -7.559  -7.976  -0.421  1.00 14.07 ?  70  SER A OG  1 
ATOM   475  N N   . HIS B 2 59  ? -8.088  -10.565 -2.005  1.00 14.39 ?  71  HIS A N   1 
ATOM   476  C CA  . HIS B 2 59  ? -9.066  -11.111 -2.913  1.00 15.12 ?  71  HIS A CA  1 
ATOM   477  C C   . HIS B 2 59  ? -9.125  -12.623 -2.765  1.00 15.41 ?  71  HIS A C   1 
ATOM   478  O O   . HIS B 2 59  ? -10.246 -13.157 -2.778  1.00 15.77 ?  71  HIS A O   1 
ATOM   479  C CB  . HIS B 2 59  ? -8.718  -10.797 -4.363  1.00 16.10 ?  71  HIS A CB  1 
ATOM   480  C CG  . HIS B 2 59  ? -8.683  -9.343  -4.648  1.00 17.20 ?  71  HIS A CG  1 
ATOM   481  N ND1 . HIS B 2 59  ? -9.819  -8.643  -4.863  1.00 20.12 ?  71  HIS A ND1 1 
ATOM   482  C CD2 . HIS B 2 59  ? -7.657  -8.498  -4.794  1.00 19.09 ?  71  HIS A CD2 1 
ATOM   483  C CE1 . HIS B 2 59  ? -9.490  -7.384  -5.141  1.00 18.77 ?  71  HIS A CE1 1 
ATOM   484  N NE2 . HIS B 2 59  ? -8.205  -7.267  -5.075  1.00 19.05 ?  71  HIS A NE2 1 
ATOM   485  N N   . ASP B 2 60  ? -7.951  -13.247 -2.577  1.00 15.88 ?  72  ASP A N   1 
ATOM   486  C CA  . ASP B 2 60  ? -7.901  -14.729 -2.534  1.00 17.31 ?  72  ASP A CA  1 
ATOM   487  C C   . ASP B 2 60  ? -8.567  -15.216 -1.246  1.00 17.27 ?  72  ASP A C   1 
ATOM   488  O O   . ASP B 2 60  ? -8.888  -16.421 -1.173  1.00 16.54 ?  72  ASP A O   1 
ATOM   489  C CB  . ASP B 2 60  ? -6.479  -15.274 -2.554  1.00 20.77 ?  72  ASP A CB  1 
ATOM   490  C CG  . ASP B 2 60  ? -5.663  -15.034 -3.826  1.00 23.89 ?  72  ASP A CG  1 
ATOM   491  O OD1 . ASP B 2 60  ? -6.266  -14.902 -4.895  1.00 28.12 ?  72  ASP A OD1 1 
ATOM   492  O OD2 . ASP B 2 60  ? -4.397  -15.005 -3.707  1.00 26.87 -1 72  ASP A OD2 1 
ATOM   493  N N   . ARG B 2 61  ? -8.705  -14.357 -0.241  1.00 13.13 ?  73  ARG A N   1 
ATOM   494  C CA  . ARG B 2 61  ? -9.304  -14.757 1.057   1.00 14.41 ?  73  ARG A CA  1 
ATOM   495  C C   . ARG B 2 61  ? -10.783 -14.369 1.158   1.00 12.47 ?  73  ARG A C   1 
ATOM   496  O O   . ARG B 2 61  ? -11.404 -14.660 2.128   1.00 13.12 ?  73  ARG A O   1 
ATOM   497  C CB  . ARG B 2 61  ? -8.588  -14.074 2.221   1.00 15.52 ?  73  ARG A CB  1 
ATOM   498  C CG  . ARG B 2 61  ? -7.137  -14.514 2.330   1.00 18.67 ?  73  ARG A CG  1 
ATOM   499  C CD  . ARG B 2 61  ? -6.570  -14.092 3.673   1.00 21.72 ?  73  ARG A CD  1 
ATOM   500  N NE  . ARG B 2 61  ? -6.441  -12.662 3.681   1.00 23.58 ?  73  ARG A NE  1 
ATOM   501  C CZ  . ARG B 2 61  ? -5.353  -12.039 3.222   1.00 30.09 ?  73  ARG A CZ  1 
ATOM   502  N NH1 . ARG B 2 61  ? -4.325  -12.769 2.813   1.00 28.97 ?  73  ARG A NH1 1 
ATOM   503  N NH2 . ARG B 2 61  ? -5.288  -10.712 3.239   1.00 27.17 ?  73  ARG A NH2 1 
ATOM   504  N N   . ASN B 2 62  ? -11.306 -13.675 0.141   1.00 11.20 ?  74  ASN A N   1 
ATOM   505  C CA  . ASN B 2 62  ? -12.699 -13.267 0.081   1.00 11.11 ?  74  ASN A CA  1 
ATOM   506  C C   . ASN B 2 62  ? -13.112 -12.371 1.245   1.00 11.96 ?  74  ASN A C   1 
ATOM   507  O O   . ASN B 2 62  ? -14.287 -12.392 1.688   1.00 12.23 ?  74  ASN A O   1 
ATOM   508  C CB  . ASN B 2 62  ? -13.611 -14.481 -0.015  1.00 11.35 ?  74  ASN A CB  1 
ATOM   509  C CG  . ASN B 2 62  ? -13.342 -15.267 -1.272  1.00 11.42 ?  74  ASN A CG  1 
ATOM   510  O OD1 . ASN B 2 62  ? -13.410 -14.748 -2.409  1.00 14.35 ?  74  ASN A OD1 1 
ATOM   511  N ND2 . ASN B 2 62  ? -13.020 -16.544 -1.103  1.00 10.82 ?  74  ASN A ND2 1 
ATOM   512  N N   . GLU B 2 63  ? -12.190 -11.545 1.706   1.00 11.67 ?  75  GLU A N   1 
ATOM   513  C CA  . GLU B 2 63  ? -12.528 -10.540 2.730   1.00 13.60 ?  75  GLU A CA  1 
ATOM   514  C C   . GLU B 2 63  ? -11.525 -9.413  2.612   1.00 12.14 ?  75  GLU A C   1 
ATOM   515  O O   . GLU B 2 63  ? -10.404 -9.649  2.352   1.00 12.32 ?  75  GLU A O   1 
ATOM   516  C CB  . GLU B 2 63  ? -12.561 -11.063 4.167   1.00 18.33 ?  75  GLU A CB  1 
ATOM   517  C CG  . GLU B 2 63  ? -11.308 -11.735 4.616   1.00 18.77 ?  75  GLU A CG  1 
ATOM   518  C CD  . GLU B 2 63  ? -11.279 -12.192 6.062   1.00 19.05 ?  75  GLU A CD  1 
ATOM   519  O OE2 . GLU B 2 63  ? -10.286 -11.931 6.708   1.00 25.30 ?  75  GLU A OE2 1 
ATOM   520  N N   . PRO B 2 64  ? -11.955 -8.183  2.848   1.00 12.61 ?  76  PRO A N   1 
ATOM   521  C CA  . PRO B 2 64  ? -11.013 -7.081  2.813   1.00 12.45 ?  76  PRO A CA  1 
ATOM   522  C C   . PRO B 2 64  ? -10.162 -7.041  4.083   1.00 12.68 ?  76  PRO A C   1 
ATOM   523  O O   . PRO B 2 64  ? -10.432 -7.717  5.088   1.00 13.70 ?  76  PRO A O   1 
ATOM   524  C CB  . PRO B 2 64  ? -11.969 -5.906  2.769   1.00 13.82 ?  76  PRO A CB  1 
ATOM   525  C CG  . PRO B 2 64  ? -13.136 -6.323  3.559   1.00 13.80 ?  76  PRO A CG  1 
ATOM   526  C CD  . PRO B 2 64  ? -13.298 -7.799  3.254   1.00 13.01 ?  76  PRO A CD  1 
ATOM   527  N N   . PHE B 2 65  ? -9.085  -6.268  3.953   1.00 11.43 ?  77  PHE A N   1 
ATOM   528  C CA  . PHE B 2 65  ? -8.252  -5.959  5.089   1.00 11.88 ?  77  PHE A CA  1 
ATOM   529  C C   . PHE B 2 65  ? -8.701  -4.614  5.683   1.00 12.62 ?  77  PHE A C   1 
ATOM   530  O O   . PHE B 2 65  ? -8.947  -3.679  4.984   1.00 11.71 ?  77  PHE A O   1 
ATOM   531  C CB  . PHE B 2 65  ? -6.780  -5.951  4.676   1.00 13.51 ?  77  PHE A CB  1 
ATOM   532  C CG  . PHE B 2 65  ? -5.844  -5.772  5.834   1.00 17.44 ?  77  PHE A CG  1 
ATOM   533  C CD1 . PHE B 2 65  ? -5.646  -6.784  6.752   1.00 20.89 ?  77  PHE A CD1 1 
ATOM   534  C CD2 . PHE B 2 65  ? -5.252  -4.555  6.055   1.00 17.77 ?  77  PHE A CD2 1 
ATOM   535  C CE1 . PHE B 2 65  ? -4.877  -6.561  7.881   1.00 23.63 ?  77  PHE A CE1 1 
ATOM   536  C CE2 . PHE B 2 65  ? -4.427  -4.364  7.146   1.00 20.32 ?  77  PHE A CE2 1 
ATOM   537  C CZ  . PHE B 2 65  ? -4.251  -5.361  8.051   1.00 21.13 ?  77  PHE A CZ  1 
ATOM   538  N N   . VAL B 2 66  ? -8.814  -4.565  7.015   1.00 12.15 ?  78  VAL A N   1 
ATOM   539  C CA  . VAL B 2 66  ? -9.394  -3.466  7.699   1.00 11.92 ?  78  VAL A CA  1 
ATOM   540  C C   . VAL B 2 66  ? -8.394  -3.020  8.758   1.00 13.37 ?  78  VAL A C   1 
ATOM   541  O O   . VAL B 2 66  ? -7.867  -3.807  9.515   1.00 15.89 ?  78  VAL A O   1 
ATOM   542  C CB  . VAL B 2 66  ? -10.727 -3.848  8.368   1.00 14.99 ?  78  VAL A CB  1 
ATOM   543  C CG1 . VAL B 2 66  ? -11.320 -2.648  9.083   1.00 16.43 ?  78  VAL A CG1 1 
ATOM   544  C CG2 . VAL B 2 66  ? -11.727 -4.422  7.369   1.00 14.04 ?  78  VAL A CG2 1 
ATOM   545  N N   . PHE B 2 67  ? -8.139  -1.723  8.809   1.00 12.25 ?  79  PHE A N   1 
ATOM   546  C CA  . PHE B 2 67  ? -7.238  -1.176  9.795   1.00 11.66 ?  79  PHE A CA  1 
ATOM   547  C C   . PHE B 2 67  ? -7.650  0.269   10.074  1.00 10.39 ?  79  PHE A C   1 
ATOM   548  O O   . PHE B 2 67  ? -8.495  0.839   9.389   1.00 11.39 ?  79  PHE A O   1 
ATOM   549  C CB  . PHE B 2 67  ? -5.784  -1.294  9.345   1.00 11.82 ?  79  PHE A CB  1 
ATOM   550  C CG  . PHE B 2 67  ? -5.385  -0.454  8.153   1.00 12.53 ?  79  PHE A CG  1 
ATOM   551  C CD1 . PHE B 2 67  ? -5.647  -0.870  6.859   1.00 12.95 ?  79  PHE A CD1 1 
ATOM   552  C CD2 . PHE B 2 67  ? -4.687  0.734   8.320   1.00 12.88 ?  79  PHE A CD2 1 
ATOM   553  C CE1 . PHE B 2 67  ? -5.180  -0.137  5.796   1.00 13.48 ?  79  PHE A CE1 1 
ATOM   554  C CE2 . PHE B 2 67  ? -4.259  1.492   7.249   1.00 13.00 ?  79  PHE A CE2 1 
ATOM   555  C CZ  . PHE B 2 67  ? -4.559  1.068   5.982   1.00 14.00 ?  79  PHE A CZ  1 
ATOM   556  N N   . SER B 2 68  ? -7.081  0.838   11.141  1.00 11.03 ?  80  SER A N   1 
ATOM   557  C CA  . SER B 2 68  ? -7.271  2.235   11.509  1.00 11.53 ?  80  SER A CA  1 
ATOM   558  C C   . SER B 2 68  ? -6.148  3.085   10.933  1.00 11.88 ?  80  SER A C   1 
ATOM   559  O O   . SER B 2 68  ? -4.987  2.854   11.182  1.00 12.55 ?  80  SER A O   1 
ATOM   560  C CB  . SER B 2 68  ? -7.263  2.378   13.010  1.00 12.50 ?  80  SER A CB  1 
ATOM   561  O OG  . SER B 2 68  ? -8.324  1.667   13.593  1.00 17.87 ?  80  SER A OG  1 
ATOM   562  N N   . LEU B 2 69  ? -6.541  4.056   10.120  1.00 11.69 ?  81  LEU A N   1 
ATOM   563  C CA  . LEU B 2 69  ? -5.554  4.802   9.301   1.00 10.67 ?  81  LEU A CA  1 
ATOM   564  C C   . LEU B 2 69  ? -4.679  5.671   10.209  1.00 12.23 ?  81  LEU A C   1 
ATOM   565  O O   . LEU B 2 69  ? -5.169  6.319   11.126  1.00 13.08 ?  81  LEU A O   1 
ATOM   566  C CB  . LEU B 2 69  ? -6.278  5.652   8.258   1.00 12.04 ?  81  LEU A CB  1 
ATOM   567  C CG  . LEU B 2 69  ? -5.360  6.360   7.266   1.00 12.81 ?  81  LEU A CG  1 
ATOM   568  C CD1 . LEU B 2 69  ? -4.678  5.369   6.331   1.00 13.25 ?  81  LEU A CD1 1 
ATOM   569  C CD2 . LEU B 2 69  ? -6.179  7.376   6.482   1.00 13.14 ?  81  LEU A CD2 1 
ATOM   570  N N   . GLY B 2 70  ? -3.363  5.689   9.906   1.00 11.24 ?  82  GLY A N   1 
ATOM   571  C CA  . GLY B 2 70  ? -2.430  6.658   10.482  1.00 12.95 ?  82  GLY A CA  1 
ATOM   572  C C   . GLY B 2 70  ? -2.034  6.319   11.898  1.00 13.69 ?  82  GLY A C   1 
ATOM   573  O O   . GLY B 2 70  ? -1.582  7.209   12.634  1.00 14.78 ?  82  GLY A O   1 
ATOM   574  N N   . LYS B 2 71  ? -2.207  5.085   12.307  1.00 13.99 ?  83  LYS A N   1 
ATOM   575  C CA  . LYS B 2 71  ? -1.910  4.649   13.667  1.00 15.24 ?  83  LYS A CA  1 
ATOM   576  C C   . LYS B 2 71  ? -0.731  3.692   13.706  1.00 15.80 ?  83  LYS A C   1 
ATOM   577  O O   . LYS B 2 71  ? -0.417  3.120   14.815  1.00 16.96 ?  83  LYS A O   1 
ATOM   578  C CB  . LYS B 2 71  ? -3.120  3.965   14.298  1.00 17.20 ?  83  LYS A CB  1 
ATOM   579  C CG  . LYS B 2 71  ? -4.347  4.842   14.438  1.00 19.49 ?  83  LYS A CG  1 
ATOM   580  C CD  . LYS B 2 71  ? -4.173  5.943   15.458  1.00 25.50 ?  83  LYS A CD  1 
ATOM   581  C CE  . LYS B 2 71  ? -4.934  7.184   15.066  1.00 31.91 ?  83  LYS A CE  1 
ATOM   582  N NZ  . LYS B 2 71  ? -5.111  8.073   16.234  1.00 34.47 ?  83  LYS A NZ  1 
ATOM   583  N N   . GLY B 2 72  ? -0.056  3.468   12.580  1.00 14.93 ?  84  GLY A N   1 
ATOM   584  C CA  . GLY B 2 72  ? 1.073   2.570   12.555  1.00 15.97 ?  84  GLY A CA  1 
ATOM   585  C C   . GLY B 2 72  ? 0.703   1.121   12.746  1.00 14.77 ?  84  GLY A C   1 
ATOM   586  O O   . GLY B 2 72  ? 1.539   0.322   13.207  1.00 18.07 ?  84  GLY A O   1 
ATOM   587  N N   . GLN B 2 73  ? -0.523  0.721   12.393  1.00 14.53 ?  85  GLN A N   1 
ATOM   588  C CA  . GLN B 2 73  ? -0.942  -0.688  12.419  1.00 15.30 ?  85  GLN A CA  1 
ATOM   589  C C   . GLN B 2 73  ? -0.430  -1.476  11.215  1.00 18.57 ?  85  GLN A C   1 
ATOM   590  O O   . GLN B 2 73  ? -0.495  -2.705  11.208  1.00 22.50 ?  85  GLN A O   1 
ATOM   591  C CB  . GLN B 2 73  ? -2.453  -0.796  12.458  1.00 15.22 ?  85  GLN A CB  1 
ATOM   592  C CG  . GLN B 2 73  ? -3.028  -0.138  13.701  1.00 14.97 ?  85  GLN A CG  1 
ATOM   593  C CD  . GLN B 2 73  ? -4.530  -0.224  13.834  1.00 15.44 ?  85  GLN A CD  1 
ATOM   594  O OE1 . GLN B 2 73  ? -5.253  -0.667  12.923  1.00 16.71 ?  85  GLN A OE1 1 
ATOM   595  N NE2 . GLN B 2 73  ? -5.017  0.181   14.989  1.00 17.61 ?  85  GLN A NE2 1 
ATOM   596  N N   . VAL B 2 74  ? -0.031  -0.781  10.167  1.00 14.49 ?  86  VAL A N   1 
ATOM   597  C CA  . VAL B 2 74  ? 0.415   -1.347  8.938   1.00 13.99 ?  86  VAL A CA  1 
ATOM   598  C C   . VAL B 2 74  ? 1.742   -0.676  8.603   1.00 13.51 ?  86  VAL A C   1 
ATOM   599  O O   . VAL B 2 74  ? 2.117   0.295   9.240   1.00 13.67 ?  86  VAL A O   1 
ATOM   600  C CB  . VAL B 2 74  ? -0.616  -1.101  7.816   1.00 14.71 ?  86  VAL A CB  1 
ATOM   601  C CG1 . VAL B 2 74  ? -1.878  -1.908  8.036   1.00 17.18 ?  86  VAL A CG1 1 
ATOM   602  C CG2 . VAL B 2 74  ? -0.923  0.382   7.640   1.00 14.10 ?  86  VAL A CG2 1 
ATOM   603  N N   . ILE B 2 75  ? 2.384   -1.139  7.532   1.00 13.65 ?  87  ILE A N   1 
ATOM   604  C CA  . ILE B 2 75  ? 3.609   -0.530  7.060   1.00 12.42 ?  87  ILE A CA  1 
ATOM   605  C C   . ILE B 2 75  ? 3.399   0.948   6.715   1.00 11.38 ?  87  ILE A C   1 
ATOM   606  O O   . ILE B 2 75  ? 2.291   1.368   6.293   1.00 11.93 ?  87  ILE A O   1 
ATOM   607  C CB  . ILE B 2 75  ? 4.267   -1.302  5.906   1.00 14.04 ?  87  ILE A CB  1 
ATOM   608  C CG1 . ILE B 2 75  ? 3.349   -1.432  4.694   1.00 15.42 ?  87  ILE A CG1 1 
ATOM   609  C CG2 . ILE B 2 75  ? 4.730   -2.668  6.379   1.00 14.40 ?  87  ILE A CG2 1 
ATOM   610  C CD1 . ILE B 2 75  ? 4.021   -2.010  3.472   1.00 16.61 ?  87  ILE A CD1 1 
ATOM   611  N N   . LYS B 2 76  ? 4.487   1.693   6.839   1.00 11.18 ?  88  LYS A N   1 
ATOM   612  C CA  . LYS B 2 76  ? 4.376   3.142   6.696   1.00 11.75 ?  88  LYS A CA  1 
ATOM   613  C C   . LYS B 2 76  ? 3.842   3.466   5.296   1.00 11.78 ?  88  LYS A C   1 
ATOM   614  O O   . LYS B 2 76  ? 3.042   4.411   5.136   1.00 12.04 ?  88  LYS A O   1 
ATOM   615  C CB  . LYS B 2 76  ? 5.723   3.807   6.906   1.00 13.86 ?  88  LYS A CB  1 
ATOM   616  C CG  . LYS B 2 76  ? 6.245   3.850   8.327   1.00 15.84 ?  88  LYS A CG  1 
ATOM   617  C CD  . LYS B 2 76  ? 7.691   4.285   8.357   1.00 18.52 ?  88  LYS A CD  1 
ATOM   618  C CE  . LYS B 2 76  ? 8.200   4.417   9.785   1.00 22.64 ?  88  LYS A CE  1 
ATOM   619  N NZ  . LYS B 2 76  ? 9.645   4.740   9.805   1.00 26.93 ?  88  LYS A NZ  1 
ATOM   620  N N   . ALA B 2 77  ? 4.289   2.727   4.292   1.00 11.08 ?  89  ALA A N   1 
ATOM   621  C CA  . ALA B 2 77  ? 3.839   3.018   2.911   1.00 11.26 ?  89  ALA A CA  1 
ATOM   622  C C   . ALA B 2 77  ? 2.320   2.950   2.789   1.00 11.85 ?  89  ALA A C   1 
ATOM   623  O O   . ALA B 2 77  ? 1.755   3.670   1.943   1.00 10.63 ?  89  ALA A O   1 
ATOM   624  C CB  . ALA B 2 77  ? 4.468   2.062   1.964   1.00 11.90 ?  89  ALA A CB  1 
ATOM   625  N N   . TRP B 2 78  ? 1.659   2.062   3.558   1.00 10.96 ?  90  TRP A N   1 
ATOM   626  C CA  . TRP B 2 78  ? 0.188   1.958   3.480   1.00 12.06 ?  90  TRP A CA  1 
ATOM   627  C C   . TRP B 2 78  ? -0.473  3.124   4.193   1.00 11.23 ?  90  TRP A C   1 
ATOM   628  O O   . TRP B 2 78  ? -1.421  3.672   3.716   1.00 11.11 ?  90  TRP A O   1 
ATOM   629  C CB  . TRP B 2 78  ? -0.327  0.644   4.035   1.00 12.10 ?  90  TRP A CB  1 
ATOM   630  C CG  . TRP B 2 78  ? -0.200  -0.518  3.114   1.00 11.93 ?  90  TRP A CG  1 
ATOM   631  C CD1 . TRP B 2 78  ? 0.665   -0.684  2.082   1.00 12.38 ?  90  TRP A CD1 1 
ATOM   632  C CD2 . TRP B 2 78  ? -0.988  -1.702  3.180   1.00 14.29 ?  90  TRP A CD2 1 
ATOM   633  N NE1 . TRP B 2 78  ? 0.480   -1.910  1.504   1.00 13.13 ?  90  TRP A NE1 1 
ATOM   634  C CE2 . TRP B 2 78  ? -0.551  -2.536  2.139   1.00 14.43 ?  90  TRP A CE2 1 
ATOM   635  C CE3 . TRP B 2 78  ? -1.998  -2.143  4.044   1.00 16.09 ?  90  TRP A CE3 1 
ATOM   636  C CZ2 . TRP B 2 78  ? -1.073  -3.815  1.943   1.00 18.12 ?  90  TRP A CZ2 1 
ATOM   637  C CZ3 . TRP B 2 78  ? -2.538  -3.395  3.832   1.00 20.46 ?  90  TRP A CZ3 1 
ATOM   638  C CH2 . TRP B 2 78  ? -2.082  -4.214  2.797   1.00 20.69 ?  90  TRP A CH2 1 
ATOM   639  N N   . ASP B 2 79  ? 0.013   3.477   5.393   1.00 10.22 ?  91  ASP A N   1 
ATOM   640  C CA  . ASP B 2 79  ? -0.523  4.669   6.050   1.00 10.42 ?  91  ASP A CA  1 
ATOM   641  C C   . ASP B 2 79  ? -0.391  5.868   5.116   1.00 10.29 ?  91  ASP A C   1 
ATOM   642  O O   . ASP B 2 79  ? -1.337  6.649   4.980   1.00 11.70 ?  91  ASP A O   1 
ATOM   643  C CB  . ASP B 2 79  ? 0.159   4.872   7.396   1.00 11.61 ?  91  ASP A CB  1 
ATOM   644  C CG  . ASP B 2 79  ? -0.556  4.242   8.569   1.00 12.32 ?  91  ASP A CG  1 
ATOM   645  O OD1 . ASP B 2 79  ? -1.704  3.807   8.420   1.00 11.89 ?  91  ASP A OD1 1 
ATOM   646  O OD2 . ASP B 2 79  ? 0.105   4.204   9.664   1.00 14.76 -1 91  ASP A OD2 1 
ATOM   647  N N   . ILE B 2 80  ? 0.781   6.026   4.485   1.00 10.73 ?  92  ILE A N   1 
ATOM   648  C CA  . ILE B 2 80  ? 0.987   7.131   3.593   1.00 10.33 ?  92  ILE A CA  1 
ATOM   649  C C   . ILE B 2 80  ? 0.090   7.052   2.362   1.00 10.95 ?  92  ILE A C   1 
ATOM   650  O O   . ILE B 2 80  ? -0.564  8.015   1.961   1.00 11.43 ?  92  ILE A O   1 
ATOM   651  C CB  . ILE B 2 80  ? 2.466   7.297   3.217   1.00 11.31 ?  92  ILE A CB  1 
ATOM   652  C CG1 . ILE B 2 80  ? 3.289   7.664   4.457   1.00 11.89 ?  92  ILE A CG1 1 
ATOM   653  C CG2 . ILE B 2 80  ? 2.656   8.292   2.073   1.00 13.36 ?  92  ILE A CG2 1 
ATOM   654  C CD1 . ILE B 2 80  ? 4.775   7.454   4.248   1.00 13.12 ?  92  ILE A CD1 1 
ATOM   655  N N   . GLY B 2 81  ? 0.087   5.901   1.731   1.00 10.28 ?  93  GLY A N   1 
ATOM   656  C CA  . GLY B 2 81  ? -0.572  5.789   0.423   1.00 9.44  ?  93  GLY A CA  1 
ATOM   657  C C   . GLY B 2 81  ? -2.088  5.765   0.554   1.00 10.84 ?  93  GLY A C   1 
ATOM   658  O O   . GLY B 2 81  ? -2.769  6.414   -0.235  1.00 10.31 ?  93  GLY A O   1 
ATOM   659  N N   . VAL B 2 82  ? -2.633  5.055   1.514   1.00 10.48 ?  94  VAL A N   1 
ATOM   660  C CA  . VAL B 2 82  ? -4.127  4.996   1.633   1.00 10.62 ?  94  VAL A CA  1 
ATOM   661  C C   . VAL B 2 82  ? -4.672  6.373   2.003   1.00 10.65 ?  94  VAL A C   1 
ATOM   662  O O   . VAL B 2 82  ? -5.769  6.737   1.604   1.00 10.69 ?  94  VAL A O   1 
ATOM   663  C CB  . VAL B 2 82  ? -4.541  3.889   2.608   1.00 10.51 ?  94  VAL A CB  1 
ATOM   664  C CG1 . VAL B 2 82  ? -6.058  3.923   2.864   1.00 11.46 ?  94  VAL A CG1 1 
ATOM   665  C CG2 . VAL B 2 82  ? -4.150  2.533   2.055   1.00 11.11 ?  94  VAL A CG2 1 
ATOM   666  N N   . ALA B 2 83  ? -3.915  7.174   2.785   1.00 9.57  ?  95  ALA A N   1 
ATOM   667  C CA  . ALA B 2 83  ? -4.335  8.523   3.138   1.00 10.22 ?  95  ALA A CA  1 
ATOM   668  C C   . ALA B 2 83  ? -4.507  9.425   1.911   1.00 11.70 ?  95  ALA A C   1 
ATOM   669  O O   . ALA B 2 83  ? -5.177  10.447  2.009   1.00 12.84 ?  95  ALA A O   1 
ATOM   670  C CB  . ALA B 2 83  ? -3.351  9.116   4.089   1.00 10.85 ?  95  ALA A CB  1 
ATOM   671  N N   . THR B 2 84  ? -3.910  9.085   0.763   1.00 9.36  ?  96  THR A N   1 
ATOM   672  C CA  . THR B 2 84  ? -4.087  9.849   -0.459  1.00 9.31  ?  96  THR A CA  1 
ATOM   673  C C   . THR B 2 84  ? -5.239  9.400   -1.318  1.00 9.79  ?  96  THR A C   1 
ATOM   674  O O   . THR B 2 84  ? -5.441  10.050  -2.338  1.00 10.99 ?  96  THR A O   1 
ATOM   675  C CB  . THR B 2 84  ? -2.825  9.823   -1.347  1.00 8.80  ?  96  THR A CB  1 
ATOM   676  O OG1 . THR B 2 84  ? -2.653  8.522   -1.922  1.00 9.39  ?  96  THR A OG1 1 
ATOM   677  C CG2 . THR B 2 84  ? -1.603  10.240  -0.574  1.00 9.46  ?  96  THR A CG2 1 
ATOM   678  N N   . MET B 2 85  ? -5.903  8.320   -0.966  1.00 9.09  ?  97  MET A N   1 
ATOM   679  C CA  . MET B 2 85  ? -6.882  7.701   -1.853  1.00 9.64  ?  97  MET A CA  1 
ATOM   680  C C   . MET B 2 85  ? -8.317  8.195   -1.606  1.00 10.51 ?  97  MET A C   1 
ATOM   681  O O   . MET B 2 85  ? -8.682  8.447   -0.498  1.00 11.25 ?  97  MET A O   1 
ATOM   682  C CB  . MET B 2 85  ? -6.843  6.191   -1.636  1.00 9.39  ?  97  MET A CB  1 
ATOM   683  C CG  . MET B 2 85  ? -5.543  5.558   -2.058  1.00 9.21  ?  97  MET A CG  1 
ATOM   684  S SD  . MET B 2 85  ? -5.477  3.754   -1.863  1.00 10.63 ?  97  MET A SD  1 
ATOM   685  C CE  . MET B 2 85  ? -6.478  3.246   -3.262  1.00 9.37  ?  97  MET A CE  1 
ATOM   686  N N   . LYS B 2 86  ? -9.078  8.233   -2.702  1.00 10.28 ?  98  LYS A N   1 
ATOM   687  C CA  . LYS B 2 86  ? -10.507 8.383   -2.635  1.00 11.64 ?  98  LYS A CA  1 
ATOM   688  C C   . LYS B 2 86  ? -11.194 7.030   -2.542  1.00 11.02 ?  98  LYS A C   1 
ATOM   689  O O   . LYS B 2 86  ? -10.698 6.036   -2.977  1.00 9.94  ?  98  LYS A O   1 
ATOM   690  C CB  . LYS B 2 86  ? -10.944 9.175   -3.862  1.00 14.50 ?  98  LYS A CB  1 
ATOM   691  C CG  . LYS B 2 86  ? -10.471 10.621  -3.835  1.00 18.56 ?  98  LYS A CG  1 
ATOM   692  C CD  . LYS B 2 86  ? -10.289 11.306  -5.145  1.00 26.50 ?  98  LYS A CD  1 
ATOM   693  C CE  . LYS B 2 86  ? -9.600  12.648  -4.950  1.00 23.82 ?  98  LYS A CE  1 
ATOM   694  N NZ  . LYS B 2 86  ? -8.151  12.643  -5.321  1.00 23.30 ?  98  LYS A NZ  1 
ATOM   695  N N   . LYS B 2 87  ? -12.430 7.057   -2.023  1.00 11.16 ?  99  LYS A N   1 
ATOM   696  C CA  . LYS B 2 87  ? -13.234 5.830   -2.019  1.00 11.05 ?  99  LYS A CA  1 
ATOM   697  C C   . LYS B 2 87  ? -13.451 5.397   -3.458  1.00 10.80 ?  99  LYS A C   1 
ATOM   698  O O   . LYS B 2 87  ? -13.789 6.149   -4.382  1.00 11.60 ?  99  LYS A O   1 
ATOM   699  C CB  . LYS B 2 87  ? -14.599 6.064   -1.379  1.00 12.01 ?  99  LYS A CB  1 
ATOM   700  C CG  . LYS B 2 87  ? -15.425 4.794   -1.198  1.00 12.49 ?  99  LYS A CG  1 
ATOM   701  C CD  . LYS B 2 87  ? -16.675 5.039   -0.407  1.00 15.23 ?  99  LYS A CD  1 
ATOM   702  C CE  . LYS B 2 87  ? -17.584 3.828   -0.374  1.00 17.28 ?  99  LYS A CE  1 
ATOM   703  N NZ  . LYS B 2 87  ? -18.724 4.117   0.560   1.00 20.16 ?  99  LYS A NZ  1 
ATOM   704  N N   . GLY B 2 88  ? -13.237 4.116   -3.667  1.00 10.49 ?  100 GLY A N   1 
ATOM   705  C CA  . GLY B 2 88  ? -13.405 3.583   -5.025  1.00 10.75 ?  100 GLY A CA  1 
ATOM   706  C C   . GLY B 2 88  ? -12.142 3.665   -5.880  1.00 11.37 ?  100 GLY A C   1 
ATOM   707  O O   . GLY B 2 88  ? -12.082 3.100   -6.949  1.00 12.97 ?  100 GLY A O   1 
ATOM   708  N N   . GLU B 2 89  ? -11.086 4.288   -5.358  1.00 10.32 ?  101 GLU A N   1 
ATOM   709  C CA  . GLU B 2 89  ? -9.803  4.401   -6.091  1.00 9.36  ?  101 GLU A CA  1 
ATOM   710  C C   . GLU B 2 89  ? -9.083  3.065   -6.089  1.00 9.20  ?  101 GLU A C   1 
ATOM   711  O O   . GLU B 2 89  ? -9.082  2.327   -5.069  1.00 9.95  ?  101 GLU A O   1 
ATOM   712  C CB  . GLU B 2 89  ? -8.963  5.517   -5.473  1.00 9.18  ?  101 GLU A CB  1 
ATOM   713  C CG  . GLU B 2 89  ? -7.624  5.742   -6.152  1.00 10.47 ?  101 GLU A CG  1 
ATOM   714  C CD  . GLU B 2 89  ? -6.866  6.869   -5.546  1.00 10.30 ?  101 GLU A CD  1 
ATOM   715  O OE1 . GLU B 2 89  ? -7.494  7.902   -5.243  1.00 11.15 ?  101 GLU A OE1 1 
ATOM   716  O OE2 . GLU B 2 89  ? -5.708  6.646   -5.277  1.00 15.02 -1 101 GLU A OE2 1 
ATOM   717  N N   . ILE B 2 90  ? -8.384  2.817   -7.190  1.00 8.70  ?  102 ILE A N   1 
ATOM   718  C CA  . ILE B 2 90  ? -7.374  1.718   -7.251  1.00 9.52  ?  102 ILE A CA  1 
ATOM   719  C C   . ILE B 2 90  ? -6.041  2.386   -7.585  1.00 9.72  ?  102 ILE A C   1 
ATOM   720  O O   . ILE B 2 90  ? -5.988  3.171   -8.487  1.00 9.78  ?  102 ILE A O   1 
ATOM   721  C CB  . ILE B 2 90  ? -7.696  0.637   -8.279  1.00 9.89  ?  102 ILE A CB  1 
ATOM   722  C CG1 . ILE B 2 90  ? -9.039  -0.007  -7.970  1.00 10.59 ?  102 ILE A CG1 1 
ATOM   723  C CG2 . ILE B 2 90  ? -6.577  -0.392  -8.315  1.00 11.29 ?  102 ILE A CG2 1 
ATOM   724  C CD1 . ILE B 2 90  ? -9.458  -1.040  -9.006  1.00 11.52 ?  102 ILE A CD1 1 
ATOM   725  N N   . CYS B 2 91  ? -4.998  2.090   -6.826  1.00 9.18  ?  103 CYS A N   1 
ATOM   726  C CA  . CYS B 2 91  ? -3.689  2.621   -7.104  1.00 9.03  ?  103 CYS A CA  1 
ATOM   727  C C   . CYS B 2 91  ? -2.655  1.497   -7.063  1.00 9.26  ?  103 CYS A C   1 
ATOM   728  O O   . CYS B 2 91  ? -2.894  0.376   -6.546  1.00 8.45  ?  103 CYS A O   1 
ATOM   729  C CB  . CYS B 2 91  ? -3.309  3.761   -6.162  1.00 8.48  ?  103 CYS A CB  1 
ATOM   730  S SG  . CYS B 2 91  ? -2.742  3.312   -4.514  1.00 11.39 ?  103 CYS A SG  1 
ATOM   731  N N   . HIS B 2 92  ? -1.489  1.833   -7.630  1.00 8.80  ?  104 HIS A N   1 
ATOM   732  C CA  . HIS B 2 92  ? -0.272  1.027   -7.497  1.00 8.99  ?  104 HIS A CA  1 
ATOM   733  C C   . HIS B 2 92  ? 0.709   1.793   -6.634  1.00 9.23  ?  104 HIS A C   1 
ATOM   734  O O   . HIS B 2 92  ? 0.844   3.036   -6.777  1.00 9.63  ?  104 HIS A O   1 
ATOM   735  C CB  . HIS B 2 92  ? 0.347   0.735   -8.869  1.00 9.91  ?  104 HIS A CB  1 
ATOM   736  C CG  . HIS B 2 92  ? -0.436  -0.231  -9.665  1.00 9.53  ?  104 HIS A CG  1 
ATOM   737  N ND1 . HIS B 2 92  ? -0.061  -0.629  -10.934 1.00 10.79 ?  104 HIS A ND1 1 
ATOM   738  C CD2 . HIS B 2 92  ? -1.500  -0.983  -9.319  1.00 10.16 ?  104 HIS A CD2 1 
ATOM   739  C CE1 . HIS B 2 92  ? -0.914  -1.532  -11.344 1.00 10.12 ?  104 HIS A CE1 1 
ATOM   740  N NE2 . HIS B 2 92  ? -1.780  -1.786  -10.409 1.00 10.91 ?  104 HIS A NE2 1 
ATOM   741  N N   . LEU B 2 93  ? 1.337   1.103   -5.705  1.00 10.01 ?  105 LEU A N   1 
ATOM   742  C CA  . LEU B 2 93  ? 2.377   1.659   -4.839  1.00 10.25 ?  105 LEU A CA  1 
ATOM   743  C C   . LEU B 2 93  ? 3.662   0.878   -4.952  1.00 10.47 ?  105 LEU A C   1 
ATOM   744  O O   . LEU B 2 93  ? 3.645   -0.363  -4.918  1.00 11.96 ?  105 LEU A O   1 
ATOM   745  C CB  . LEU B 2 93  ? 1.924   1.622   -3.386  1.00 12.45 ?  105 LEU A CB  1 
ATOM   746  C CG  . LEU B 2 93  ? 0.737   2.454   -2.979  1.00 13.44 ?  105 LEU A CG  1 
ATOM   747  C CD1 . LEU B 2 93  ? 0.486   2.206   -1.501  1.00 15.27 ?  105 LEU A CD1 1 
ATOM   748  C CD2 . LEU B 2 93  ? 0.998   3.934   -3.182  1.00 13.27 ?  105 LEU A CD2 1 
ATOM   749  N N   . LEU B 2 94  ? 4.783   1.573   -4.999  1.00 10.22 ?  106 LEU A N   1 
ATOM   750  C CA  . LEU B 2 94  ? 6.101   0.983   -4.959  1.00 10.60 ?  106 LEU A CA  1 
ATOM   751  C C   . LEU B 2 94  ? 6.758   1.511   -3.697  1.00 11.60 ?  106 LEU A C   1 
ATOM   752  O O   . LEU B 2 94  ? 6.934   2.735   -3.582  1.00 12.53 ?  106 LEU A O   1 
ATOM   753  C CB  . LEU B 2 94  ? 6.847   1.425   -6.190  1.00 12.32 ?  106 LEU A CB  1 
ATOM   754  C CG  . LEU B 2 94  ? 8.070   0.636   -6.667  1.00 15.27 ?  106 LEU A CG  1 
ATOM   755  C CD1 . LEU B 2 94  ? 9.257   1.035   -5.931  1.00 17.64 ?  106 LEU A CD1 1 
ATOM   756  C CD2 . LEU B 2 94  ? 7.912   -0.871  -6.692  1.00 14.26 ?  106 LEU A CD2 1 
ATOM   757  N N   . CYS B 2 95  ? 7.093   0.616   -2.781  1.00 11.20 ?  107 CYS A N   1 
ATOM   758  C CA  . CYS B 2 95  ? 7.453   0.854   -1.352  1.00 12.51 ?  107 CYS A CA  1 
ATOM   759  C C   . CYS B 2 95  ? 8.939   0.470   -1.207  1.00 13.22 ?  107 CYS A C   1 
ATOM   760  O O   . CYS B 2 95  ? 9.235   -0.726  -1.230  1.00 12.56 ?  107 CYS A O   1 
ATOM   761  C CB  . CYS B 2 95  ? 6.537   0.013   -0.424  1.00 14.06 ?  107 CYS A CB  1 
ATOM   762  S SG  . CYS B 2 95  ? 4.787   0.327   -0.863  1.00 16.95 ?  107 CYS A SG  1 
ATOM   763  N N   . LYS B 2 96  ? 9.857   1.407   -0.955  1.00 10.70 ?  108 LYS A N   1 
ATOM   764  C CA  . LYS B 2 96  ? 11.246  1.066   -0.539  1.00 11.42 ?  108 LYS A CA  1 
ATOM   765  C C   . LYS B 2 96  ? 11.232  0.524   0.884   1.00 10.91 ?  108 LYS A C   1 
ATOM   766  O O   . LYS B 2 96  ? 10.283  0.712   1.624   1.00 10.91 ?  108 LYS A O   1 
ATOM   767  C CB  . LYS B 2 96  ? 12.186  2.248   -0.719  1.00 11.95 ?  108 LYS A CB  1 
ATOM   768  C CG  . LYS B 2 96  ? 12.223  2.819   -2.123  1.00 12.71 ?  108 LYS A CG  1 
ATOM   769  C CD  . LYS B 2 96  ? 12.550  1.792   -3.199  1.00 14.49 ?  108 LYS A CD  1 
ATOM   770  C CE  . LYS B 2 96  ? 14.009  1.393   -3.177  1.00 14.80 ?  108 LYS A CE  1 
ATOM   771  N NZ  . LYS B 2 96  ? 14.300  0.322   -4.155  1.00 14.76 ?  108 LYS A NZ  1 
ATOM   772  N N   . PRO B 2 97  ? 12.246  -0.307  1.253   1.00 11.97 ?  109 PRO A N   1 
ATOM   773  C CA  . PRO B 2 97  ? 12.211  -0.981  2.547   1.00 11.85 ?  109 PRO A CA  1 
ATOM   774  C C   . PRO B 2 97  ? 12.049  -0.062  3.759   1.00 11.89 ?  109 PRO A C   1 
ATOM   775  O O   . PRO B 2 97  ? 11.502  -0.506  4.760   1.00 11.93 ?  109 PRO A O   1 
ATOM   776  C CB  . PRO B 2 97  ? 13.495  -1.830  2.582   1.00 12.99 ?  109 PRO A CB  1 
ATOM   777  C CG  . PRO B 2 97  ? 14.205  -1.628  1.311   1.00 13.98 ?  109 PRO A CG  1 
ATOM   778  C CD  . PRO B 2 97  ? 13.364  -0.749  0.413   1.00 13.06 ?  109 PRO A CD  1 
ATOM   779  N N   . GLU B 2 98  ? 12.564  1.141   3.668   1.00 10.65 ?  110 GLU A N   1 
ATOM   780  C CA  . GLU B 2 98  ? 12.435  2.090   4.798   1.00 11.23 ?  110 GLU A CA  1 
ATOM   781  C C   . GLU B 2 98  ? 10.965  2.368   5.103   1.00 12.65 ?  110 GLU A C   1 
ATOM   782  O O   . GLU B 2 98  ? 10.712  2.895   6.175   1.00 14.09 ?  110 GLU A O   1 
ATOM   783  C CB  . GLU B 2 98  ? 13.200  3.368   4.513   1.00 13.33 ?  110 GLU A CB  1 
ATOM   784  C CG  . GLU B 2 98  ? 14.704  3.175   4.368   1.00 13.68 ?  110 GLU A CG  1 
ATOM   785  C CD  . GLU B 2 98  ? 15.251  2.595   3.076   1.00 16.55 ?  110 GLU A CD  1 
ATOM   786  O OE1 . GLU B 2 98  ? 14.479  2.489   2.072   1.00 14.44 ?  110 GLU A OE1 1 
ATOM   787  O OE2 . GLU B 2 98  ? 16.483  2.270   3.028   1.00 18.89 -1 110 GLU A OE2 1 
ATOM   788  N N   . TYR B 2 99  ? 10.072  2.179   4.123   1.00 10.66 ?  111 TYR A N   1 
ATOM   789  C CA  . TYR B 2 99  ? 8.664   2.439   4.363   1.00 11.26 ?  111 TYR A CA  1 
ATOM   790  C C   . TYR B 2 99  ? 7.901   1.124   4.410   1.00 11.59 ?  111 TYR A C   1 
ATOM   791  O O   . TYR B 2 99  ? 6.667   1.102   4.306   1.00 12.69 ?  111 TYR A O   1 
ATOM   792  C CB  . TYR B 2 99  ? 8.101   3.360   3.264   1.00 11.22 ?  111 TYR A CB  1 
ATOM   793  C CG  . TYR B 2 99  ? 8.645   4.763   3.341   1.00 11.04 ?  111 TYR A CG  1 
ATOM   794  C CD1 . TYR B 2 99  ? 9.847   5.127   2.766   1.00 10.25 ?  111 TYR A CD1 1 
ATOM   795  C CD2 . TYR B 2 99  ? 7.960   5.727   4.041   1.00 12.78 ?  111 TYR A CD2 1 
ATOM   796  C CE1 . TYR B 2 99  ? 10.347  6.416   2.896   1.00 11.67 ?  111 TYR A CE1 1 
ATOM   797  C CE2 . TYR B 2 99  ? 8.414   7.016   4.129   1.00 12.56 ?  111 TYR A CE2 1 
ATOM   798  C CZ  . TYR B 2 99  ? 9.625   7.353   3.568   1.00 12.46 ?  111 TYR A CZ  1 
ATOM   799  O OH  . TYR B 2 99  ? 10.120  8.625   3.663   1.00 14.78 ?  111 TYR A OH  1 
ATOM   800  N N   . ALA B 2 100 ? 8.606   0.012   4.585   1.00 11.86 ?  112 ALA A N   1 
ATOM   801  C CA  . ALA B 2 100 ? 8.003   -1.302  4.693   1.00 12.60 ?  112 ALA A CA  1 
ATOM   802  C C   . ALA B 2 100 ? 8.655   -2.048  5.855   1.00 12.85 ?  112 ALA A C   1 
ATOM   803  O O   . ALA B 2 100 ? 8.527   -1.642  6.998   1.00 14.66 ?  112 ALA A O   1 
ATOM   804  C CB  . ALA B 2 100 ? 8.014   -2.027  3.354   1.00 12.45 ?  112 ALA A CB  1 
ATOM   805  N N   . TYR B 2 101 ? 9.366   -3.148  5.576   1.00 11.86 ?  113 TYR A N   1 
ATOM   806  C CA  . TYR B 2 101 ? 9.886   -3.975  6.677   1.00 13.93 ?  113 TYR A CA  1 
ATOM   807  C C   . TYR B 2 101 ? 11.403  -3.841  6.837   1.00 13.16 ?  113 TYR A C   1 
ATOM   808  O O   . TYR B 2 101 ? 11.993  -4.576  7.672   1.00 13.80 ?  113 TYR A O   1 
ATOM   809  C CB  . TYR B 2 101 ? 9.488   -5.427  6.468   1.00 14.81 ?  113 TYR A CB  1 
ATOM   810  C CG  . TYR B 2 101 ? 8.010   -5.639  6.638   1.00 13.96 ?  113 TYR A CG  1 
ATOM   811  C CD1 . TYR B 2 101 ? 7.469   -5.733  7.908   1.00 15.61 ?  113 TYR A CD1 1 
ATOM   812  C CD2 . TYR B 2 101 ? 7.173   -5.742  5.554   1.00 15.81 ?  113 TYR A CD2 1 
ATOM   813  C CE1 . TYR B 2 101 ? 6.109   -5.877  8.092   1.00 18.16 ?  113 TYR A CE1 1 
ATOM   814  C CE2 . TYR B 2 101 ? 5.799   -5.875  5.726   1.00 16.71 ?  113 TYR A CE2 1 
ATOM   815  C CZ  . TYR B 2 101 ? 5.278   -5.963  6.998   1.00 17.15 ?  113 TYR A CZ  1 
ATOM   816  O OH  . TYR B 2 101 ? 3.917   -6.111  7.209   1.00 23.28 ?  113 TYR A OH  1 
ATOM   817  N N   . GLY B 2 102 ? 12.074  -2.903  6.184   1.00 12.95 ?  114 GLY A N   1 
ATOM   818  C CA  . GLY B 2 102 ? 13.453  -2.569  6.464   1.00 13.11 ?  114 GLY A CA  1 
ATOM   819  C C   . GLY B 2 102 ? 14.357  -3.774  6.378   1.00 12.18 ?  114 GLY A C   1 
ATOM   820  O O   . GLY B 2 102 ? 14.157  -4.626  5.526   1.00 13.10 ?  114 GLY A O   1 
ATOM   821  N N   . SER B 2 103 ? 15.397  -3.743  7.183   1.00 11.74 ?  115 SER A N   1 
ATOM   822  C CA  . SER B 2 103 ? 16.371  -4.855  7.203   1.00 12.14 ?  115 SER A CA  1 
ATOM   823  C C   . SER B 2 103 ? 15.750  -6.091  7.875   1.00 11.48 ?  115 SER A C   1 
ATOM   824  O O   . SER B 2 103 ? 16.267  -7.183  7.691   1.00 11.61 ?  115 SER A O   1 
ATOM   825  C CB  . SER B 2 103 ? 17.627  -4.457  7.893   1.00 12.04 ?  115 SER A CB  1 
ATOM   826  O OG  . SER B 2 103 ? 17.385  -3.783  9.110   1.00 12.56 ?  115 SER A OG  1 
ATOM   827  N N   . ALA B 2 104 ? 14.718  -5.951  8.707   1.00 11.36 ?  116 ALA A N   1 
ATOM   828  C CA  . ALA B 2 104 ? 14.137  -7.110  9.424   1.00 12.49 ?  116 ALA A CA  1 
ATOM   829  C C   . ALA B 2 104 ? 13.480  -8.090  8.481   1.00 13.05 ?  116 ALA A C   1 
ATOM   830  O O   . ALA B 2 104 ? 13.561  -9.307  8.657   1.00 15.46 ?  116 ALA A O   1 
ATOM   831  C CB  . ALA B 2 104 ? 13.152  -6.644  10.450  1.00 14.24 ?  116 ALA A CB  1 
ATOM   832  N N   . GLY B 2 105 ? 12.774  -7.572  7.478   1.00 12.20 ?  117 GLY A N   1 
ATOM   833  C CA  . GLY B 2 105 ? 11.846  -8.418  6.738   1.00 14.06 ?  117 GLY A CA  1 
ATOM   834  C C   . GLY B 2 105 ? 10.631  -8.804  7.583   1.00 14.87 ?  117 GLY A C   1 
ATOM   835  O O   . GLY B 2 105 ? 10.401  -8.284  8.671   1.00 15.68 ?  117 GLY A O   1 
ATOM   836  N N   . SER B 2 106 ? 9.876   -9.735  7.042   1.00 15.30 ?  118 SER A N   1 
ATOM   837  C CA  . SER B 2 106 ? 8.661   -10.258 7.702   1.00 16.07 ?  118 SER A CA  1 
ATOM   838  C C   . SER B 2 106 ? 8.504   -11.719 7.296   1.00 18.88 ?  118 SER A C   1 
ATOM   839  O O   . SER B 2 106 ? 8.129   -11.993 6.195   1.00 18.69 ?  118 SER A O   1 
ATOM   840  C CB  . SER B 2 106 ? 7.470   -9.455  7.351   1.00 18.08 ?  118 SER A CB  1 
ATOM   841  O OG  . SER B 2 106 ? 6.405   -9.819  8.181   1.00 19.81 ?  118 SER A OG  1 
ATOM   842  N N   . LEU B 2 107 ? 8.847   -12.600 8.233   1.00 21.77 ?  119 LEU A N   1 
ATOM   843  C CA  . LEU B 2 107 ? 8.746   -14.051 8.016   1.00 25.48 ?  119 LEU A CA  1 
ATOM   844  C C   . LEU B 2 107 ? 7.267   -14.414 7.905   1.00 27.47 ?  119 LEU A C   1 
ATOM   845  O O   . LEU B 2 107 ? 6.463   -13.829 8.602   1.00 34.35 ?  119 LEU A O   1 
ATOM   846  C CB  . LEU B 2 107 ? 9.451   -14.776 9.170   1.00 27.71 ?  119 LEU A CB  1 
ATOM   847  N N   . PRO B 2 108 ? 6.901   -15.346 7.013   1.00 29.10 ?  120 PRO A N   1 
ATOM   848  C CA  . PRO B 2 108 ? 7.878   -15.958 6.145   1.00 28.04 ?  120 PRO A CA  1 
ATOM   849  C C   . PRO B 2 108 ? 8.049   -15.484 4.705   1.00 24.47 ?  120 PRO A C   1 
ATOM   850  O O   . PRO B 2 108 ? 8.875   -16.011 4.097   1.00 29.22 ?  120 PRO A O   1 
ATOM   851  C CB  . PRO B 2 108 ? 7.285   -17.341 5.898   1.00 30.64 ?  120 PRO A CB  1 
ATOM   852  C CG  . PRO B 2 108 ? 5.833   -17.110 5.955   1.00 31.42 ?  120 PRO A CG  1 
ATOM   853  C CD  . PRO B 2 108 ? 5.637   -16.046 7.004   1.00 31.34 ?  120 PRO A CD  1 
ATOM   854  N N   . LYS B 2 109 ? 7.299   -14.496 4.236   1.00 27.10 ?  121 LYS A N   1 
ATOM   855  C CA  . LYS B 2 109 ? 7.418   -14.256 2.779   1.00 26.61 ?  121 LYS A CA  1 
ATOM   856  C C   . LYS B 2 109 ? 8.283   -13.051 2.417   1.00 23.10 ?  121 LYS A C   1 
ATOM   857  O O   . LYS B 2 109 ? 8.766   -13.043 1.314   1.00 25.03 ?  121 LYS A O   1 
ATOM   858  C CB  . LYS B 2 109 ? 6.046   -14.106 2.121   1.00 32.92 ?  121 LYS A CB  1 
ATOM   859  N N   . ILE B 2 110 ? 8.560   -12.162 3.359   1.00 18.60 ?  122 ILE A N   1 
ATOM   860  C CA  . ILE B 2 110 ? 9.256   -10.922 2.940   1.00 16.06 ?  122 ILE A CA  1 
ATOM   861  C C   . ILE B 2 110 ? 10.711  -10.921 3.395   1.00 12.08 ?  122 ILE A C   1 
ATOM   862  O O   . ILE B 2 110 ? 10.953  -10.915 4.561   1.00 14.26 ?  122 ILE A O   1 
ATOM   863  C CB  . ILE B 2 110 ? 8.460   -9.696  3.404   1.00 15.69 ?  122 ILE A CB  1 
ATOM   864  C CG1 . ILE B 2 110 ? 7.046   -9.752  2.817   1.00 17.04 ?  122 ILE A CG1 1 
ATOM   865  C CG2 . ILE B 2 110 ? 9.183   -8.390  3.060   1.00 15.21 ?  122 ILE A CG2 1 
ATOM   866  C CD1 . ILE B 2 110 ? 6.191   -8.674  3.341   1.00 18.90 ?  122 ILE A CD1 1 
ATOM   867  N N   . PRO B 2 111 ? 11.653  -10.858 2.449   1.00 11.69 ?  123 PRO A N   1 
ATOM   868  C CA  . PRO B 2 111 ? 13.073  -10.876 2.801   1.00 12.17 ?  123 PRO A CA  1 
ATOM   869  C C   . PRO B 2 111 ? 13.502  -9.529  3.379   1.00 11.96 ?  123 PRO A C   1 
ATOM   870  O O   . PRO B 2 111 ? 12.809  -8.532  3.322   1.00 11.84 ?  123 PRO A O   1 
ATOM   871  C CB  . PRO B 2 111 ? 13.783  -11.184 1.515   1.00 13.86 ?  123 PRO A CB  1 
ATOM   872  C CG  . PRO B 2 111 ? 12.846  -10.753 0.459   1.00 16.45 ?  123 PRO A CG  1 
ATOM   873  C CD  . PRO B 2 111 ? 11.440  -10.794 0.999   1.00 13.01 ?  123 PRO A CD  1 
ATOM   874  N N   . SER B 2 112 ? 14.696  -9.517  3.968   1.00 10.90 ?  124 SER A N   1 
ATOM   875  C CA  . SER B 2 112 ? 15.369  -8.328  4.345   1.00 10.10 ?  124 SER A CA  1 
ATOM   876  C C   . SER B 2 112 ? 15.532  -7.414  3.131   1.00 10.86 ?  124 SER A C   1 
ATOM   877  O O   . SER B 2 112 ? 15.791  -7.849  2.026   1.00 12.99 ?  124 SER A O   1 
ATOM   878  C CB  . SER B 2 112 ? 16.731  -8.731  4.945   1.00 10.96 ?  124 SER A CB  1 
ATOM   879  O OG  . SER B 2 112 ? 17.497  -7.600  5.305   1.00 12.62 ?  124 SER A OG  1 
ATOM   880  N N   . ASN B 2 113 ? 15.435  -6.102  3.384   1.00 10.33 ?  125 ASN A N   1 
ATOM   881  C CA  . ASN B 2 113 ? 15.784  -5.080  2.430   1.00 10.68 ?  125 ASN A CA  1 
ATOM   882  C C   . ASN B 2 113 ? 14.907  -5.194  1.175   1.00 10.85 ?  125 ASN A C   1 
ATOM   883  O O   . ASN B 2 113 ? 15.371  -4.894  0.076   1.00 12.67 ?  125 ASN A O   1 
ATOM   884  C CB  . ASN B 2 113 ? 17.263  -5.113  2.050   1.00 11.06 ?  125 ASN A CB  1 
ATOM   885  C CG  . ASN B 2 113 ? 18.152  -4.957  3.256   1.00 13.86 ?  125 ASN A CG  1 
ATOM   886  O OD1 . ASN B 2 113 ? 17.847  -4.187  4.184   1.00 15.38 ?  125 ASN A OD1 1 
ATOM   887  N ND2 . ASN B 2 113 ? 19.287  -5.669  3.232   1.00 13.94 ?  125 ASN A ND2 1 
ATOM   888  N N   . ALA B 2 114 ? 13.634  -5.467  1.392   1.00 11.26 ?  126 ALA A N   1 
ATOM   889  C CA  . ALA B 2 114 ? 12.702  -5.755  0.229   1.00 11.14 ?  126 ALA A CA  1 
ATOM   890  C C   . ALA B 2 114 ? 11.976  -4.493  -0.204  1.00 11.08 ?  126 ALA A C   1 
ATOM   891  O O   . ALA B 2 114 ? 11.252  -3.885  0.578   1.00 11.89 ?  126 ALA A O   1 
ATOM   892  C CB  . ALA B 2 114 ? 11.717  -6.804  0.614   1.00 10.09 ?  126 ALA A CB  1 
ATOM   893  N N   . THR B 2 115 ? 12.083  -4.194  -1.501  1.00 10.49 ?  127 THR A N   1 
ATOM   894  C CA  . THR B 2 115 ? 11.176  -3.252  -2.157  1.00 10.78 ?  127 THR A CA  1 
ATOM   895  C C   . THR B 2 115 ? 9.892   -3.996  -2.545  1.00 12.24 ?  127 THR A C   1 
ATOM   896  O O   . THR B 2 115 ? 9.985   -5.117  -3.120  1.00 12.28 ?  127 THR A O   1 
ATOM   897  C CB  . THR B 2 115 ? 11.907  -2.624  -3.333  1.00 11.48 ?  127 THR A CB  1 
ATOM   898  O OG1 . THR B 2 115 ? 12.964  -1.816  -2.888  1.00 11.77 ?  127 THR A OG1 1 
ATOM   899  C CG2 . THR B 2 115 ? 10.997  -1.746  -4.147  1.00 11.09 ?  127 THR A CG2 1 
ATOM   900  N N   . LEU B 2 116 ? 8.733   -3.407  -2.259  1.00 10.94 ?  128 LEU A N   1 
ATOM   901  C CA  . LEU B 2 116 ? 7.448   -4.103  -2.431  1.00 11.59 ?  128 LEU A CA  1 
ATOM   902  C C   . LEU B 2 116 ? 6.553   -3.339  -3.410  1.00 10.42 ?  128 LEU A C   1 
ATOM   903  O O   . LEU B 2 116 ? 6.548   -2.099  -3.458  1.00 10.45 ?  128 LEU A O   1 
ATOM   904  C CB  . LEU B 2 116 ? 6.731   -4.263  -1.102  1.00 12.46 ?  128 LEU A CB  1 
ATOM   905  C CG  . LEU B 2 116 ? 7.543   -4.900  0.029   1.00 14.27 ?  128 LEU A CG  1 
ATOM   906  C CD1 . LEU B 2 116 ? 6.734   -4.875  1.313   1.00 15.40 ?  128 LEU A CD1 1 
ATOM   907  C CD2 . LEU B 2 116 ? 7.946   -6.317  -0.356  1.00 14.61 ?  128 LEU A CD2 1 
ATOM   908  N N   . PHE B 2 117 ? 5.820   -4.088  -4.210  1.00 10.39 ?  129 PHE A N   1 
ATOM   909  C CA  . PHE B 2 117 ? 4.787   -3.560  -5.052  1.00 9.56  ?  129 PHE A CA  1 
ATOM   910  C C   . PHE B 2 117 ? 3.410   -3.931  -4.492  1.00 9.84  ?  129 PHE A C   1 
ATOM   911  O O   . PHE B 2 117 ? 3.174   -5.100  -4.190  1.00 10.40 ?  129 PHE A O   1 
ATOM   912  C CB  . PHE B 2 117 ? 4.897   -4.119  -6.460  1.00 10.02 ?  129 PHE A CB  1 
ATOM   913  C CG  . PHE B 2 117 ? 3.748   -3.858  -7.377  1.00 10.73 ?  129 PHE A CG  1 
ATOM   914  C CD1 . PHE B 2 117 ? 3.680   -2.683  -8.078  1.00 11.16 ?  129 PHE A CD1 1 
ATOM   915  C CD2 . PHE B 2 117 ? 2.745   -4.797  -7.553  1.00 12.12 ?  129 PHE A CD2 1 
ATOM   916  C CE1 . PHE B 2 117 ? 2.643   -2.423  -8.957  1.00 11.16 ?  129 PHE A CE1 1 
ATOM   917  C CE2 . PHE B 2 117 ? 1.679   -4.512  -8.405  1.00 12.58 ?  129 PHE A CE2 1 
ATOM   918  C CZ  . PHE B 2 117 ? 1.615   -3.322  -9.071  1.00 12.22 ?  129 PHE A CZ  1 
ATOM   919  N N   . PHE B 2 118 ? 2.459   -3.008  -4.496  1.00 9.12  ?  130 PHE A N   1 
ATOM   920  C CA  . PHE B 2 118 ? 1.106   -3.330  -4.183  1.00 9.99  ?  130 PHE A CA  1 
ATOM   921  C C   . PHE B 2 118 ? 0.145   -2.699  -5.188  1.00 10.40 ?  130 PHE A C   1 
ATOM   922  O O   . PHE B 2 118 ? 0.347   -1.584  -5.627  1.00 10.30 ?  130 PHE A O   1 
ATOM   923  C CB  . PHE B 2 118 ? 0.697   -2.786  -2.819  1.00 11.14 ?  130 PHE A CB  1 
ATOM   924  C CG  . PHE B 2 118 ? 1.481   -3.330  -1.670  1.00 12.44 ?  130 PHE A CG  1 
ATOM   925  C CD1 . PHE B 2 118 ? 1.053   -4.517  -1.114  1.00 14.68 ?  130 PHE A CD1 1 
ATOM   926  C CD2 . PHE B 2 118 ? 2.626   -2.711  -1.196  1.00 14.22 ?  130 PHE A CD2 1 
ATOM   927  C CE1 . PHE B 2 118 ? 1.696   -5.016  0.008   1.00 16.59 ?  130 PHE A CE1 1 
ATOM   928  C CE2 . PHE B 2 118 ? 3.293   -3.245  -0.114  1.00 14.40 ?  130 PHE A CE2 1 
ATOM   929  C CZ  . PHE B 2 118 ? 2.850   -4.415  0.446   1.00 15.89 ?  130 PHE A CZ  1 
ATOM   930  N N   . GLU B 2 119 ? -0.968  -3.407  -5.394  1.00 10.61 ?  131 GLU A N   1 
ATOM   931  C CA  . GLU B 2 119 ? -2.166  -2.810  -5.946  1.00 10.22 ?  131 GLU A CA  1 
ATOM   932  C C   . GLU B 2 119 ? -3.208  -2.743  -4.839  1.00 11.00 ?  131 GLU A C   1 
ATOM   933  O O   . GLU B 2 119 ? -3.426  -3.748  -4.161  1.00 12.59 ?  131 GLU A O   1 
ATOM   934  C CB  . GLU B 2 119 ? -2.699  -3.653  -7.101  1.00 12.46 ?  131 GLU A CB  1 
ATOM   935  C CG  . GLU B 2 119 ? -4.015  -3.120  -7.635  1.00 13.42 ?  131 GLU A CG  1 
ATOM   936  C CD  . GLU B 2 119 ? -4.492  -3.810  -8.893  1.00 17.11 ?  131 GLU A CD  1 
ATOM   937  O OE1 . GLU B 2 119 ? -3.822  -3.688  -9.952  1.00 17.54 ?  131 GLU A OE1 1 
ATOM   938  O OE2 . GLU B 2 119 ? -5.517  -4.519  -8.803  1.00 26.08 -1 131 GLU A OE2 1 
ATOM   939  N N   . ILE B 2 120 ? -3.764  -1.561  -4.576  1.00 9.68  ?  132 ILE A N   1 
ATOM   940  C CA  . ILE B 2 120 ? -4.678  -1.345  -3.472  1.00 11.09 ?  132 ILE A CA  1 
ATOM   941  C C   . ILE B 2 120 ? -5.961  -0.720  -4.026  1.00 10.20 ?  132 ILE A C   1 
ATOM   942  O O   . ILE B 2 120 ? -5.887  0.271   -4.757  1.00 9.82  ?  132 ILE A O   1 
ATOM   943  C CB  . ILE B 2 120 ? -4.070  -0.450  -2.389  1.00 12.62 ?  132 ILE A CB  1 
ATOM   944  C CG1 . ILE B 2 120 ? -2.783  -1.081  -1.859  1.00 14.15 ?  132 ILE A CG1 1 
ATOM   945  C CG2 . ILE B 2 120 ? -5.079  -0.187  -1.281  1.00 12.36 ?  132 ILE A CG2 1 
ATOM   946  C CD1 . ILE B 2 120 ? -2.133  -0.308  -0.722  1.00 17.82 ?  132 ILE A CD1 1 
ATOM   947  N N   . GLU B 2 121 ? -7.114  -1.232  -3.555  1.00 10.04 ?  133 GLU A N   1 
ATOM   948  C CA  . GLU B 2 121 ? -8.430  -0.657  -3.794  1.00 11.28 ?  133 GLU A CA  1 
ATOM   949  C C   . GLU B 2 121 ? -8.988  -0.196  -2.456  1.00 10.22 ?  133 GLU A C   1 
ATOM   950  O O   . GLU B 2 121 ? -9.052  -0.992  -1.511  1.00 10.96 ?  133 GLU A O   1 
ATOM   951  C CB  . GLU B 2 121 ? -9.391  -1.686  -4.405  1.00 10.84 ?  133 GLU A CB  1 
ATOM   952  C CG  . GLU B 2 121 ? -10.770 -1.132  -4.654  1.00 12.72 ?  133 GLU A CG  1 
ATOM   953  C CD  . GLU B 2 121 ? -11.703 -2.116  -5.354  1.00 13.78 ?  133 GLU A CD  1 
ATOM   954  O OE1 . GLU B 2 121 ? -11.372 -3.345  -5.332  1.00 16.33 ?  133 GLU A OE1 1 
ATOM   955  O OE2 . GLU B 2 121 ? -12.807 -1.660  -5.702  1.00 14.34 -1 133 GLU A OE2 1 
ATOM   956  N N   . LEU B 2 122 ? -9.344  1.092   -2.396  1.00 9.34  ?  134 LEU A N   1 
ATOM   957  C CA  . LEU B 2 122 ? -9.956  1.594   -1.193  1.00 9.94  ?  134 LEU A CA  1 
ATOM   958  C C   . LEU B 2 122 ? -11.470 1.390   -1.292  1.00 10.40 ?  134 LEU A C   1 
ATOM   959  O O   . LEU B 2 122 ? -12.178 2.048   -2.105  1.00 10.27 ?  134 LEU A O   1 
ATOM   960  C CB  . LEU B 2 122 ? -9.602  3.060   -0.937  1.00 9.43  ?  134 LEU A CB  1 
ATOM   961  C CG  . LEU B 2 122 ? -10.271 3.685   0.287   1.00 10.35 ?  134 LEU A CG  1 
ATOM   962  C CD1 . LEU B 2 122 ? -9.896  2.907   1.536   1.00 11.37 ?  134 LEU A CD1 1 
ATOM   963  C CD2 . LEU B 2 122 ? -9.894  5.147   0.460   1.00 11.27 ?  134 LEU A CD2 1 
ATOM   964  N N   . LEU B 2 123 ? -12.000 0.443   -0.532  1.00 10.74 ?  135 LEU A N   1 
ATOM   965  C CA  . LEU B 2 123 ? -13.401 0.080   -0.666  1.00 11.02 ?  135 LEU A CA  1 
ATOM   966  C C   . LEU B 2 123 ? -14.288 1.048   0.081   1.00 11.08 ?  135 LEU A C   1 
ATOM   967  O O   . LEU B 2 123 ? -15.414 1.331   -0.388  1.00 12.70 ?  135 LEU A O   1 
ATOM   968  C CB  . LEU B 2 123 ? -13.595 -1.344  -0.144  1.00 11.44 ?  135 LEU A CB  1 
ATOM   969  C CG  . LEU B 2 123 ? -12.746 -2.416  -0.811  1.00 12.21 ?  135 LEU A CG  1 
ATOM   970  C CD1 . LEU B 2 123 ? -12.764 -3.655  0.049   1.00 12.76 ?  135 LEU A CD1 1 
ATOM   971  C CD2 . LEU B 2 123 ? -13.243 -2.703  -2.230  1.00 13.98 ?  135 LEU A CD2 1 
ATOM   972  N N   . ASP B 2 124 ? -13.864 1.438   1.255   1.00 10.91 ?  136 ASP A N   1 
ATOM   973  C CA  . ASP B 2 124 ? -14.716 2.314   2.080   1.00 12.66 ?  136 ASP A CA  1 
ATOM   974  C C   . ASP B 2 124 ? -13.875 2.861   3.230   1.00 12.58 ?  136 ASP A C   1 
ATOM   975  O O   . ASP B 2 124 ? -12.854 2.337   3.502   1.00 11.80 ?  136 ASP A O   1 
ATOM   976  C CB  . ASP B 2 124 ? -15.854 1.471   2.683   1.00 13.54 ?  136 ASP A CB  1 
ATOM   977  C CG  . ASP B 2 124 ? -17.066 2.235   3.184   1.00 15.90 ?  136 ASP A CG  1 
ATOM   978  O OD1 . ASP B 2 124 ? -17.105 3.401   2.993   1.00 15.38 ?  136 ASP A OD1 1 
ATOM   979  O OD2 . ASP B 2 124 ? -17.926 1.593   3.743   1.00 19.92 -1 136 ASP A OD2 1 
ATOM   980  N N   . PHE B 2 125 ? -14.387 3.909   3.853   1.00 12.11 ?  137 PHE A N   1 
ATOM   981  C CA  . PHE B 2 125 ? -13.769 4.474   5.067   1.00 13.48 ?  137 PHE A CA  1 
ATOM   982  C C   . PHE B 2 125 ? -14.896 5.052   5.929   1.00 13.49 ?  137 PHE A C   1 
ATOM   983  O O   . PHE B 2 125 ? -15.824 5.558   5.388   1.00 14.15 ?  137 PHE A O   1 
ATOM   984  C CB  . PHE B 2 125 ? -12.628 5.435   4.737   1.00 13.60 ?  137 PHE A CB  1 
ATOM   985  C CG  . PHE B 2 125 ? -12.964 6.689   3.990   1.00 13.88 ?  137 PHE A CG  1 
ATOM   986  C CD1 . PHE B 2 125 ? -13.350 7.827   4.651   1.00 13.83 ?  137 PHE A CD1 1 
ATOM   987  C CD2 . PHE B 2 125 ? -12.850 6.727   2.619   1.00 16.32 ?  137 PHE A CD2 1 
ATOM   988  C CE1 . PHE B 2 125 ? -13.599 8.989   3.958   1.00 15.48 ?  137 PHE A CE1 1 
ATOM   989  C CE2 . PHE B 2 125 ? -13.109 7.885   1.923   1.00 15.79 ?  137 PHE A CE2 1 
ATOM   990  C CZ  . PHE B 2 125 ? -13.462 9.013   2.601   1.00 15.88 ?  137 PHE A CZ  1 
ATOM   991  N N   . LYS B 2 126 ? -14.776 4.874   7.236   1.00 14.72 ?  138 LYS A N   1 
ATOM   992  C CA  . LYS B 2 126 ? -15.795 5.370   8.180   1.00 16.96 ?  138 LYS A CA  1 
ATOM   993  C C   . LYS B 2 126 ? -15.090 5.799   9.467   1.00 16.92 ?  138 LYS A C   1 
ATOM   994  O O   . LYS B 2 126 ? -14.154 5.201   9.842   1.00 16.77 ?  138 LYS A O   1 
ATOM   995  C CB  . LYS B 2 126 ? -16.782 4.223   8.476   1.00 23.36 ?  138 LYS A CB  1 
ATOM   996  N N   . GLY B 2 127 ? -15.587 6.853   10.085  1.00 18.82 ?  139 GLY A N   1 
ATOM   997  C CA  . GLY B 2 127 ? -15.067 7.222   11.413  1.00 19.82 ?  139 GLY A CA  1 
ATOM   998  C C   . GLY B 2 127 ? -15.617 6.264   12.453  1.00 25.23 ?  139 GLY A C   1 
ATOM   999  O O   . GLY B 2 127 ? -16.746 5.811   12.218  1.00 26.97 ?  139 GLY A O   1 
HETATM 1000 O O   . HOH C 3 .   ? 1.093   -3.503  6.021   1.00 27.55 ?  101 HOH B O   1 
HETATM 1001 O O   . HOH D 3 .   ? -12.563 -15.159 -4.755  1.00 23.74 ?  201 HOH A O   1 
HETATM 1002 O O   . HOH D 3 .   ? -5.964  11.353  4.426   1.00 17.99 ?  202 HOH A O   1 
HETATM 1003 O O   . HOH D 3 .   ? 0.257   14.976  -9.957  1.00 27.96 ?  203 HOH A O   1 
HETATM 1004 O O   . HOH D 3 .   ? -13.855 9.588   -1.695  1.00 15.27 ?  204 HOH A O   1 
HETATM 1005 O O   . HOH D 3 .   ? 1.148   11.697  0.650   1.00 16.47 ?  205 HOH A O   1 
HETATM 1006 O O   . HOH D 3 .   ? 10.899  -7.588  -2.753  1.00 13.93 ?  206 HOH A O   1 
HETATM 1007 O O   . HOH D 3 .   ? 19.797  -2.780  5.344   1.00 19.14 ?  207 HOH A O   1 
HETATM 1008 O O   . HOH D 3 .   ? -14.177 -2.584  -7.807  1.00 16.90 ?  208 HOH A O   1 
HETATM 1009 O O   . HOH D 3 .   ? 2.920   13.905  -4.753  1.00 19.56 ?  209 HOH A O   1 
HETATM 1010 O O   . HOH D 3 .   ? 3.026   9.413   -11.891 1.00 13.15 ?  210 HOH A O   1 
HETATM 1011 O O   . HOH D 3 .   ? -12.194 12.483  5.688   1.00 14.10 ?  211 HOH A O   1 
HETATM 1012 O O   . HOH D 3 .   ? 12.044  7.128   -14.731 1.00 30.10 ?  212 HOH A O   1 
HETATM 1013 O O   . HOH D 3 .   ? -13.526 10.720  7.343   1.00 16.69 ?  213 HOH A O   1 
HETATM 1014 O O   . HOH D 3 .   ? -12.579 -11.903 -3.308  1.00 22.96 ?  214 HOH A O   1 
HETATM 1015 O O   . HOH D 3 .   ? -5.706  12.690  -2.898  1.00 24.96 ?  215 HOH A O   1 
HETATM 1016 O O   . HOH D 3 .   ? -2.350  2.346   10.762  1.00 14.05 ?  216 HOH A O   1 
HETATM 1017 O O   . HOH D 3 .   ? 8.650   2.884   -17.909 1.00 20.22 ?  217 HOH A O   1 
HETATM 1018 O O   . HOH D 3 .   ? 15.926  -8.589  -0.590  1.00 20.13 ?  218 HOH A O   1 
HETATM 1019 O O   . HOH D 3 .   ? -6.119  10.245  -5.060  1.00 15.30 ?  219 HOH A O   1 
HETATM 1020 O O   . HOH D 3 .   ? 9.043   8.683   -11.323 1.00 15.62 ?  220 HOH A O   1 
HETATM 1021 O O   . HOH D 3 .   ? -12.448 11.620  -8.095  1.00 23.43 ?  221 HOH A O   1 
HETATM 1022 O O   . HOH D 3 .   ? 12.229  -5.913  4.092   1.00 12.44 ?  222 HOH A O   1 
HETATM 1023 O O   . HOH D 3 .   ? 16.436  -1.852  4.283   1.00 20.06 ?  223 HOH A O   1 
HETATM 1024 O O   . HOH D 3 .   ? 10.909  13.227  -5.201  1.00 15.52 ?  224 HOH A O   1 
HETATM 1025 O O   . HOH D 3 .   ? -0.106  10.561  2.858   1.00 13.97 ?  225 HOH A O   1 
HETATM 1026 O O   . HOH D 3 .   ? 15.822  2.017   -0.272  1.00 21.46 ?  226 HOH A O   1 
HETATM 1027 O O   . HOH D 3 .   ? -2.127  7.579   7.437   1.00 15.65 ?  227 HOH A O   1 
HETATM 1028 O O   . HOH D 3 .   ? 15.266  -2.849  -1.784  1.00 15.03 ?  228 HOH A O   1 
HETATM 1029 O O   . HOH D 3 .   ? -8.952  8.858   -7.379  1.00 14.46 ?  229 HOH A O   1 
HETATM 1030 O O   . HOH D 3 .   ? 12.202  4.827   -8.872  1.00 14.44 ?  230 HOH A O   1 
HETATM 1031 O O   . HOH D 3 .   ? -0.392  9.561   11.796  1.00 16.12 ?  231 HOH A O   1 
HETATM 1032 O O   . HOH D 3 .   ? 0.568   0.067   -14.720 1.00 21.03 ?  232 HOH A O   1 
HETATM 1033 O O   . HOH D 3 .   ? 10.699  -15.669 -8.294  1.00 25.21 ?  233 HOH A O   1 
HETATM 1034 O O   . HOH D 3 .   ? -9.750  -18.004 -3.274  1.00 24.34 ?  234 HOH A O   1 
HETATM 1035 O O   . HOH D 3 .   ? -5.523  3.973   -15.558 1.00 14.04 ?  235 HOH A O   1 
HETATM 1036 O O   . HOH D 3 .   ? -15.983 -10.937 3.331   1.00 15.39 ?  236 HOH A O   1 
HETATM 1037 O O   . HOH D 3 .   ? -14.632 8.424   -10.603 1.00 24.84 ?  237 HOH A O   1 
HETATM 1038 O O   . HOH D 3 .   ? 2.057   0.329   -12.500 1.00 12.17 ?  238 HOH A O   1 
HETATM 1039 O O   . HOH D 3 .   ? -5.224  8.122   -13.025 1.00 18.51 ?  239 HOH A O   1 
HETATM 1040 O O   . HOH D 3 .   ? -6.226  12.898  8.503   1.00 12.23 ?  240 HOH A O   1 
HETATM 1041 O O   . HOH D 3 .   ? 10.173  -4.399  3.131   1.00 12.82 ?  241 HOH A O   1 
HETATM 1042 O O   . HOH D 3 .   ? 6.968   0.522   7.932   1.00 16.43 ?  242 HOH A O   1 
HETATM 1043 O O   . HOH D 3 .   ? -17.537 11.930  4.951   1.00 26.15 ?  243 HOH A O   1 
HETATM 1044 O O   . HOH D 3 .   ? -13.587 -5.085  -5.069  1.00 20.62 ?  244 HOH A O   1 
HETATM 1045 O O   . HOH D 3 .   ? 5.553   10.813  4.023   1.00 14.36 ?  245 HOH A O   1 
HETATM 1046 O O   . HOH D 3 .   ? -2.689  10.667  -5.718  1.00 19.48 ?  246 HOH A O   1 
HETATM 1047 O O   . HOH D 3 .   ? -13.068 5.885   -12.612 1.00 16.50 ?  247 HOH A O   1 
HETATM 1048 O O   . HOH D 3 .   ? 7.134   9.781   -18.744 1.00 20.29 ?  248 HOH A O   1 
HETATM 1049 O O   . HOH D 3 .   ? 8.418   10.831  4.295   1.00 14.95 ?  249 HOH A O   1 
HETATM 1050 O O   . HOH D 3 .   ? 14.399  6.853   -6.924  1.00 22.53 ?  250 HOH A O   1 
HETATM 1051 O O   . HOH D 3 .   ? 6.608   14.176  -6.130  1.00 14.61 ?  251 HOH A O   1 
HETATM 1052 O O   . HOH D 3 .   ? 0.018   9.261   -8.569  1.00 20.96 ?  252 HOH A O   1 
HETATM 1053 O O   . HOH D 3 .   ? 13.348  1.235   -6.717  1.00 14.46 ?  253 HOH A O   1 
HETATM 1054 O O   . HOH D 3 .   ? -1.333  8.863   -10.966 1.00 14.28 ?  254 HOH A O   1 
HETATM 1055 O O   . HOH D 3 .   ? 17.426  -0.361  2.306   1.00 25.18 ?  255 HOH A O   1 
HETATM 1056 O O   . HOH D 3 .   ? -8.723  1.085   -14.168 1.00 17.51 ?  256 HOH A O   1 
HETATM 1057 O O   . HOH D 3 .   ? 13.735  -5.630  -3.410  1.00 14.00 ?  257 HOH A O   1 
HETATM 1058 O O   . HOH D 3 .   ? 2.196   -6.517  -14.505 1.00 23.56 ?  258 HOH A O   1 
HETATM 1059 O O   . HOH D 3 .   ? -8.694  -7.156  8.405   1.00 23.52 ?  259 HOH A O   1 
HETATM 1060 O O   . HOH D 3 .   ? 10.377  12.341  -7.751  1.00 15.34 ?  260 HOH A O   1 
HETATM 1061 O O   . HOH D 3 .   ? 6.929   -1.810  -17.736 1.00 18.57 ?  261 HOH A O   1 
HETATM 1062 O O   . HOH D 3 .   ? 13.228  5.017   1.207   1.00 21.27 ?  262 HOH A O   1 
HETATM 1063 O O   . HOH D 3 .   ? -6.446  -4.881  -5.139  1.00 22.76 ?  263 HOH A O   1 
HETATM 1064 O O   . HOH D 3 .   ? 7.673   12.529  -8.073  1.00 12.68 ?  264 HOH A O   1 
HETATM 1065 O O   . HOH D 3 .   ? -14.555 -8.015  -3.380  1.00 21.01 ?  265 HOH A O   1 
HETATM 1066 O O   . HOH D 3 .   ? 15.115  -13.636 -4.881  1.00 18.63 ?  266 HOH A O   1 
HETATM 1067 O O   . HOH D 3 .   ? 13.070  -10.245 -3.933  1.00 21.97 ?  267 HOH A O   1 
HETATM 1068 O O   . HOH D 3 .   ? 14.389  -12.477 -2.526  1.00 21.39 ?  268 HOH A O   1 
HETATM 1069 O O   . HOH D 3 .   ? 21.771  -4.666  5.669   1.00 18.64 ?  269 HOH A O   1 
HETATM 1070 O O   . HOH D 3 .   ? -3.852  9.427   8.509   1.00 14.01 ?  270 HOH A O   1 
HETATM 1071 O O   . HOH D 3 .   ? 16.068  -3.707  -4.247  1.00 24.06 ?  271 HOH A O   1 
HETATM 1072 O O   . HOH D 3 .   ? 16.855  -0.204  6.457   1.00 25.15 ?  272 HOH A O   1 
HETATM 1073 O O   . HOH D 3 .   ? 12.015  3.622   -6.334  1.00 17.81 ?  273 HOH A O   1 
HETATM 1074 O O   . HOH D 3 .   ? 7.096   -11.422 -12.533 1.00 27.13 ?  274 HOH A O   1 
HETATM 1075 O O   . HOH D 3 .   ? 6.547   -8.962  -11.198 1.00 18.30 ?  275 HOH A O   1 
HETATM 1076 O O   . HOH D 3 .   ? -14.011 8.432   -13.161 1.00 26.12 ?  276 HOH A O   1 
HETATM 1077 O O   . HOH D 3 .   ? 13.718  -8.185  -2.248  1.00 19.63 ?  277 HOH A O   1 
HETATM 1078 O O   . HOH D 3 .   ? -1.664  10.769  9.675   1.00 15.25 ?  278 HOH A O   1 
HETATM 1079 O O   . HOH D 3 .   ? 0.007   11.481  13.733  1.00 19.34 ?  279 HOH A O   1 
HETATM 1080 O O   . HOH D 3 .   ? 16.509  -11.348 -1.184  1.00 21.54 ?  280 HOH A O   1 
HETATM 1081 O O   . HOH D 3 .   ? -2.960  10.979  -11.324 1.00 25.70 ?  281 HOH A O   1 
HETATM 1082 O O   . HOH D 3 .   ? -5.697  10.375  -11.592 1.00 20.04 ?  282 HOH A O   1 
# 
loop_
_pdbx_poly_seq_scheme.asym_id 
_pdbx_poly_seq_scheme.entity_id 
_pdbx_poly_seq_scheme.seq_id 
_pdbx_poly_seq_scheme.mon_id 
_pdbx_poly_seq_scheme.ndb_seq_num 
_pdbx_poly_seq_scheme.pdb_seq_num 
_pdbx_poly_seq_scheme.auth_seq_num 
_pdbx_poly_seq_scheme.pdb_mon_id 
_pdbx_poly_seq_scheme.auth_mon_id 
_pdbx_poly_seq_scheme.pdb_strand_id 
_pdbx_poly_seq_scheme.pdb_ins_code 
_pdbx_poly_seq_scheme.hetero 
A 1 1   GLN 1   1   1   GLN GLN B . n 
A 1 2   PHE 2   2   2   PHE PHE B . n 
A 1 3   PRO 3   3   3   PRO PRO B . n 
A 1 4   PHE 4   4   4   PHE PHE B . n 
A 1 5   VAL 5   5   5   VAL VAL B . n 
B 2 1   GLY 1   13  13  GLY GLY A . n 
B 2 2   ALA 2   14  14  ALA ALA A . n 
B 2 3   PRO 3   15  15  PRO PRO A . n 
B 2 4   ALA 4   16  16  ALA ALA A . n 
B 2 5   THR 5   17  17  THR THR A . n 
B 2 6   VAL 6   18  18  VAL VAL A . n 
B 2 7   THR 7   19  19  THR THR A . n 
B 2 8   GLU 8   20  20  GLU GLU A . n 
B 2 9   GLN 9   21  21  GLN GLN A . n 
B 2 10  GLY 10  22  22  GLY GLY A . n 
B 2 11  GLU 11  23  23  GLU GLU A . n 
B 2 12  ASP 12  24  24  ASP ASP A . n 
B 2 13  ILE 13  25  25  ILE ILE A . n 
B 2 14  THR 14  26  26  THR THR A . n 
B 2 15  SER 15  27  27  SER SER A . n 
B 2 16  LYS 16  28  28  LYS LYS A . n 
B 2 17  LYS 17  29  29  LYS LYS A . n 
B 2 18  ASP 18  30  30  ASP ASP A . n 
B 2 19  ARG 19  31  31  ARG ARG A . n 
B 2 20  GLY 20  32  32  GLY GLY A . n 
B 2 21  VAL 21  33  33  VAL VAL A . n 
B 2 22  LEU 22  34  34  LEU LEU A . n 
B 2 23  LYS 23  35  35  LYS LYS A . n 
B 2 24  ILE 24  36  36  ILE ILE A . n 
B 2 25  VAL 25  37  37  VAL VAL A . n 
B 2 26  LYS 26  38  38  LYS LYS A . n 
B 2 27  ARG 27  39  39  ARG ARG A . n 
B 2 28  VAL 28  40  40  VAL VAL A . n 
B 2 29  GLY 29  41  41  GLY GLY A . n 
B 2 30  ASN 30  42  42  ASN ASN A . n 
B 2 31  GLY 31  43  43  GLY GLY A . n 
B 2 32  GLU 32  44  44  GLU GLU A . n 
B 2 33  GLU 33  45  45  GLU GLU A . n 
B 2 34  THR 34  46  46  THR THR A . n 
B 2 35  PRO 35  47  47  PRO PRO A . n 
B 2 36  MET 36  48  48  MET MET A . n 
B 2 37  ILE 37  49  49  ILE ILE A . n 
B 2 38  GLY 38  50  50  GLY GLY A . n 
B 2 39  ASP 39  51  51  ASP ASP A . n 
B 2 40  LYS 40  52  52  LYS LYS A . n 
B 2 41  VAL 41  53  53  VAL VAL A . n 
B 2 42  TYR 42  54  54  TYR TYR A . n 
B 2 43  VAL 43  55  55  VAL VAL A . n 
B 2 44  HIS 44  56  56  HIS HIS A . n 
B 2 45  TYR 45  57  57  TYR TYR A . n 
B 2 46  LYS 46  58  58  LYS LYS A . n 
B 2 47  GLY 47  59  59  GLY GLY A . n 
B 2 48  LYS 48  60  60  LYS LYS A . n 
B 2 49  LEU 49  61  61  LEU LEU A . n 
B 2 50  SER 50  62  62  SER SER A . n 
B 2 51  ASN 51  63  63  ASN ASN A . n 
B 2 52  GLY 52  64  64  GLY GLY A . n 
B 2 53  LYS 53  65  65  LYS LYS A . n 
B 2 54  LYS 54  66  66  LYS LYS A . n 
B 2 55  PHE 55  67  67  PHE PHE A . n 
B 2 56  ASP 56  68  68  ASP ASP A . n 
B 2 57  SER 57  69  69  SER SER A . n 
B 2 58  SER 58  70  70  SER SER A . n 
B 2 59  HIS 59  71  71  HIS HIS A . n 
B 2 60  ASP 60  72  72  ASP ASP A . n 
B 2 61  ARG 61  73  73  ARG ARG A . n 
B 2 62  ASN 62  74  74  ASN ASN A . n 
B 2 63  GLU 63  75  75  GLU GLU A . n 
B 2 64  PRO 64  76  76  PRO PRO A . n 
B 2 65  PHE 65  77  77  PHE PHE A . n 
B 2 66  VAL 66  78  78  VAL VAL A . n 
B 2 67  PHE 67  79  79  PHE PHE A . n 
B 2 68  SER 68  80  80  SER SER A . n 
B 2 69  LEU 69  81  81  LEU LEU A . n 
B 2 70  GLY 70  82  82  GLY GLY A . n 
B 2 71  LYS 71  83  83  LYS LYS A . n 
B 2 72  GLY 72  84  84  GLY GLY A . n 
B 2 73  GLN 73  85  85  GLN GLN A . n 
B 2 74  VAL 74  86  86  VAL VAL A . n 
B 2 75  ILE 75  87  87  ILE ILE A . n 
B 2 76  LYS 76  88  88  LYS LYS A . n 
B 2 77  ALA 77  89  89  ALA ALA A . n 
B 2 78  TRP 78  90  90  TRP TRP A . n 
B 2 79  ASP 79  91  91  ASP ASP A . n 
B 2 80  ILE 80  92  92  ILE ILE A . n 
B 2 81  GLY 81  93  93  GLY GLY A . n 
B 2 82  VAL 82  94  94  VAL VAL A . n 
B 2 83  ALA 83  95  95  ALA ALA A . n 
B 2 84  THR 84  96  96  THR THR A . n 
B 2 85  MET 85  97  97  MET MET A . n 
B 2 86  LYS 86  98  98  LYS LYS A . n 
B 2 87  LYS 87  99  99  LYS LYS A . n 
B 2 88  GLY 88  100 100 GLY GLY A . n 
B 2 89  GLU 89  101 101 GLU GLU A . n 
B 2 90  ILE 90  102 102 ILE ILE A . n 
B 2 91  CYS 91  103 103 CYS CYS A . n 
B 2 92  HIS 92  104 104 HIS HIS A . n 
B 2 93  LEU 93  105 105 LEU LEU A . n 
B 2 94  LEU 94  106 106 LEU LEU A . n 
B 2 95  CYS 95  107 107 CYS CYS A . n 
B 2 96  LYS 96  108 108 LYS LYS A . n 
B 2 97  PRO 97  109 109 PRO PRO A . n 
B 2 98  GLU 98  110 110 GLU GLU A . n 
B 2 99  TYR 99  111 111 TYR TYR A . n 
B 2 100 ALA 100 112 112 ALA ALA A . n 
B 2 101 TYR 101 113 113 TYR TYR A . n 
B 2 102 GLY 102 114 114 GLY GLY A . n 
B 2 103 SER 103 115 115 SER SER A . n 
B 2 104 ALA 104 116 116 ALA ALA A . n 
B 2 105 GLY 105 117 117 GLY GLY A . n 
B 2 106 SER 106 118 118 SER SER A . n 
B 2 107 LEU 107 119 119 LEU LEU A . n 
B 2 108 PRO 108 120 120 PRO PRO A . n 
B 2 109 LYS 109 121 121 LYS LYS A . n 
B 2 110 ILE 110 122 122 ILE ILE A . n 
B 2 111 PRO 111 123 123 PRO PRO A . n 
B 2 112 SER 112 124 124 SER SER A . n 
B 2 113 ASN 113 125 125 ASN ASN A . n 
B 2 114 ALA 114 126 126 ALA ALA A . n 
B 2 115 THR 115 127 127 THR THR A . n 
B 2 116 LEU 116 128 128 LEU LEU A . n 
B 2 117 PHE 117 129 129 PHE PHE A . n 
B 2 118 PHE 118 130 130 PHE PHE A . n 
B 2 119 GLU 119 131 131 GLU GLU A . n 
B 2 120 ILE 120 132 132 ILE ILE A . n 
B 2 121 GLU 121 133 133 GLU GLU A . n 
B 2 122 LEU 122 134 134 LEU LEU A . n 
B 2 123 LEU 123 135 135 LEU LEU A . n 
B 2 124 ASP 124 136 136 ASP ASP A . n 
B 2 125 PHE 125 137 137 PHE PHE A . n 
B 2 126 LYS 126 138 138 LYS LYS A . n 
B 2 127 GLY 127 139 139 GLY GLY A . n 
B 2 128 GLU 128 140 ?   ?   ?   A . n 
# 
loop_
_pdbx_nonpoly_scheme.asym_id 
_pdbx_nonpoly_scheme.entity_id 
_pdbx_nonpoly_scheme.mon_id 
_pdbx_nonpoly_scheme.ndb_seq_num 
_pdbx_nonpoly_scheme.pdb_seq_num 
_pdbx_nonpoly_scheme.auth_seq_num 
_pdbx_nonpoly_scheme.pdb_mon_id 
_pdbx_nonpoly_scheme.auth_mon_id 
_pdbx_nonpoly_scheme.pdb_strand_id 
_pdbx_nonpoly_scheme.pdb_ins_code 
C 3 HOH 1  101 150 HOH HOH B . 
D 3 HOH 1  201 56  HOH HOH A . 
D 3 HOH 2  202 73  HOH HOH A . 
D 3 HOH 3  203 106 HOH HOH A . 
D 3 HOH 4  204 11  HOH HOH A . 
D 3 HOH 5  205 35  HOH HOH A . 
D 3 HOH 6  206 24  HOH HOH A . 
D 3 HOH 7  207 41  HOH HOH A . 
D 3 HOH 8  208 42  HOH HOH A . 
D 3 HOH 9  209 81  HOH HOH A . 
D 3 HOH 10 210 25  HOH HOH A . 
D 3 HOH 11 211 20  HOH HOH A . 
D 3 HOH 12 212 107 HOH HOH A . 
D 3 HOH 13 213 30  HOH HOH A . 
D 3 HOH 14 214 110 HOH HOH A . 
D 3 HOH 15 215 68  HOH HOH A . 
D 3 HOH 16 216 7   HOH HOH A . 
D 3 HOH 17 217 38  HOH HOH A . 
D 3 HOH 18 218 44  HOH HOH A . 
D 3 HOH 19 219 13  HOH HOH A . 
D 3 HOH 20 220 31  HOH HOH A . 
D 3 HOH 21 221 98  HOH HOH A . 
D 3 HOH 22 222 6   HOH HOH A . 
D 3 HOH 23 223 39  HOH HOH A . 
D 3 HOH 24 224 10  HOH HOH A . 
D 3 HOH 25 225 29  HOH HOH A . 
D 3 HOH 26 226 61  HOH HOH A . 
D 3 HOH 27 227 26  HOH HOH A . 
D 3 HOH 28 228 14  HOH HOH A . 
D 3 HOH 29 229 19  HOH HOH A . 
D 3 HOH 30 230 32  HOH HOH A . 
D 3 HOH 31 231 15  HOH HOH A . 
D 3 HOH 32 232 82  HOH HOH A . 
D 3 HOH 33 233 74  HOH HOH A . 
D 3 HOH 34 234 76  HOH HOH A . 
D 3 HOH 35 235 17  HOH HOH A . 
D 3 HOH 36 236 23  HOH HOH A . 
D 3 HOH 37 237 49  HOH HOH A . 
D 3 HOH 38 238 3   HOH HOH A . 
D 3 HOH 39 239 46  HOH HOH A . 
D 3 HOH 40 240 4   HOH HOH A . 
D 3 HOH 41 241 1   HOH HOH A . 
D 3 HOH 42 242 8   HOH HOH A . 
D 3 HOH 43 243 47  HOH HOH A . 
D 3 HOH 44 244 83  HOH HOH A . 
D 3 HOH 45 245 12  HOH HOH A . 
D 3 HOH 46 246 37  HOH HOH A . 
D 3 HOH 47 247 40  HOH HOH A . 
D 3 HOH 48 248 21  HOH HOH A . 
D 3 HOH 49 249 27  HOH HOH A . 
D 3 HOH 50 250 62  HOH HOH A . 
D 3 HOH 51 251 33  HOH HOH A . 
D 3 HOH 52 252 57  HOH HOH A . 
D 3 HOH 53 253 16  HOH HOH A . 
D 3 HOH 54 254 5   HOH HOH A . 
D 3 HOH 55 255 96  HOH HOH A . 
D 3 HOH 56 256 54  HOH HOH A . 
D 3 HOH 57 257 22  HOH HOH A . 
D 3 HOH 58 258 55  HOH HOH A . 
D 3 HOH 59 259 72  HOH HOH A . 
D 3 HOH 60 260 9   HOH HOH A . 
D 3 HOH 61 261 64  HOH HOH A . 
D 3 HOH 62 262 87  HOH HOH A . 
D 3 HOH 63 263 63  HOH HOH A . 
D 3 HOH 64 264 2   HOH HOH A . 
D 3 HOH 65 265 66  HOH HOH A . 
D 3 HOH 66 266 36  HOH HOH A . 
D 3 HOH 67 267 70  HOH HOH A . 
D 3 HOH 68 268 50  HOH HOH A . 
D 3 HOH 69 269 60  HOH HOH A . 
D 3 HOH 70 270 18  HOH HOH A . 
D 3 HOH 71 271 58  HOH HOH A . 
D 3 HOH 72 272 69  HOH HOH A . 
D 3 HOH 73 273 52  HOH HOH A . 
D 3 HOH 74 274 90  HOH HOH A . 
D 3 HOH 75 275 149 HOH HOH A . 
D 3 HOH 76 276 67  HOH HOH A . 
D 3 HOH 77 277 94  HOH HOH A . 
D 3 HOH 78 278 28  HOH HOH A . 
D 3 HOH 79 279 34  HOH HOH A . 
D 3 HOH 80 280 51  HOH HOH A . 
D 3 HOH 81 281 92  HOH HOH A . 
D 3 HOH 82 282 43  HOH HOH A . 
# 
_pdbx_struct_assembly.id                   1 
_pdbx_struct_assembly.details              author_and_software_defined_assembly 
_pdbx_struct_assembly.method_details       PISA 
_pdbx_struct_assembly.oligomeric_details   dimeric 
_pdbx_struct_assembly.oligomeric_count     2 
# 
_pdbx_struct_assembly_gen.assembly_id       1 
_pdbx_struct_assembly_gen.oper_expression   1 
_pdbx_struct_assembly_gen.asym_id_list      A,B,C,D 
# 
loop_
_pdbx_struct_assembly_prop.biol_id 
_pdbx_struct_assembly_prop.type 
_pdbx_struct_assembly_prop.value 
_pdbx_struct_assembly_prop.details 
1 'ABSA (A^2)' 700  ? 
1 MORE         -5   ? 
1 'SSA (A^2)'  6960 ? 
# 
_pdbx_struct_oper_list.id                   1 
_pdbx_struct_oper_list.type                 'identity operation' 
_pdbx_struct_oper_list.name                 1_555 
_pdbx_struct_oper_list.symmetry_operation   x,y,z 
_pdbx_struct_oper_list.matrix[1][1]         1.0000000000 
_pdbx_struct_oper_list.matrix[1][2]         0.0000000000 
_pdbx_struct_oper_list.matrix[1][3]         0.0000000000 
_pdbx_struct_oper_list.vector[1]            0.0000000000 
_pdbx_struct_oper_list.matrix[2][1]         0.0000000000 
_pdbx_struct_oper_list.matrix[2][2]         1.0000000000 
_pdbx_struct_oper_list.matrix[2][3]         0.0000000000 
_pdbx_struct_oper_list.vector[2]            0.0000000000 
_pdbx_struct_oper_list.matrix[3][1]         0.0000000000 
_pdbx_struct_oper_list.matrix[3][2]         0.0000000000 
_pdbx_struct_oper_list.matrix[3][3]         1.0000000000 
_pdbx_struct_oper_list.vector[3]            0.0000000000 
# 
loop_
_pdbx_audit_revision_history.ordinal 
_pdbx_audit_revision_history.data_content_type 
_pdbx_audit_revision_history.major_revision 
_pdbx_audit_revision_history.minor_revision 
_pdbx_audit_revision_history.revision_date 
1 'Structure model' 1 0 2022-02-23 
2 'Structure model' 1 1 2023-11-29 
# 
_pdbx_audit_revision_details.ordinal             1 
_pdbx_audit_revision_details.revision_ordinal    1 
_pdbx_audit_revision_details.data_content_type   'Structure model' 
_pdbx_audit_revision_details.provider            repository 
_pdbx_audit_revision_details.type                'Initial release' 
_pdbx_audit_revision_details.description         ? 
_pdbx_audit_revision_details.details             ? 
# 
loop_
_pdbx_audit_revision_group.ordinal 
_pdbx_audit_revision_group.revision_ordinal 
_pdbx_audit_revision_group.data_content_type 
_pdbx_audit_revision_group.group 
1 2 'Structure model' 'Data collection'        
2 2 'Structure model' 'Refinement description' 
# 
loop_
_pdbx_audit_revision_category.ordinal 
_pdbx_audit_revision_category.revision_ordinal 
_pdbx_audit_revision_category.data_content_type 
_pdbx_audit_revision_category.category 
1 2 'Structure model' chem_comp_atom                
2 2 'Structure model' chem_comp_bond                
3 2 'Structure model' pdbx_initial_refinement_model 
# 
loop_
_software.citation_id 
_software.classification 
_software.compiler_name 
_software.compiler_version 
_software.contact_author 
_software.contact_author_email 
_software.date 
_software.description 
_software.dependencies 
_software.hardware 
_software.language 
_software.location 
_software.mods 
_software.name 
_software.os 
_software.os_version 
_software.type 
_software.version 
_software.pdbx_ordinal 
? refinement        ? ? ? ? ? ? ? ? ? ? ? REFMAC      ? ? ? 5.8.0230 1 
? 'data scaling'    ? ? ? ? ? ? ? ? ? ? ? HKL-2000    ? ? ? .        2 
? 'data extraction' ? ? ? ? ? ? ? ? ? ? ? PDB_EXTRACT ? ? ? 3.27     3 
? 'data reduction'  ? ? ? ? ? ? ? ? ? ? ? HKL-2000    ? ? ? .        4 
? phasing           ? ? ? ? ? ? ? ? ? ? ? MOLREP      ? ? ? .        5 
# 
_pdbx_validate_torsion.id              1 
_pdbx_validate_torsion.PDB_model_num   1 
_pdbx_validate_torsion.auth_comp_id    ALA 
_pdbx_validate_torsion.auth_asym_id    A 
_pdbx_validate_torsion.auth_seq_id     112 
_pdbx_validate_torsion.PDB_ins_code    ? 
_pdbx_validate_torsion.label_alt_id    ? 
_pdbx_validate_torsion.phi             -134.93 
_pdbx_validate_torsion.psi             -115.30 
# 
loop_
_pdbx_unobs_or_zero_occ_atoms.id 
_pdbx_unobs_or_zero_occ_atoms.PDB_model_num 
_pdbx_unobs_or_zero_occ_atoms.polymer_flag 
_pdbx_unobs_or_zero_occ_atoms.occupancy_flag 
_pdbx_unobs_or_zero_occ_atoms.auth_asym_id 
_pdbx_unobs_or_zero_occ_atoms.auth_comp_id 
_pdbx_unobs_or_zero_occ_atoms.auth_seq_id 
_pdbx_unobs_or_zero_occ_atoms.PDB_ins_code 
_pdbx_unobs_or_zero_occ_atoms.auth_atom_id 
_pdbx_unobs_or_zero_occ_atoms.label_alt_id 
_pdbx_unobs_or_zero_occ_atoms.label_asym_id 
_pdbx_unobs_or_zero_occ_atoms.label_comp_id 
_pdbx_unobs_or_zero_occ_atoms.label_seq_id 
_pdbx_unobs_or_zero_occ_atoms.label_atom_id 
1  1 Y 1 B GLN 1   ? CG  ? A GLN 1   CG  
2  1 Y 1 B GLN 1   ? CD  ? A GLN 1   CD  
3  1 Y 1 B GLN 1   ? OE1 ? A GLN 1   OE1 
4  1 Y 1 B GLN 1   ? NE2 ? A GLN 1   NE2 
5  1 Y 1 B VAL 5   ? CG1 ? A VAL 5   CG1 
6  1 Y 1 B VAL 5   ? CG2 ? A VAL 5   CG2 
7  1 Y 1 A LYS 66  ? CG  ? B LYS 54  CG  
8  1 Y 1 A LYS 66  ? CD  ? B LYS 54  CD  
9  1 Y 1 A LYS 66  ? CE  ? B LYS 54  CE  
10 1 Y 1 A LYS 66  ? NZ  ? B LYS 54  NZ  
11 1 Y 1 A GLU 75  ? OE1 ? B GLU 63  OE1 
12 1 Y 1 A LEU 119 ? CG  ? B LEU 107 CG  
13 1 Y 1 A LEU 119 ? CD1 ? B LEU 107 CD1 
14 1 Y 1 A LEU 119 ? CD2 ? B LEU 107 CD2 
15 1 Y 1 A LYS 121 ? CG  ? B LYS 109 CG  
16 1 Y 1 A LYS 121 ? CD  ? B LYS 109 CD  
17 1 Y 1 A LYS 121 ? CE  ? B LYS 109 CE  
18 1 Y 1 A LYS 121 ? NZ  ? B LYS 109 NZ  
19 1 Y 1 A LYS 138 ? CG  ? B LYS 126 CG  
20 1 Y 1 A LYS 138 ? CD  ? B LYS 126 CD  
21 1 Y 1 A LYS 138 ? CE  ? B LYS 126 CE  
22 1 Y 1 A LYS 138 ? NZ  ? B LYS 126 NZ  
# 
_pdbx_unobs_or_zero_occ_residues.id               1 
_pdbx_unobs_or_zero_occ_residues.PDB_model_num    1 
_pdbx_unobs_or_zero_occ_residues.polymer_flag     Y 
_pdbx_unobs_or_zero_occ_residues.occupancy_flag   1 
_pdbx_unobs_or_zero_occ_residues.auth_asym_id     A 
_pdbx_unobs_or_zero_occ_residues.auth_comp_id     GLU 
_pdbx_unobs_or_zero_occ_residues.auth_seq_id      140 
_pdbx_unobs_or_zero_occ_residues.PDB_ins_code     ? 
_pdbx_unobs_or_zero_occ_residues.label_asym_id    B 
_pdbx_unobs_or_zero_occ_residues.label_comp_id    GLU 
_pdbx_unobs_or_zero_occ_residues.label_seq_id     128 
# 
loop_
_chem_comp_atom.comp_id 
_chem_comp_atom.atom_id 
_chem_comp_atom.type_symbol 
_chem_comp_atom.pdbx_aromatic_flag 
_chem_comp_atom.pdbx_stereo_config 
_chem_comp_atom.pdbx_ordinal 
ALA N    N N N 1   
ALA CA   C N S 2   
ALA C    C N N 3   
ALA O    O N N 4   
ALA CB   C N N 5   
ALA OXT  O N N 6   
ALA H    H N N 7   
ALA H2   H N N 8   
ALA HA   H N N 9   
ALA HB1  H N N 10  
ALA HB2  H N N 11  
ALA HB3  H N N 12  
ALA HXT  H N N 13  
ARG N    N N N 14  
ARG CA   C N S 15  
ARG C    C N N 16  
ARG O    O N N 17  
ARG CB   C N N 18  
ARG CG   C N N 19  
ARG CD   C N N 20  
ARG NE   N N N 21  
ARG CZ   C N N 22  
ARG NH1  N N N 23  
ARG NH2  N N N 24  
ARG OXT  O N N 25  
ARG H    H N N 26  
ARG H2   H N N 27  
ARG HA   H N N 28  
ARG HB2  H N N 29  
ARG HB3  H N N 30  
ARG HG2  H N N 31  
ARG HG3  H N N 32  
ARG HD2  H N N 33  
ARG HD3  H N N 34  
ARG HE   H N N 35  
ARG HH11 H N N 36  
ARG HH12 H N N 37  
ARG HH21 H N N 38  
ARG HH22 H N N 39  
ARG HXT  H N N 40  
ASN N    N N N 41  
ASN CA   C N S 42  
ASN C    C N N 43  
ASN O    O N N 44  
ASN CB   C N N 45  
ASN CG   C N N 46  
ASN OD1  O N N 47  
ASN ND2  N N N 48  
ASN OXT  O N N 49  
ASN H    H N N 50  
ASN H2   H N N 51  
ASN HA   H N N 52  
ASN HB2  H N N 53  
ASN HB3  H N N 54  
ASN HD21 H N N 55  
ASN HD22 H N N 56  
ASN HXT  H N N 57  
ASP N    N N N 58  
ASP CA   C N S 59  
ASP C    C N N 60  
ASP O    O N N 61  
ASP CB   C N N 62  
ASP CG   C N N 63  
ASP OD1  O N N 64  
ASP OD2  O N N 65  
ASP OXT  O N N 66  
ASP H    H N N 67  
ASP H2   H N N 68  
ASP HA   H N N 69  
ASP HB2  H N N 70  
ASP HB3  H N N 71  
ASP HD2  H N N 72  
ASP HXT  H N N 73  
CYS N    N N N 74  
CYS CA   C N R 75  
CYS C    C N N 76  
CYS O    O N N 77  
CYS CB   C N N 78  
CYS SG   S N N 79  
CYS OXT  O N N 80  
CYS H    H N N 81  
CYS H2   H N N 82  
CYS HA   H N N 83  
CYS HB2  H N N 84  
CYS HB3  H N N 85  
CYS HG   H N N 86  
CYS HXT  H N N 87  
GLN N    N N N 88  
GLN CA   C N S 89  
GLN C    C N N 90  
GLN O    O N N 91  
GLN CB   C N N 92  
GLN CG   C N N 93  
GLN CD   C N N 94  
GLN OE1  O N N 95  
GLN NE2  N N N 96  
GLN OXT  O N N 97  
GLN H    H N N 98  
GLN H2   H N N 99  
GLN HA   H N N 100 
GLN HB2  H N N 101 
GLN HB3  H N N 102 
GLN HG2  H N N 103 
GLN HG3  H N N 104 
GLN HE21 H N N 105 
GLN HE22 H N N 106 
GLN HXT  H N N 107 
GLU N    N N N 108 
GLU CA   C N S 109 
GLU C    C N N 110 
GLU O    O N N 111 
GLU CB   C N N 112 
GLU CG   C N N 113 
GLU CD   C N N 114 
GLU OE1  O N N 115 
GLU OE2  O N N 116 
GLU OXT  O N N 117 
GLU H    H N N 118 
GLU H2   H N N 119 
GLU HA   H N N 120 
GLU HB2  H N N 121 
GLU HB3  H N N 122 
GLU HG2  H N N 123 
GLU HG3  H N N 124 
GLU HE2  H N N 125 
GLU HXT  H N N 126 
GLY N    N N N 127 
GLY CA   C N N 128 
GLY C    C N N 129 
GLY O    O N N 130 
GLY OXT  O N N 131 
GLY H    H N N 132 
GLY H2   H N N 133 
GLY HA2  H N N 134 
GLY HA3  H N N 135 
GLY HXT  H N N 136 
HIS N    N N N 137 
HIS CA   C N S 138 
HIS C    C N N 139 
HIS O    O N N 140 
HIS CB   C N N 141 
HIS CG   C Y N 142 
HIS ND1  N Y N 143 
HIS CD2  C Y N 144 
HIS CE1  C Y N 145 
HIS NE2  N Y N 146 
HIS OXT  O N N 147 
HIS H    H N N 148 
HIS H2   H N N 149 
HIS HA   H N N 150 
HIS HB2  H N N 151 
HIS HB3  H N N 152 
HIS HD1  H N N 153 
HIS HD2  H N N 154 
HIS HE1  H N N 155 
HIS HE2  H N N 156 
HIS HXT  H N N 157 
HOH O    O N N 158 
HOH H1   H N N 159 
HOH H2   H N N 160 
ILE N    N N N 161 
ILE CA   C N S 162 
ILE C    C N N 163 
ILE O    O N N 164 
ILE CB   C N S 165 
ILE CG1  C N N 166 
ILE CG2  C N N 167 
ILE CD1  C N N 168 
ILE OXT  O N N 169 
ILE H    H N N 170 
ILE H2   H N N 171 
ILE HA   H N N 172 
ILE HB   H N N 173 
ILE HG12 H N N 174 
ILE HG13 H N N 175 
ILE HG21 H N N 176 
ILE HG22 H N N 177 
ILE HG23 H N N 178 
ILE HD11 H N N 179 
ILE HD12 H N N 180 
ILE HD13 H N N 181 
ILE HXT  H N N 182 
LEU N    N N N 183 
LEU CA   C N S 184 
LEU C    C N N 185 
LEU O    O N N 186 
LEU CB   C N N 187 
LEU CG   C N N 188 
LEU CD1  C N N 189 
LEU CD2  C N N 190 
LEU OXT  O N N 191 
LEU H    H N N 192 
LEU H2   H N N 193 
LEU HA   H N N 194 
LEU HB2  H N N 195 
LEU HB3  H N N 196 
LEU HG   H N N 197 
LEU HD11 H N N 198 
LEU HD12 H N N 199 
LEU HD13 H N N 200 
LEU HD21 H N N 201 
LEU HD22 H N N 202 
LEU HD23 H N N 203 
LEU HXT  H N N 204 
LYS N    N N N 205 
LYS CA   C N S 206 
LYS C    C N N 207 
LYS O    O N N 208 
LYS CB   C N N 209 
LYS CG   C N N 210 
LYS CD   C N N 211 
LYS CE   C N N 212 
LYS NZ   N N N 213 
LYS OXT  O N N 214 
LYS H    H N N 215 
LYS H2   H N N 216 
LYS HA   H N N 217 
LYS HB2  H N N 218 
LYS HB3  H N N 219 
LYS HG2  H N N 220 
LYS HG3  H N N 221 
LYS HD2  H N N 222 
LYS HD3  H N N 223 
LYS HE2  H N N 224 
LYS HE3  H N N 225 
LYS HZ1  H N N 226 
LYS HZ2  H N N 227 
LYS HZ3  H N N 228 
LYS HXT  H N N 229 
MET N    N N N 230 
MET CA   C N S 231 
MET C    C N N 232 
MET O    O N N 233 
MET CB   C N N 234 
MET CG   C N N 235 
MET SD   S N N 236 
MET CE   C N N 237 
MET OXT  O N N 238 
MET H    H N N 239 
MET H2   H N N 240 
MET HA   H N N 241 
MET HB2  H N N 242 
MET HB3  H N N 243 
MET HG2  H N N 244 
MET HG3  H N N 245 
MET HE1  H N N 246 
MET HE2  H N N 247 
MET HE3  H N N 248 
MET HXT  H N N 249 
PHE N    N N N 250 
PHE CA   C N S 251 
PHE C    C N N 252 
PHE O    O N N 253 
PHE CB   C N N 254 
PHE CG   C Y N 255 
PHE CD1  C Y N 256 
PHE CD2  C Y N 257 
PHE CE1  C Y N 258 
PHE CE2  C Y N 259 
PHE CZ   C Y N 260 
PHE OXT  O N N 261 
PHE H    H N N 262 
PHE H2   H N N 263 
PHE HA   H N N 264 
PHE HB2  H N N 265 
PHE HB3  H N N 266 
PHE HD1  H N N 267 
PHE HD2  H N N 268 
PHE HE1  H N N 269 
PHE HE2  H N N 270 
PHE HZ   H N N 271 
PHE HXT  H N N 272 
PRO N    N N N 273 
PRO CA   C N S 274 
PRO C    C N N 275 
PRO O    O N N 276 
PRO CB   C N N 277 
PRO CG   C N N 278 
PRO CD   C N N 279 
PRO OXT  O N N 280 
PRO H    H N N 281 
PRO HA   H N N 282 
PRO HB2  H N N 283 
PRO HB3  H N N 284 
PRO HG2  H N N 285 
PRO HG3  H N N 286 
PRO HD2  H N N 287 
PRO HD3  H N N 288 
PRO HXT  H N N 289 
SER N    N N N 290 
SER CA   C N S 291 
SER C    C N N 292 
SER O    O N N 293 
SER CB   C N N 294 
SER OG   O N N 295 
SER OXT  O N N 296 
SER H    H N N 297 
SER H2   H N N 298 
SER HA   H N N 299 
SER HB2  H N N 300 
SER HB3  H N N 301 
SER HG   H N N 302 
SER HXT  H N N 303 
THR N    N N N 304 
THR CA   C N S 305 
THR C    C N N 306 
THR O    O N N 307 
THR CB   C N R 308 
THR OG1  O N N 309 
THR CG2  C N N 310 
THR OXT  O N N 311 
THR H    H N N 312 
THR H2   H N N 313 
THR HA   H N N 314 
THR HB   H N N 315 
THR HG1  H N N 316 
THR HG21 H N N 317 
THR HG22 H N N 318 
THR HG23 H N N 319 
THR HXT  H N N 320 
TRP N    N N N 321 
TRP CA   C N S 322 
TRP C    C N N 323 
TRP O    O N N 324 
TRP CB   C N N 325 
TRP CG   C Y N 326 
TRP CD1  C Y N 327 
TRP CD2  C Y N 328 
TRP NE1  N Y N 329 
TRP CE2  C Y N 330 
TRP CE3  C Y N 331 
TRP CZ2  C Y N 332 
TRP CZ3  C Y N 333 
TRP CH2  C Y N 334 
TRP OXT  O N N 335 
TRP H    H N N 336 
TRP H2   H N N 337 
TRP HA   H N N 338 
TRP HB2  H N N 339 
TRP HB3  H N N 340 
TRP HD1  H N N 341 
TRP HE1  H N N 342 
TRP HE3  H N N 343 
TRP HZ2  H N N 344 
TRP HZ3  H N N 345 
TRP HH2  H N N 346 
TRP HXT  H N N 347 
TYR N    N N N 348 
TYR CA   C N S 349 
TYR C    C N N 350 
TYR O    O N N 351 
TYR CB   C N N 352 
TYR CG   C Y N 353 
TYR CD1  C Y N 354 
TYR CD2  C Y N 355 
TYR CE1  C Y N 356 
TYR CE2  C Y N 357 
TYR CZ   C Y N 358 
TYR OH   O N N 359 
TYR OXT  O N N 360 
TYR H    H N N 361 
TYR H2   H N N 362 
TYR HA   H N N 363 
TYR HB2  H N N 364 
TYR HB3  H N N 365 
TYR HD1  H N N 366 
TYR HD2  H N N 367 
TYR HE1  H N N 368 
TYR HE2  H N N 369 
TYR HH   H N N 370 
TYR HXT  H N N 371 
VAL N    N N N 372 
VAL CA   C N S 373 
VAL C    C N N 374 
VAL O    O N N 375 
VAL CB   C N N 376 
VAL CG1  C N N 377 
VAL CG2  C N N 378 
VAL OXT  O N N 379 
VAL H    H N N 380 
VAL H2   H N N 381 
VAL HA   H N N 382 
VAL HB   H N N 383 
VAL HG11 H N N 384 
VAL HG12 H N N 385 
VAL HG13 H N N 386 
VAL HG21 H N N 387 
VAL HG22 H N N 388 
VAL HG23 H N N 389 
VAL HXT  H N N 390 
# 
loop_
_chem_comp_bond.comp_id 
_chem_comp_bond.atom_id_1 
_chem_comp_bond.atom_id_2 
_chem_comp_bond.value_order 
_chem_comp_bond.pdbx_aromatic_flag 
_chem_comp_bond.pdbx_stereo_config 
_chem_comp_bond.pdbx_ordinal 
ALA N   CA   sing N N 1   
ALA N   H    sing N N 2   
ALA N   H2   sing N N 3   
ALA CA  C    sing N N 4   
ALA CA  CB   sing N N 5   
ALA CA  HA   sing N N 6   
ALA C   O    doub N N 7   
ALA C   OXT  sing N N 8   
ALA CB  HB1  sing N N 9   
ALA CB  HB2  sing N N 10  
ALA CB  HB3  sing N N 11  
ALA OXT HXT  sing N N 12  
ARG N   CA   sing N N 13  
ARG N   H    sing N N 14  
ARG N   H2   sing N N 15  
ARG CA  C    sing N N 16  
ARG CA  CB   sing N N 17  
ARG CA  HA   sing N N 18  
ARG C   O    doub N N 19  
ARG C   OXT  sing N N 20  
ARG CB  CG   sing N N 21  
ARG CB  HB2  sing N N 22  
ARG CB  HB3  sing N N 23  
ARG CG  CD   sing N N 24  
ARG CG  HG2  sing N N 25  
ARG CG  HG3  sing N N 26  
ARG CD  NE   sing N N 27  
ARG CD  HD2  sing N N 28  
ARG CD  HD3  sing N N 29  
ARG NE  CZ   sing N N 30  
ARG NE  HE   sing N N 31  
ARG CZ  NH1  sing N N 32  
ARG CZ  NH2  doub N N 33  
ARG NH1 HH11 sing N N 34  
ARG NH1 HH12 sing N N 35  
ARG NH2 HH21 sing N N 36  
ARG NH2 HH22 sing N N 37  
ARG OXT HXT  sing N N 38  
ASN N   CA   sing N N 39  
ASN N   H    sing N N 40  
ASN N   H2   sing N N 41  
ASN CA  C    sing N N 42  
ASN CA  CB   sing N N 43  
ASN CA  HA   sing N N 44  
ASN C   O    doub N N 45  
ASN C   OXT  sing N N 46  
ASN CB  CG   sing N N 47  
ASN CB  HB2  sing N N 48  
ASN CB  HB3  sing N N 49  
ASN CG  OD1  doub N N 50  
ASN CG  ND2  sing N N 51  
ASN ND2 HD21 sing N N 52  
ASN ND2 HD22 sing N N 53  
ASN OXT HXT  sing N N 54  
ASP N   CA   sing N N 55  
ASP N   H    sing N N 56  
ASP N   H2   sing N N 57  
ASP CA  C    sing N N 58  
ASP CA  CB   sing N N 59  
ASP CA  HA   sing N N 60  
ASP C   O    doub N N 61  
ASP C   OXT  sing N N 62  
ASP CB  CG   sing N N 63  
ASP CB  HB2  sing N N 64  
ASP CB  HB3  sing N N 65  
ASP CG  OD1  doub N N 66  
ASP CG  OD2  sing N N 67  
ASP OD2 HD2  sing N N 68  
ASP OXT HXT  sing N N 69  
CYS N   CA   sing N N 70  
CYS N   H    sing N N 71  
CYS N   H2   sing N N 72  
CYS CA  C    sing N N 73  
CYS CA  CB   sing N N 74  
CYS CA  HA   sing N N 75  
CYS C   O    doub N N 76  
CYS C   OXT  sing N N 77  
CYS CB  SG   sing N N 78  
CYS CB  HB2  sing N N 79  
CYS CB  HB3  sing N N 80  
CYS SG  HG   sing N N 81  
CYS OXT HXT  sing N N 82  
GLN N   CA   sing N N 83  
GLN N   H    sing N N 84  
GLN N   H2   sing N N 85  
GLN CA  C    sing N N 86  
GLN CA  CB   sing N N 87  
GLN CA  HA   sing N N 88  
GLN C   O    doub N N 89  
GLN C   OXT  sing N N 90  
GLN CB  CG   sing N N 91  
GLN CB  HB2  sing N N 92  
GLN CB  HB3  sing N N 93  
GLN CG  CD   sing N N 94  
GLN CG  HG2  sing N N 95  
GLN CG  HG3  sing N N 96  
GLN CD  OE1  doub N N 97  
GLN CD  NE2  sing N N 98  
GLN NE2 HE21 sing N N 99  
GLN NE2 HE22 sing N N 100 
GLN OXT HXT  sing N N 101 
GLU N   CA   sing N N 102 
GLU N   H    sing N N 103 
GLU N   H2   sing N N 104 
GLU CA  C    sing N N 105 
GLU CA  CB   sing N N 106 
GLU CA  HA   sing N N 107 
GLU C   O    doub N N 108 
GLU C   OXT  sing N N 109 
GLU CB  CG   sing N N 110 
GLU CB  HB2  sing N N 111 
GLU CB  HB3  sing N N 112 
GLU CG  CD   sing N N 113 
GLU CG  HG2  sing N N 114 
GLU CG  HG3  sing N N 115 
GLU CD  OE1  doub N N 116 
GLU CD  OE2  sing N N 117 
GLU OE2 HE2  sing N N 118 
GLU OXT HXT  sing N N 119 
GLY N   CA   sing N N 120 
GLY N   H    sing N N 121 
GLY N   H2   sing N N 122 
GLY CA  C    sing N N 123 
GLY CA  HA2  sing N N 124 
GLY CA  HA3  sing N N 125 
GLY C   O    doub N N 126 
GLY C   OXT  sing N N 127 
GLY OXT HXT  sing N N 128 
HIS N   CA   sing N N 129 
HIS N   H    sing N N 130 
HIS N   H2   sing N N 131 
HIS CA  C    sing N N 132 
HIS CA  CB   sing N N 133 
HIS CA  HA   sing N N 134 
HIS C   O    doub N N 135 
HIS C   OXT  sing N N 136 
HIS CB  CG   sing N N 137 
HIS CB  HB2  sing N N 138 
HIS CB  HB3  sing N N 139 
HIS CG  ND1  sing Y N 140 
HIS CG  CD2  doub Y N 141 
HIS ND1 CE1  doub Y N 142 
HIS ND1 HD1  sing N N 143 
HIS CD2 NE2  sing Y N 144 
HIS CD2 HD2  sing N N 145 
HIS CE1 NE2  sing Y N 146 
HIS CE1 HE1  sing N N 147 
HIS NE2 HE2  sing N N 148 
HIS OXT HXT  sing N N 149 
HOH O   H1   sing N N 150 
HOH O   H2   sing N N 151 
ILE N   CA   sing N N 152 
ILE N   H    sing N N 153 
ILE N   H2   sing N N 154 
ILE CA  C    sing N N 155 
ILE CA  CB   sing N N 156 
ILE CA  HA   sing N N 157 
ILE C   O    doub N N 158 
ILE C   OXT  sing N N 159 
ILE CB  CG1  sing N N 160 
ILE CB  CG2  sing N N 161 
ILE CB  HB   sing N N 162 
ILE CG1 CD1  sing N N 163 
ILE CG1 HG12 sing N N 164 
ILE CG1 HG13 sing N N 165 
ILE CG2 HG21 sing N N 166 
ILE CG2 HG22 sing N N 167 
ILE CG2 HG23 sing N N 168 
ILE CD1 HD11 sing N N 169 
ILE CD1 HD12 sing N N 170 
ILE CD1 HD13 sing N N 171 
ILE OXT HXT  sing N N 172 
LEU N   CA   sing N N 173 
LEU N   H    sing N N 174 
LEU N   H2   sing N N 175 
LEU CA  C    sing N N 176 
LEU CA  CB   sing N N 177 
LEU CA  HA   sing N N 178 
LEU C   O    doub N N 179 
LEU C   OXT  sing N N 180 
LEU CB  CG   sing N N 181 
LEU CB  HB2  sing N N 182 
LEU CB  HB3  sing N N 183 
LEU CG  CD1  sing N N 184 
LEU CG  CD2  sing N N 185 
LEU CG  HG   sing N N 186 
LEU CD1 HD11 sing N N 187 
LEU CD1 HD12 sing N N 188 
LEU CD1 HD13 sing N N 189 
LEU CD2 HD21 sing N N 190 
LEU CD2 HD22 sing N N 191 
LEU CD2 HD23 sing N N 192 
LEU OXT HXT  sing N N 193 
LYS N   CA   sing N N 194 
LYS N   H    sing N N 195 
LYS N   H2   sing N N 196 
LYS CA  C    sing N N 197 
LYS CA  CB   sing N N 198 
LYS CA  HA   sing N N 199 
LYS C   O    doub N N 200 
LYS C   OXT  sing N N 201 
LYS CB  CG   sing N N 202 
LYS CB  HB2  sing N N 203 
LYS CB  HB3  sing N N 204 
LYS CG  CD   sing N N 205 
LYS CG  HG2  sing N N 206 
LYS CG  HG3  sing N N 207 
LYS CD  CE   sing N N 208 
LYS CD  HD2  sing N N 209 
LYS CD  HD3  sing N N 210 
LYS CE  NZ   sing N N 211 
LYS CE  HE2  sing N N 212 
LYS CE  HE3  sing N N 213 
LYS NZ  HZ1  sing N N 214 
LYS NZ  HZ2  sing N N 215 
LYS NZ  HZ3  sing N N 216 
LYS OXT HXT  sing N N 217 
MET N   CA   sing N N 218 
MET N   H    sing N N 219 
MET N   H2   sing N N 220 
MET CA  C    sing N N 221 
MET CA  CB   sing N N 222 
MET CA  HA   sing N N 223 
MET C   O    doub N N 224 
MET C   OXT  sing N N 225 
MET CB  CG   sing N N 226 
MET CB  HB2  sing N N 227 
MET CB  HB3  sing N N 228 
MET CG  SD   sing N N 229 
MET CG  HG2  sing N N 230 
MET CG  HG3  sing N N 231 
MET SD  CE   sing N N 232 
MET CE  HE1  sing N N 233 
MET CE  HE2  sing N N 234 
MET CE  HE3  sing N N 235 
MET OXT HXT  sing N N 236 
PHE N   CA   sing N N 237 
PHE N   H    sing N N 238 
PHE N   H2   sing N N 239 
PHE CA  C    sing N N 240 
PHE CA  CB   sing N N 241 
PHE CA  HA   sing N N 242 
PHE C   O    doub N N 243 
PHE C   OXT  sing N N 244 
PHE CB  CG   sing N N 245 
PHE CB  HB2  sing N N 246 
PHE CB  HB3  sing N N 247 
PHE CG  CD1  doub Y N 248 
PHE CG  CD2  sing Y N 249 
PHE CD1 CE1  sing Y N 250 
PHE CD1 HD1  sing N N 251 
PHE CD2 CE2  doub Y N 252 
PHE CD2 HD2  sing N N 253 
PHE CE1 CZ   doub Y N 254 
PHE CE1 HE1  sing N N 255 
PHE CE2 CZ   sing Y N 256 
PHE CE2 HE2  sing N N 257 
PHE CZ  HZ   sing N N 258 
PHE OXT HXT  sing N N 259 
PRO N   CA   sing N N 260 
PRO N   CD   sing N N 261 
PRO N   H    sing N N 262 
PRO CA  C    sing N N 263 
PRO CA  CB   sing N N 264 
PRO CA  HA   sing N N 265 
PRO C   O    doub N N 266 
PRO C   OXT  sing N N 267 
PRO CB  CG   sing N N 268 
PRO CB  HB2  sing N N 269 
PRO CB  HB3  sing N N 270 
PRO CG  CD   sing N N 271 
PRO CG  HG2  sing N N 272 
PRO CG  HG3  sing N N 273 
PRO CD  HD2  sing N N 274 
PRO CD  HD3  sing N N 275 
PRO OXT HXT  sing N N 276 
SER N   CA   sing N N 277 
SER N   H    sing N N 278 
SER N   H2   sing N N 279 
SER CA  C    sing N N 280 
SER CA  CB   sing N N 281 
SER CA  HA   sing N N 282 
SER C   O    doub N N 283 
SER C   OXT  sing N N 284 
SER CB  OG   sing N N 285 
SER CB  HB2  sing N N 286 
SER CB  HB3  sing N N 287 
SER OG  HG   sing N N 288 
SER OXT HXT  sing N N 289 
THR N   CA   sing N N 290 
THR N   H    sing N N 291 
THR N   H2   sing N N 292 
THR CA  C    sing N N 293 
THR CA  CB   sing N N 294 
THR CA  HA   sing N N 295 
THR C   O    doub N N 296 
THR C   OXT  sing N N 297 
THR CB  OG1  sing N N 298 
THR CB  CG2  sing N N 299 
THR CB  HB   sing N N 300 
THR OG1 HG1  sing N N 301 
THR CG2 HG21 sing N N 302 
THR CG2 HG22 sing N N 303 
THR CG2 HG23 sing N N 304 
THR OXT HXT  sing N N 305 
TRP N   CA   sing N N 306 
TRP N   H    sing N N 307 
TRP N   H2   sing N N 308 
TRP CA  C    sing N N 309 
TRP CA  CB   sing N N 310 
TRP CA  HA   sing N N 311 
TRP C   O    doub N N 312 
TRP C   OXT  sing N N 313 
TRP CB  CG   sing N N 314 
TRP CB  HB2  sing N N 315 
TRP CB  HB3  sing N N 316 
TRP CG  CD1  doub Y N 317 
TRP CG  CD2  sing Y N 318 
TRP CD1 NE1  sing Y N 319 
TRP CD1 HD1  sing N N 320 
TRP CD2 CE2  doub Y N 321 
TRP CD2 CE3  sing Y N 322 
TRP NE1 CE2  sing Y N 323 
TRP NE1 HE1  sing N N 324 
TRP CE2 CZ2  sing Y N 325 
TRP CE3 CZ3  doub Y N 326 
TRP CE3 HE3  sing N N 327 
TRP CZ2 CH2  doub Y N 328 
TRP CZ2 HZ2  sing N N 329 
TRP CZ3 CH2  sing Y N 330 
TRP CZ3 HZ3  sing N N 331 
TRP CH2 HH2  sing N N 332 
TRP OXT HXT  sing N N 333 
TYR N   CA   sing N N 334 
TYR N   H    sing N N 335 
TYR N   H2   sing N N 336 
TYR CA  C    sing N N 337 
TYR CA  CB   sing N N 338 
TYR CA  HA   sing N N 339 
TYR C   O    doub N N 340 
TYR C   OXT  sing N N 341 
TYR CB  CG   sing N N 342 
TYR CB  HB2  sing N N 343 
TYR CB  HB3  sing N N 344 
TYR CG  CD1  doub Y N 345 
TYR CG  CD2  sing Y N 346 
TYR CD1 CE1  sing Y N 347 
TYR CD1 HD1  sing N N 348 
TYR CD2 CE2  doub Y N 349 
TYR CD2 HD2  sing N N 350 
TYR CE1 CZ   doub Y N 351 
TYR CE1 HE1  sing N N 352 
TYR CE2 CZ   sing Y N 353 
TYR CE2 HE2  sing N N 354 
TYR CZ  OH   sing N N 355 
TYR OH  HH   sing N N 356 
TYR OXT HXT  sing N N 357 
VAL N   CA   sing N N 358 
VAL N   H    sing N N 359 
VAL N   H2   sing N N 360 
VAL CA  C    sing N N 361 
VAL CA  CB   sing N N 362 
VAL CA  HA   sing N N 363 
VAL C   O    doub N N 364 
VAL C   OXT  sing N N 365 
VAL CB  CG1  sing N N 366 
VAL CB  CG2  sing N N 367 
VAL CB  HB   sing N N 368 
VAL CG1 HG11 sing N N 369 
VAL CG1 HG12 sing N N 370 
VAL CG1 HG13 sing N N 371 
VAL CG2 HG21 sing N N 372 
VAL CG2 HG22 sing N N 373 
VAL CG2 HG23 sing N N 374 
VAL OXT HXT  sing N N 375 
# 
_pdbx_audit_support.funding_organization   'National Natural Science Foundation of China (NSFC)' 
_pdbx_audit_support.country                China 
_pdbx_audit_support.grant_number           21775060 
_pdbx_audit_support.ordinal                1 
# 
_pdbx_entity_nonpoly.entity_id   3 
_pdbx_entity_nonpoly.name        water 
_pdbx_entity_nonpoly.comp_id     HOH 
# 
_pdbx_initial_refinement_model.id               1 
_pdbx_initial_refinement_model.entity_id_list   ? 
_pdbx_initial_refinement_model.type             'experimental model' 
_pdbx_initial_refinement_model.source_name      PDB 
_pdbx_initial_refinement_model.accession_code   3O5R 
_pdbx_initial_refinement_model.details          ? 
# 
_pdbx_struct_assembly_auth_evidence.id                     1 
_pdbx_struct_assembly_auth_evidence.assembly_id            1 
_pdbx_struct_assembly_auth_evidence.experimental_support   'isothermal titration calorimetry' 
_pdbx_struct_assembly_auth_evidence.details                ? 
# 
